data_6MFR
#
_entry.id   6MFR
#
_cell.length_a   109.174
_cell.length_b   137.960
_cell.length_c   153.122
_cell.angle_alpha   90.00
_cell.angle_beta   90.00
_cell.angle_gamma   90.00
#
_symmetry.space_group_name_H-M   'P 21 21 21'
#
loop_
_entity.id
_entity.type
_entity.pdbx_description
1 polymer 'Protein argonaute-2'
2 polymer "RNA (5'-R(P*UP*GP*GP*AP*GP*UP*GP*UP*GP*AP*CP*AP*AP*UP*GP*GP*UP*GP*UP*U)-3')"
3 polymer "RNA (5'-R(P*AP*AP*AP*CP*AP*CP*CP*AP*UP*UP*UP*UP*CP*AP*CP*AP*CP*UP*CP*CP*AP*AP*A)-3')"
4 non-polymer PHENOL
5 non-polymer 'PHOSPHATE ION'
#
loop_
_entity_poly.entity_id
_entity_poly.type
_entity_poly.pdbx_seq_one_letter_code
_entity_poly.pdbx_strand_id
1 'polypeptide(L)'
;MYSGAGPALAPPAPPPPIQGYAFKPPPRPDFGTSGRTIKLQANFFEMDIPKIDIYHYELDIKPEKCPRRVNREIVEHMVQ
HFKTQIFGDRKPVFDGRKNLYTAMPLPIGRDKVELEVTLPGEGKDRIFKVSIKWVSCVSLQALHDALSGRLPSVPFETIQ
ALDVVMRHLPSMRYTPVGRSFFTASEGCSNPLGGGREVWFGFHQSVRPSLWKMMLNIDVSATAFYKAQPVIEFVCEVLDF
KSIEEQQKPLTDSQRVKFTKEIKGLKVEITHCGQMKRKYRVCNVTRRPASHQTFPLQQESGQTVECTVAQYFKDRHKLVL
RYPHLPCLQVGQEQKHTYLPLEVCNIVAGQRCIKKLTDNQTSTMIRATARSAPDRQEEISKLMRSADFNTDPYVREFGIM
VKDEMTDVTGRVLQPPSILYGGRNKAIATPVQGVWDMRNKQFHTGIEIKVWAIACFAPQRQCTEVHLKSFTEQLRKISRD
AGMPIQGQPCFCKYAQGADSVEPMFRHLKNTYAGLQLVVVILPGKTPVYAEVKRVGDTVLGMATQCVQMKNVQRTTPQTL
SNLCLKINVKLGGVNNILLPQGRPPVFQQPVIFLGADVTHPPAGDGKKPSIAAVVGSMDAHPNRYCATVRVQQHRQEIIQ
DLAAMVRELLIQFYKSTRFKPTRIIFYRAGVSEGQFQQVLHHELLAIREACIKLEKDYQPGITFIVVQKRHHTRLFCTDK
NERVGKSGNIPAGTTVDTKITHPTEFDFYLCSHAGIQGTSRPSHYHVLWDDNRFSSDELQILTYQLCHTYVRCTRSVSIP
APAYYAHLVAFRARYHLVDKEHDAAEGDHTDGQANGRDHQALAKAVQVHQDTLRTMYFA
;
A,B
2 'polyribonucleotide' UGGAGUGUGACAAUGGUGUUU C,D
3 'polyribonucleotide' AAACACCAUUUCAACACUCCAAA E,F
#
# COMPACT_ATOMS: atom_id res chain seq x y z
N ALA A 22 45.47 14.87 31.17
CA ALA A 22 45.23 14.53 29.77
C ALA A 22 44.37 13.27 29.66
N PHE A 23 43.50 13.06 30.65
CA PHE A 23 42.65 11.88 30.69
C PHE A 23 41.16 12.23 30.55
N LYS A 24 40.66 13.00 31.52
CA LYS A 24 39.24 13.32 31.61
C LYS A 24 38.86 14.67 31.02
N PRO A 25 37.83 14.69 30.17
CA PRO A 25 37.28 15.92 29.60
C PRO A 25 36.56 16.76 30.65
N PRO A 26 36.61 18.10 30.52
CA PRO A 26 36.06 19.02 31.51
C PRO A 26 34.54 19.09 31.52
N PRO A 27 33.93 19.29 32.70
CA PRO A 27 32.48 19.44 32.78
C PRO A 27 32.03 20.82 32.32
N ARG A 28 30.80 20.94 31.85
CA ARG A 28 30.28 22.23 31.42
C ARG A 28 30.18 23.17 32.62
N PRO A 29 30.90 24.30 32.56
CA PRO A 29 30.96 25.27 33.66
C PRO A 29 29.64 25.97 33.94
N ASP A 30 28.98 26.44 32.88
CA ASP A 30 27.73 27.18 33.03
C ASP A 30 26.92 27.12 31.74
N PHE A 31 25.77 27.78 31.76
CA PHE A 31 24.93 27.88 30.57
C PHE A 31 24.91 29.33 30.09
N GLY A 32 25.18 29.52 28.79
CA GLY A 32 25.28 30.85 28.21
C GLY A 32 24.02 31.68 28.34
N THR A 33 24.23 32.99 28.46
CA THR A 33 23.12 33.93 28.62
C THR A 33 23.25 35.13 27.68
N SER A 34 24.25 35.10 26.80
CA SER A 34 24.49 36.18 25.87
C SER A 34 23.65 36.05 24.59
N GLY A 35 23.17 37.17 24.07
CA GLY A 35 22.44 37.17 22.82
C GLY A 35 20.93 37.13 22.91
N ARG A 36 20.28 37.41 21.79
CA ARG A 36 18.82 37.41 21.72
C ARG A 36 18.32 35.98 21.55
N THR A 37 17.33 35.59 22.36
CA THR A 37 16.75 34.26 22.28
C THR A 37 15.90 34.11 21.03
N ILE A 38 15.90 32.92 20.46
CA ILE A 38 15.09 32.63 19.27
C ILE A 38 14.59 31.18 19.28
N LYS A 39 13.28 31.01 19.40
CA LYS A 39 12.65 29.70 19.51
C LYS A 39 13.04 28.74 18.37
N LEU A 40 13.58 27.58 18.75
CA LEU A 40 14.06 26.62 17.79
C LEU A 40 13.44 25.24 17.96
N GLN A 41 13.64 24.40 16.94
CA GLN A 41 13.29 23.00 16.99
C GLN A 41 14.43 22.15 16.42
N ALA A 42 14.86 21.16 17.19
CA ALA A 42 15.93 20.28 16.73
C ALA A 42 15.36 18.98 16.18
N ASN A 43 16.16 18.28 15.39
CA ASN A 43 15.74 17.01 14.80
C ASN A 43 15.95 15.87 15.79
N PHE A 44 15.80 16.18 17.07
CA PHE A 44 15.85 15.16 18.12
C PHE A 44 14.42 14.88 18.57
N PHE A 45 14.11 13.62 18.83
CA PHE A 45 12.76 13.28 19.27
C PHE A 45 12.83 12.65 20.66
N GLU A 46 12.15 13.27 21.61
CA GLU A 46 12.21 12.85 22.99
C GLU A 46 11.72 11.42 23.19
N MET A 47 12.50 10.61 23.91
CA MET A 47 12.16 9.22 24.16
C MET A 47 11.81 8.98 25.62
N ASP A 48 10.78 8.16 25.85
CA ASP A 48 10.41 7.76 27.20
C ASP A 48 10.88 6.33 27.44
N ILE A 49 11.83 6.17 28.36
CA ILE A 49 12.49 4.88 28.60
C ILE A 49 12.26 4.38 30.03
N PRO A 50 11.79 3.13 30.17
CA PRO A 50 11.48 2.50 31.46
C PRO A 50 12.72 2.21 32.33
N LYS A 51 12.48 1.73 33.54
CA LYS A 51 13.55 1.44 34.49
C LYS A 51 13.94 -0.03 34.43
N ILE A 52 13.32 -0.77 33.50
CA ILE A 52 13.52 -2.21 33.40
C ILE A 52 14.93 -2.56 32.95
N ASP A 53 15.48 -3.65 33.50
CA ASP A 53 16.78 -4.15 33.04
C ASP A 53 16.60 -5.05 31.83
N ILE A 54 17.28 -4.73 30.74
CA ILE A 54 17.21 -5.59 29.56
C ILE A 54 18.34 -6.61 29.60
N TYR A 55 18.12 -7.78 29.00
CA TYR A 55 19.09 -8.86 29.12
C TYR A 55 19.88 -9.12 27.84
N HIS A 56 21.20 -9.17 27.99
CA HIS A 56 22.10 -9.33 26.86
C HIS A 56 22.68 -10.72 26.79
N TYR A 57 22.70 -11.25 25.57
CA TYR A 57 23.18 -12.59 25.26
C TYR A 57 24.05 -12.64 24.00
N GLU A 58 25.08 -13.48 24.04
CA GLU A 58 25.98 -13.68 22.91
C GLU A 58 25.56 -14.88 22.06
N LEU A 59 25.56 -14.69 20.75
CA LEU A 59 25.25 -15.76 19.81
C LEU A 59 26.52 -16.28 19.14
N ASP A 60 26.50 -17.55 18.76
CA ASP A 60 27.63 -18.15 18.03
C ASP A 60 27.10 -18.95 16.86
N ILE A 61 27.31 -18.41 15.65
CA ILE A 61 26.75 -19.01 14.45
C ILE A 61 27.81 -19.49 13.46
N LYS A 62 27.74 -20.76 13.10
CA LYS A 62 28.62 -21.33 12.08
C LYS A 62 27.78 -21.60 10.82
N PRO A 63 28.30 -21.21 9.64
CA PRO A 63 29.61 -20.61 9.35
C PRO A 63 29.74 -19.16 9.83
N GLU A 64 30.96 -18.65 9.82
CA GLU A 64 31.26 -17.34 10.41
C GLU A 64 31.48 -16.28 9.33
N LYS A 65 30.72 -16.37 8.25
CA LYS A 65 30.86 -15.40 7.15
C LYS A 65 29.51 -14.96 6.58
N CYS A 66 28.43 -15.35 7.26
CA CYS A 66 27.08 -15.05 6.78
C CYS A 66 26.75 -13.56 6.84
N PRO A 67 26.08 -13.04 5.80
CA PRO A 67 25.66 -11.63 5.77
C PRO A 67 24.67 -11.30 6.88
N ARG A 68 24.58 -10.02 7.23
CA ARG A 68 23.75 -9.57 8.34
C ARG A 68 22.27 -9.92 8.14
N ARG A 69 21.79 -9.77 6.91
CA ARG A 69 20.39 -10.04 6.59
C ARG A 69 20.07 -11.51 6.82
N VAL A 70 21.03 -12.37 6.45
CA VAL A 70 20.88 -13.80 6.66
C VAL A 70 20.83 -14.10 8.14
N ASN A 71 21.69 -13.46 8.92
CA ASN A 71 21.70 -13.64 10.38
C ASN A 71 20.38 -13.27 11.01
N ARG A 72 19.82 -12.12 10.61
CA ARG A 72 18.54 -11.67 11.13
C ARG A 72 17.44 -12.67 10.74
N GLU A 73 17.59 -13.25 9.55
CA GLU A 73 16.65 -14.25 9.07
C GLU A 73 16.72 -15.55 9.89
N ILE A 74 17.94 -15.98 10.17
CA ILE A 74 18.20 -17.18 10.96
C ILE A 74 17.66 -17.03 12.37
N VAL A 75 17.94 -15.89 12.99
CA VAL A 75 17.44 -15.60 14.34
C VAL A 75 15.92 -15.58 14.32
N GLU A 76 15.35 -14.99 13.28
CA GLU A 76 13.90 -14.92 13.15
C GLU A 76 13.30 -16.34 13.12
N HIS A 77 13.93 -17.25 12.36
CA HIS A 77 13.47 -18.64 12.36
C HIS A 77 13.66 -19.31 13.73
N MET A 78 14.77 -18.98 14.39
CA MET A 78 15.11 -19.57 15.68
C MET A 78 14.12 -19.16 16.77
N VAL A 79 13.55 -17.96 16.63
CA VAL A 79 12.61 -17.46 17.63
C VAL A 79 11.28 -18.21 17.63
N GLN A 80 10.69 -18.39 16.45
CA GLN A 80 9.36 -19.00 16.34
C GLN A 80 9.37 -20.52 16.49
N HIS A 81 10.47 -21.16 16.08
CA HIS A 81 10.57 -22.61 16.13
C HIS A 81 10.99 -23.12 17.50
N PHE A 82 11.38 -22.20 18.38
CA PHE A 82 11.80 -22.56 19.72
C PHE A 82 10.99 -21.79 20.77
N LYS A 83 9.72 -21.53 20.46
CA LYS A 83 8.83 -20.81 21.35
C LYS A 83 8.41 -21.69 22.53
N THR A 84 8.41 -23.00 22.32
CA THR A 84 8.02 -23.94 23.35
C THR A 84 9.06 -24.03 24.46
N GLN A 85 10.32 -23.78 24.11
CA GLN A 85 11.39 -23.85 25.09
C GLN A 85 11.71 -22.47 25.64
N ILE A 86 11.89 -21.52 24.72
CA ILE A 86 12.23 -20.14 25.07
C ILE A 86 11.26 -19.17 24.40
N PHE A 87 11.45 -17.87 24.63
CA PHE A 87 10.70 -16.81 23.93
C PHE A 87 9.20 -16.87 24.20
N GLY A 88 8.83 -16.81 25.48
CA GLY A 88 7.42 -16.84 25.86
C GLY A 88 6.73 -15.50 25.63
N LYS A 91 10.13 -12.15 22.54
CA LYS A 91 10.27 -11.28 21.38
C LYS A 91 11.56 -10.47 21.48
N PRO A 92 12.67 -11.04 20.99
CA PRO A 92 13.99 -10.42 21.10
C PRO A 92 14.33 -9.48 19.94
N VAL A 93 15.41 -8.71 20.12
CA VAL A 93 15.95 -7.88 19.06
C VAL A 93 17.35 -8.36 18.71
N PHE A 94 17.81 -8.07 17.50
CA PHE A 94 19.07 -8.61 17.03
C PHE A 94 19.98 -7.56 16.39
N ASP A 95 21.30 -7.74 16.56
CA ASP A 95 22.29 -6.80 16.01
C ASP A 95 22.57 -7.12 14.55
N GLY A 96 22.49 -8.41 14.27
CA GLY A 96 22.85 -9.04 13.02
C GLY A 96 24.19 -9.74 13.11
N ARG A 97 24.91 -9.43 14.19
CA ARG A 97 26.22 -10.02 14.46
C ARG A 97 26.61 -10.07 15.94
N LYS A 98 26.28 -11.16 16.63
CA LYS A 98 26.82 -11.44 17.96
C LYS A 98 26.41 -10.40 19.04
N ASN A 99 25.12 -10.12 19.11
CA ASN A 99 24.62 -9.22 20.12
C ASN A 99 23.13 -9.51 20.13
N LEU A 100 22.58 -9.88 21.29
CA LEU A 100 21.16 -10.16 21.30
C LEU A 100 20.56 -9.55 22.56
N TYR A 101 19.36 -9.01 22.48
CA TYR A 101 18.76 -8.44 23.68
C TYR A 101 17.33 -8.92 23.83
N THR A 102 16.89 -9.06 25.08
CA THR A 102 15.52 -9.45 25.33
C THR A 102 15.00 -8.54 26.44
N ALA A 103 13.70 -8.26 26.40
CA ALA A 103 13.09 -7.44 27.42
C ALA A 103 13.00 -8.21 28.72
N MET A 104 12.46 -9.42 28.64
CA MET A 104 12.35 -10.30 29.79
C MET A 104 13.37 -11.43 29.68
N PRO A 105 13.79 -11.97 30.84
CA PRO A 105 14.80 -13.05 30.85
C PRO A 105 14.27 -14.37 30.30
N LEU A 106 15.19 -15.31 30.07
CA LEU A 106 14.81 -16.60 29.51
C LEU A 106 15.56 -17.74 30.20
N PRO A 107 15.08 -19.00 30.04
CA PRO A 107 15.77 -20.12 30.68
C PRO A 107 17.16 -20.39 30.10
N ILE A 108 18.17 -19.81 30.73
CA ILE A 108 19.57 -20.01 30.34
C ILE A 108 20.48 -19.93 31.53
N GLY A 109 21.77 -19.78 31.25
CA GLY A 109 22.80 -19.60 32.26
C GLY A 109 24.05 -19.13 31.56
N ARG A 110 25.15 -19.01 32.31
CA ARG A 110 26.41 -18.59 31.73
C ARG A 110 26.92 -19.65 30.75
N ASP A 111 26.43 -20.87 30.93
CA ASP A 111 26.79 -21.98 30.05
C ASP A 111 26.25 -21.79 28.64
N LYS A 112 26.95 -22.36 27.67
CA LYS A 112 26.57 -22.23 26.27
C LYS A 112 25.46 -23.22 25.90
N VAL A 113 24.41 -22.72 25.26
CA VAL A 113 23.30 -23.56 24.82
C VAL A 113 23.30 -23.63 23.29
N GLU A 114 23.74 -24.76 22.76
CA GLU A 114 23.86 -24.92 21.32
C GLU A 114 22.72 -25.75 20.75
N LEU A 115 22.17 -25.30 19.62
CA LEU A 115 21.09 -25.98 18.95
C LEU A 115 21.25 -25.90 17.43
N GLU A 116 20.31 -26.49 16.70
CA GLU A 116 20.36 -26.53 15.25
C GLU A 116 19.08 -26.01 14.62
N VAL A 117 19.21 -25.29 13.50
CA VAL A 117 18.06 -24.77 12.78
C VAL A 117 18.19 -25.07 11.29
N THR A 118 17.09 -24.92 10.55
CA THR A 118 17.09 -25.21 9.12
C THR A 118 16.41 -24.12 8.30
N LEU A 119 17.03 -23.75 7.19
CA LEU A 119 16.50 -22.74 6.28
C LEU A 119 16.34 -23.30 4.88
N PRO A 120 15.09 -23.43 4.42
CA PRO A 120 14.78 -23.96 3.08
C PRO A 120 15.26 -23.05 1.96
N ILE A 127 20.13 -24.73 7.21
CA ILE A 127 21.04 -25.71 7.79
C ILE A 127 22.15 -25.00 8.57
N PHE A 128 21.85 -24.59 9.79
CA PHE A 128 22.79 -23.85 10.62
C PHE A 128 22.85 -24.37 12.06
N LYS A 129 23.93 -24.02 12.75
CA LYS A 129 24.11 -24.40 14.15
C LYS A 129 24.34 -23.15 15.00
N VAL A 130 23.41 -22.84 15.90
CA VAL A 130 23.48 -21.61 16.67
C VAL A 130 23.73 -21.86 18.16
N SER A 131 24.65 -21.09 18.74
CA SER A 131 24.93 -21.21 20.17
C SER A 131 24.61 -19.93 20.93
N ILE A 132 23.67 -20.01 21.87
CA ILE A 132 23.30 -18.85 22.67
C ILE A 132 23.97 -18.91 24.03
N LYS A 133 24.66 -17.84 24.40
CA LYS A 133 25.36 -17.76 25.67
C LYS A 133 25.00 -16.46 26.39
N TRP A 134 24.73 -16.56 27.68
CA TRP A 134 24.49 -15.36 28.47
C TRP A 134 25.73 -14.49 28.57
N VAL A 135 25.50 -13.18 28.57
CA VAL A 135 26.58 -12.22 28.71
C VAL A 135 26.39 -11.33 29.92
N SER A 136 25.43 -10.41 29.83
CA SER A 136 25.27 -9.46 30.93
C SER A 136 23.91 -8.81 31.03
N CYS A 137 23.67 -8.12 32.13
CA CYS A 137 22.46 -7.34 32.30
C CYS A 137 22.73 -5.87 32.01
N VAL A 138 21.82 -5.23 31.27
CA VAL A 138 21.91 -3.80 30.99
C VAL A 138 20.80 -3.06 31.71
N SER A 139 21.13 -2.48 32.85
CA SER A 139 20.15 -1.78 33.67
C SER A 139 19.84 -0.39 33.14
N LEU A 140 18.56 -0.09 32.98
CA LEU A 140 18.14 1.23 32.53
C LEU A 140 17.96 2.18 33.72
N GLN A 141 18.03 1.63 34.92
CA GLN A 141 18.03 2.44 36.13
C GLN A 141 19.34 3.21 36.21
N ALA A 142 20.41 2.54 35.81
CA ALA A 142 21.72 3.17 35.74
C ALA A 142 21.72 4.23 34.65
N LEU A 143 20.86 4.04 33.64
CA LEU A 143 20.73 5.03 32.58
C LEU A 143 20.10 6.30 33.14
N HIS A 144 19.08 6.14 33.97
CA HIS A 144 18.45 7.29 34.62
C HIS A 144 19.40 7.96 35.60
N ASP A 145 20.25 7.15 36.24
CA ASP A 145 21.24 7.69 37.15
C ASP A 145 22.31 8.45 36.37
N ALA A 146 22.53 8.04 35.13
CA ALA A 146 23.52 8.67 34.26
C ALA A 146 23.00 9.98 33.65
N LEU A 147 21.74 9.97 33.25
CA LEU A 147 21.12 11.16 32.68
C LEU A 147 20.89 12.19 33.78
N SER A 148 20.62 11.69 34.98
CA SER A 148 20.52 12.56 36.13
C SER A 148 21.96 12.85 36.54
N GLY A 149 22.13 13.60 37.64
CA GLY A 149 23.46 13.97 38.08
C GLY A 149 24.23 12.92 38.86
N ARG A 150 23.68 11.71 38.98
CA ARG A 150 24.33 10.70 39.82
C ARG A 150 25.60 10.15 39.21
N LEU A 151 25.49 9.33 38.18
CA LEU A 151 26.68 8.76 37.59
C LEU A 151 27.10 9.70 36.46
N PRO A 152 28.39 10.06 36.42
CA PRO A 152 28.95 10.99 35.44
C PRO A 152 29.09 10.35 34.07
N SER A 153 29.34 9.05 34.04
CA SER A 153 29.58 8.36 32.80
C SER A 153 28.28 7.72 32.31
N VAL A 154 28.02 7.89 31.02
CA VAL A 154 26.88 7.25 30.36
C VAL A 154 27.30 5.95 29.71
N PRO A 155 26.76 4.83 30.21
CA PRO A 155 27.11 3.48 29.73
C PRO A 155 26.91 3.34 28.22
N PHE A 156 28.01 3.13 27.51
CA PHE A 156 27.99 3.01 26.06
C PHE A 156 27.28 1.74 25.61
N GLU A 157 27.40 0.69 26.42
CA GLU A 157 26.76 -0.58 26.11
C GLU A 157 25.24 -0.41 26.13
N THR A 158 24.77 0.48 26.98
CA THR A 158 23.34 0.78 27.08
C THR A 158 22.86 1.51 25.81
N ILE A 159 23.63 2.50 25.38
CA ILE A 159 23.32 3.23 24.17
C ILE A 159 23.31 2.29 22.98
N GLN A 160 24.27 1.37 22.94
CA GLN A 160 24.33 0.36 21.89
C GLN A 160 23.08 -0.51 21.90
N ALA A 161 22.68 -0.97 23.08
CA ALA A 161 21.51 -1.83 23.22
C ALA A 161 20.25 -1.14 22.73
N LEU A 162 20.04 0.08 23.21
CA LEU A 162 18.87 0.87 22.80
C LEU A 162 18.87 1.08 21.29
N ASP A 163 20.04 1.37 20.73
CA ASP A 163 20.16 1.62 19.30
C ASP A 163 19.83 0.35 18.51
N VAL A 164 20.24 -0.80 19.04
CA VAL A 164 19.93 -2.08 18.42
C VAL A 164 18.43 -2.32 18.44
N VAL A 165 17.80 -1.97 19.55
CA VAL A 165 16.35 -2.09 19.68
C VAL A 165 15.63 -1.24 18.65
N MET A 166 16.00 0.03 18.59
CA MET A 166 15.34 0.97 17.69
C MET A 166 15.63 0.66 16.22
N ARG A 167 16.73 -0.05 15.95
CA ARG A 167 17.11 -0.35 14.57
C ARG A 167 16.71 -1.75 14.12
N HIS A 168 16.27 -2.58 15.05
CA HIS A 168 15.98 -3.98 14.73
C HIS A 168 14.88 -4.13 13.67
N LEU A 169 13.80 -3.37 13.82
CA LEU A 169 12.70 -3.43 12.87
C LEU A 169 13.07 -2.87 11.49
N PRO A 170 13.59 -1.63 11.43
CA PRO A 170 13.87 -1.12 10.08
C PRO A 170 15.03 -1.84 9.39
N SER A 171 15.81 -2.61 10.13
CA SER A 171 16.90 -3.38 9.56
C SER A 171 16.39 -4.51 8.68
N MET A 172 15.15 -4.94 8.94
CA MET A 172 14.52 -6.01 8.19
C MET A 172 13.42 -5.47 7.29
N ARG A 173 12.76 -4.43 7.76
CA ARG A 173 11.62 -3.82 7.07
C ARG A 173 12.06 -2.88 5.94
N TYR A 174 13.05 -2.05 6.22
CA TYR A 174 13.56 -1.09 5.23
C TYR A 174 14.81 -1.64 4.55
N THR A 175 15.39 -0.86 3.65
CA THR A 175 16.61 -1.26 2.95
C THR A 175 17.79 -0.53 3.55
N PRO A 176 18.59 -1.24 4.36
CA PRO A 176 19.70 -0.64 5.10
C PRO A 176 20.86 -0.23 4.20
N VAL A 177 21.28 1.04 4.31
CA VAL A 177 22.47 1.52 3.61
C VAL A 177 23.38 2.25 4.58
N GLY A 178 24.55 1.68 4.84
CA GLY A 178 25.45 2.26 5.82
C GLY A 178 24.79 2.22 7.18
N ARG A 179 24.46 3.40 7.69
CA ARG A 179 23.78 3.53 8.98
C ARG A 179 22.37 4.09 8.80
N SER A 180 21.91 4.18 7.56
CA SER A 180 20.60 4.72 7.26
C SER A 180 19.65 3.63 6.74
N PHE A 181 18.39 3.98 6.58
CA PHE A 181 17.40 3.06 6.03
C PHE A 181 16.61 3.74 4.90
N PHE A 182 16.56 3.11 3.74
CA PHE A 182 15.88 3.68 2.58
C PHE A 182 14.66 2.85 2.17
N THR A 183 13.79 3.46 1.39
CA THR A 183 12.60 2.80 0.86
C THR A 183 12.05 3.59 -0.34
N ALA A 184 11.08 2.98 -1.02
CA ALA A 184 10.45 3.57 -2.19
C ALA A 184 9.41 4.61 -1.84
N SER A 185 8.69 5.09 -2.85
CA SER A 185 7.64 6.08 -2.63
C SER A 185 6.25 5.44 -2.51
N GLU A 186 5.48 5.99 -1.57
CA GLU A 186 4.14 5.50 -1.23
C GLU A 186 3.03 5.68 -2.27
N GLY A 187 2.98 6.87 -2.85
CA GLY A 187 1.96 7.24 -3.82
C GLY A 187 2.66 7.52 -5.13
N CYS A 188 3.22 8.71 -5.26
CA CYS A 188 3.87 9.08 -6.50
C CYS A 188 5.15 8.26 -6.62
N SER A 189 5.86 8.42 -7.73
CA SER A 189 7.10 7.71 -7.95
C SER A 189 8.01 8.67 -8.69
N ASN A 190 9.04 9.16 -8.01
CA ASN A 190 9.96 10.08 -8.64
C ASN A 190 10.94 9.34 -9.53
N PRO A 191 10.85 9.58 -10.86
CA PRO A 191 11.69 8.90 -11.83
C PRO A 191 12.99 9.66 -12.10
N LEU A 192 13.91 9.02 -12.81
CA LEU A 192 15.15 9.67 -13.18
C LEU A 192 15.52 9.38 -14.63
N GLY A 193 14.78 8.46 -15.25
CA GLY A 193 15.13 8.01 -16.58
C GLY A 193 16.02 6.78 -16.44
N GLY A 194 16.24 6.07 -17.54
CA GLY A 194 16.97 4.83 -17.47
C GLY A 194 16.20 3.88 -16.59
N GLY A 195 16.92 3.11 -15.78
CA GLY A 195 16.28 2.20 -14.85
C GLY A 195 16.23 2.77 -13.46
N ARG A 196 16.50 4.07 -13.33
CA ARG A 196 16.59 4.68 -12.01
C ARG A 196 15.35 5.41 -11.55
N GLU A 197 15.24 5.54 -10.23
CA GLU A 197 14.22 6.34 -9.58
C GLU A 197 14.77 6.82 -8.25
N VAL A 198 14.08 7.75 -7.60
CA VAL A 198 14.56 8.32 -6.34
C VAL A 198 13.91 7.64 -5.12
N TRP A 199 14.73 6.94 -4.35
CA TRP A 199 14.25 6.38 -3.09
C TRP A 199 14.62 7.28 -1.94
N PHE A 200 13.68 7.46 -1.01
CA PHE A 200 13.94 8.30 0.14
C PHE A 200 14.29 7.46 1.35
N GLY A 201 15.01 8.06 2.29
CA GLY A 201 15.44 7.35 3.48
C GLY A 201 15.76 8.24 4.64
N PHE A 202 16.21 7.64 5.74
CA PHE A 202 16.52 8.40 6.94
C PHE A 202 17.63 7.76 7.77
N HIS A 203 18.29 8.58 8.57
CA HIS A 203 19.35 8.13 9.47
C HIS A 203 18.93 8.35 10.92
N GLN A 204 18.83 7.26 11.67
CA GLN A 204 18.45 7.33 13.07
C GLN A 204 19.61 6.95 13.98
N SER A 205 19.62 7.50 15.19
CA SER A 205 20.67 7.19 16.16
C SER A 205 20.22 7.63 17.55
N VAL A 206 20.34 6.73 18.52
CA VAL A 206 19.94 7.05 19.89
C VAL A 206 21.03 7.82 20.62
N ARG A 207 20.68 9.01 21.09
CA ARG A 207 21.64 9.87 21.76
C ARG A 207 21.20 10.29 23.17
N PRO A 208 22.16 10.40 24.09
CA PRO A 208 21.93 10.88 25.46
C PRO A 208 21.81 12.40 25.50
N SER A 209 21.02 12.93 26.44
CA SER A 209 20.84 14.36 26.57
C SER A 209 20.94 14.82 28.02
N LEU A 210 20.59 16.07 28.27
CA LEU A 210 20.74 16.68 29.58
C LEU A 210 19.93 15.93 30.63
N TRP A 211 18.65 15.67 30.35
CA TRP A 211 17.78 14.99 31.30
C TRP A 211 17.13 13.73 30.70
N LYS A 212 16.81 13.80 29.40
CA LYS A 212 16.09 12.70 28.75
C LYS A 212 16.72 12.15 27.47
N MET A 213 16.70 10.82 27.32
CA MET A 213 17.18 10.18 26.10
C MET A 213 16.42 10.66 24.88
N MET A 214 17.12 10.81 23.76
CA MET A 214 16.50 11.31 22.54
C MET A 214 16.88 10.49 21.30
N LEU A 215 16.02 10.56 20.29
CA LEU A 215 16.23 9.84 19.05
C LEU A 215 16.54 10.82 17.93
N ASN A 216 17.80 10.83 17.51
CA ASN A 216 18.27 11.71 16.44
C ASN A 216 17.91 11.15 15.08
N ILE A 217 17.20 11.93 14.28
CA ILE A 217 16.76 11.47 12.97
C ILE A 217 16.91 12.53 11.89
N ASP A 218 17.56 12.17 10.78
CA ASP A 218 17.73 13.10 9.66
C ASP A 218 17.47 12.41 8.32
N VAL A 219 16.64 13.02 7.48
CA VAL A 219 16.27 12.42 6.21
C VAL A 219 17.33 12.60 5.12
N SER A 220 17.23 11.79 4.08
CA SER A 220 18.13 11.86 2.92
C SER A 220 17.47 11.16 1.74
N ALA A 221 18.11 11.22 0.57
CA ALA A 221 17.56 10.60 -0.63
C ALA A 221 18.66 10.13 -1.57
N THR A 222 18.37 9.11 -2.36
CA THR A 222 19.35 8.61 -3.32
C THR A 222 18.67 7.94 -4.52
N ALA A 223 19.46 7.37 -5.41
CA ALA A 223 18.93 6.78 -6.63
C ALA A 223 19.04 5.26 -6.61
N PHE A 224 17.88 4.62 -6.72
CA PHE A 224 17.79 3.16 -6.80
C PHE A 224 17.36 2.72 -8.19
N TYR A 225 17.48 1.42 -8.47
CA TYR A 225 17.02 0.88 -9.75
C TYR A 225 15.56 0.47 -9.65
N LYS A 226 14.76 0.96 -10.59
CA LYS A 226 13.31 0.72 -10.59
C LYS A 226 12.98 -0.76 -10.71
N ALA A 227 12.14 -1.25 -9.79
CA ALA A 227 11.70 -2.64 -9.80
C ALA A 227 10.71 -2.89 -10.93
N GLN A 228 11.22 -3.31 -12.08
CA GLN A 228 10.39 -3.51 -13.26
C GLN A 228 10.93 -4.66 -14.12
N PRO A 229 10.07 -5.25 -14.97
CA PRO A 229 10.54 -6.25 -15.92
C PRO A 229 11.67 -5.69 -16.79
N VAL A 230 12.67 -6.52 -17.07
CA VAL A 230 13.83 -6.10 -17.85
C VAL A 230 13.43 -5.64 -19.25
N ILE A 231 12.34 -6.20 -19.76
CA ILE A 231 11.83 -5.80 -21.07
C ILE A 231 11.41 -4.33 -21.07
N GLU A 232 11.00 -3.81 -19.91
CA GLU A 232 10.65 -2.40 -19.79
C GLU A 232 11.87 -1.56 -19.46
N PHE A 233 12.85 -2.20 -18.83
CA PHE A 233 14.15 -1.58 -18.55
C PHE A 233 14.87 -1.24 -19.85
N VAL A 234 14.80 -2.14 -20.82
CA VAL A 234 15.35 -1.88 -22.14
C VAL A 234 14.67 -0.69 -22.77
N CYS A 235 13.35 -0.63 -22.62
CA CYS A 235 12.55 0.45 -23.17
C CYS A 235 12.95 1.80 -22.59
N GLU A 236 13.18 1.84 -21.28
CA GLU A 236 13.51 3.11 -20.64
C GLU A 236 14.95 3.52 -20.91
N VAL A 237 15.85 2.54 -20.99
CA VAL A 237 17.25 2.85 -21.25
C VAL A 237 17.44 3.29 -22.71
N LEU A 238 16.81 2.56 -23.63
CA LEU A 238 16.95 2.83 -25.07
C LEU A 238 15.92 3.82 -25.64
N ASP A 239 15.23 4.54 -24.75
CA ASP A 239 14.25 5.54 -25.16
C ASP A 239 13.15 4.98 -26.07
N PHE A 240 12.58 3.84 -25.68
CA PHE A 240 11.48 3.26 -26.43
C PHE A 240 10.16 3.62 -25.75
N LYS A 241 9.18 4.05 -26.55
CA LYS A 241 7.84 4.26 -26.03
C LYS A 241 7.28 2.91 -25.62
N SER A 242 7.46 1.93 -26.50
CA SER A 242 7.07 0.56 -26.23
C SER A 242 8.12 -0.39 -26.80
N ILE A 243 8.04 -1.65 -26.43
CA ILE A 243 8.98 -2.64 -26.93
C ILE A 243 8.62 -2.99 -28.37
N GLU A 244 7.35 -2.82 -28.72
CA GLU A 244 6.88 -3.15 -30.06
C GLU A 244 7.22 -2.05 -31.06
N GLU A 245 8.02 -1.07 -30.63
CA GLU A 245 8.54 -0.04 -31.51
C GLU A 245 9.55 -0.57 -32.51
N GLN A 246 10.29 -1.58 -32.06
CA GLN A 246 11.24 -2.31 -32.88
C GLN A 246 11.01 -3.82 -32.79
N GLN A 247 11.02 -4.44 -33.97
CA GLN A 247 10.88 -5.89 -34.06
C GLN A 247 12.25 -6.53 -34.19
N LYS A 248 13.28 -5.72 -34.43
CA LYS A 248 14.66 -6.22 -34.48
C LYS A 248 15.74 -5.28 -33.95
N PRO A 249 16.78 -5.87 -33.33
CA PRO A 249 17.89 -5.11 -32.76
C PRO A 249 18.63 -4.24 -33.77
N LEU A 250 18.60 -2.95 -33.50
CA LEU A 250 19.19 -1.92 -34.34
C LEU A 250 20.72 -1.87 -34.49
N THR A 251 21.45 -1.90 -33.38
CA THR A 251 22.91 -1.98 -33.43
C THR A 251 23.69 -2.43 -32.19
N ASP A 252 24.96 -2.73 -32.42
CA ASP A 252 25.94 -3.23 -31.46
C ASP A 252 26.02 -2.22 -30.33
N SER A 253 25.84 -0.95 -30.71
CA SER A 253 25.84 0.18 -29.79
C SER A 253 24.68 0.07 -28.80
N GLN A 254 23.52 -0.42 -29.24
CA GLN A 254 22.38 -0.57 -28.32
C GLN A 254 22.71 -1.66 -27.31
N ARG A 255 23.39 -2.69 -27.80
CA ARG A 255 23.86 -3.79 -26.98
C ARG A 255 24.83 -3.29 -25.93
N VAL A 256 25.78 -2.46 -26.36
CA VAL A 256 26.75 -1.86 -25.45
C VAL A 256 26.09 -0.97 -24.41
N LYS A 257 25.16 -0.13 -24.85
CA LYS A 257 24.43 0.79 -23.96
C LYS A 257 23.61 0.06 -22.89
N PHE A 258 22.83 -0.93 -23.33
CA PHE A 258 22.00 -1.72 -22.44
C PHE A 258 22.88 -2.52 -21.49
N THR A 259 24.01 -3.00 -22.01
CA THR A 259 24.95 -3.75 -21.20
C THR A 259 25.57 -2.85 -20.14
N LYS A 260 25.95 -1.65 -20.57
CA LYS A 260 26.55 -0.65 -19.69
C LYS A 260 25.61 -0.34 -18.55
N GLU A 261 24.31 -0.48 -18.79
CA GLU A 261 23.34 -0.17 -17.74
C GLU A 261 23.00 -1.36 -16.87
N ILE A 262 23.01 -2.56 -17.45
CA ILE A 262 22.53 -3.74 -16.72
C ILE A 262 23.64 -4.68 -16.24
N LYS A 263 24.84 -4.55 -16.78
CA LYS A 263 25.95 -5.41 -16.36
C LYS A 263 26.31 -5.17 -14.91
N GLY A 264 26.00 -6.17 -14.07
CA GLY A 264 26.30 -6.07 -12.65
C GLY A 264 25.06 -6.10 -11.78
N LEU A 265 23.92 -5.75 -12.36
CA LEU A 265 22.66 -5.70 -11.64
C LEU A 265 22.14 -7.09 -11.31
N LYS A 266 21.24 -7.18 -10.33
CA LYS A 266 20.62 -8.46 -9.99
C LYS A 266 19.19 -8.51 -10.53
N VAL A 267 18.79 -9.68 -11.02
CA VAL A 267 17.44 -9.87 -11.56
C VAL A 267 16.80 -11.14 -11.01
N GLU A 268 15.48 -11.14 -10.85
CA GLU A 268 14.76 -12.32 -10.39
C GLU A 268 13.95 -12.93 -11.53
N ILE A 269 13.82 -14.25 -11.52
CA ILE A 269 13.15 -14.99 -12.59
C ILE A 269 11.67 -15.16 -12.30
N THR A 270 10.87 -15.31 -13.36
CA THR A 270 9.42 -15.38 -13.22
C THR A 270 8.76 -16.47 -14.07
N HIS A 271 9.19 -17.71 -13.88
CA HIS A 271 8.52 -18.85 -14.50
C HIS A 271 8.71 -20.09 -13.64
N CYS A 272 8.75 -19.88 -12.33
CA CYS A 272 8.87 -20.97 -11.37
C CYS A 272 8.01 -20.70 -10.15
N LYS A 276 11.31 -15.72 -8.44
CA LYS A 276 11.74 -16.53 -7.31
C LYS A 276 13.26 -16.53 -7.17
N ARG A 277 13.93 -17.33 -8.01
CA ARG A 277 15.38 -17.43 -7.96
C ARG A 277 16.07 -16.14 -8.39
N LYS A 278 16.90 -15.58 -7.51
CA LYS A 278 17.63 -14.36 -7.82
C LYS A 278 18.98 -14.66 -8.48
N TYR A 279 19.26 -13.90 -9.54
CA TYR A 279 20.45 -14.07 -10.37
C TYR A 279 21.24 -12.77 -10.50
N ARG A 280 22.50 -12.86 -10.92
CA ARG A 280 23.34 -11.67 -11.14
C ARG A 280 23.84 -11.59 -12.58
N VAL A 281 23.41 -10.56 -13.30
CA VAL A 281 23.81 -10.38 -14.69
C VAL A 281 25.28 -10.05 -14.86
N CYS A 282 25.99 -10.89 -15.59
CA CYS A 282 27.41 -10.66 -15.81
C CYS A 282 27.65 -10.13 -17.22
N ASN A 283 26.73 -10.41 -18.14
CA ASN A 283 26.92 -9.91 -19.52
C ASN A 283 25.65 -9.99 -20.35
N VAL A 284 25.67 -9.42 -21.56
CA VAL A 284 24.54 -9.49 -22.47
C VAL A 284 24.96 -10.15 -23.78
N THR A 285 24.18 -11.13 -24.22
CA THR A 285 24.48 -11.90 -25.43
C THR A 285 24.47 -11.04 -26.69
N ARG A 286 25.24 -11.45 -27.70
CA ARG A 286 25.27 -10.73 -28.96
C ARG A 286 24.14 -11.20 -29.86
N ARG A 287 23.85 -12.50 -29.78
CA ARG A 287 22.82 -13.11 -30.61
C ARG A 287 21.44 -13.08 -29.96
N PRO A 288 20.38 -13.00 -30.77
CA PRO A 288 19.00 -13.03 -30.27
C PRO A 288 18.71 -14.30 -29.50
N ALA A 289 17.58 -14.32 -28.79
CA ALA A 289 17.19 -15.48 -28.00
C ALA A 289 16.84 -16.68 -28.89
N SER A 290 16.55 -16.40 -30.16
CA SER A 290 16.17 -17.43 -31.11
C SER A 290 17.38 -18.17 -31.68
N HIS A 291 18.56 -17.62 -31.48
CA HIS A 291 19.78 -18.21 -32.05
C HIS A 291 20.86 -18.44 -30.99
N GLN A 292 20.66 -17.88 -29.81
CA GLN A 292 21.61 -18.06 -28.71
C GLN A 292 21.63 -19.51 -28.23
N THR A 293 22.77 -20.17 -28.43
CA THR A 293 22.88 -21.60 -28.13
C THR A 293 23.62 -21.92 -26.83
N PHE A 294 23.45 -23.15 -26.35
CA PHE A 294 24.12 -23.59 -25.13
C PHE A 294 24.08 -25.12 -25.05
N PRO A 295 25.10 -25.70 -24.39
CA PRO A 295 25.15 -27.15 -24.11
C PRO A 295 23.99 -27.59 -23.22
N LEU A 296 23.09 -28.41 -23.76
CA LEU A 296 21.88 -28.75 -23.02
C LEU A 296 22.08 -29.78 -21.89
N GLN A 297 23.01 -30.71 -22.11
CA GLN A 297 23.30 -31.79 -21.16
C GLN A 297 21.99 -32.44 -20.70
N GLN A 298 21.24 -32.96 -21.66
CA GLN A 298 19.95 -33.57 -21.38
C GLN A 298 20.12 -34.92 -20.71
N GLU A 299 20.33 -34.89 -19.39
CA GLU A 299 20.56 -36.11 -18.61
C GLU A 299 21.77 -36.81 -19.20
N SER A 300 21.52 -38.05 -19.65
CA SER A 300 22.52 -38.87 -20.32
C SER A 300 22.65 -38.47 -21.79
N GLY A 301 23.74 -38.89 -22.43
CA GLY A 301 23.97 -38.53 -23.82
C GLY A 301 24.67 -37.19 -23.93
N GLN A 302 25.00 -36.64 -22.77
CA GLN A 302 25.72 -35.37 -22.66
C GLN A 302 25.04 -34.21 -23.37
N THR A 303 25.87 -33.36 -23.96
CA THR A 303 25.41 -32.07 -24.47
C THR A 303 24.83 -32.15 -25.87
N VAL A 304 23.82 -31.32 -26.13
CA VAL A 304 23.30 -31.10 -27.47
C VAL A 304 23.09 -29.60 -27.64
N GLU A 305 23.44 -29.08 -28.82
CA GLU A 305 23.30 -27.65 -29.09
C GLU A 305 21.86 -27.20 -29.09
N CYS A 306 21.50 -26.35 -28.13
CA CYS A 306 20.11 -25.91 -28.07
C CYS A 306 20.00 -24.40 -27.89
N THR A 307 19.04 -23.82 -28.62
CA THR A 307 18.79 -22.39 -28.52
C THR A 307 17.90 -22.11 -27.31
N VAL A 308 18.03 -20.92 -26.74
CA VAL A 308 17.29 -20.54 -25.56
C VAL A 308 15.78 -20.59 -25.79
N ALA A 309 15.34 -20.06 -26.93
CA ALA A 309 13.92 -20.02 -27.25
C ALA A 309 13.33 -21.42 -27.37
N GLN A 310 14.07 -22.33 -27.99
CA GLN A 310 13.63 -23.71 -28.14
C GLN A 310 13.59 -24.38 -26.77
N TYR A 311 14.52 -24.00 -25.91
CA TYR A 311 14.59 -24.55 -24.57
C TYR A 311 13.37 -24.14 -23.76
N PHE A 312 13.08 -22.86 -23.76
CA PHE A 312 11.94 -22.33 -23.01
C PHE A 312 10.62 -22.78 -23.63
N LYS A 313 10.66 -23.16 -24.90
CA LYS A 313 9.48 -23.66 -25.59
C LYS A 313 9.21 -25.12 -25.22
N ASP A 314 10.28 -25.91 -25.10
CA ASP A 314 10.15 -27.34 -24.76
C ASP A 314 10.09 -27.57 -23.25
N ARG A 315 11.11 -27.08 -22.55
CA ARG A 315 11.26 -27.34 -21.12
C ARG A 315 10.20 -26.65 -20.27
N HIS A 316 10.06 -25.34 -20.44
CA HIS A 316 9.14 -24.56 -19.61
C HIS A 316 7.81 -24.27 -20.28
N LYS A 317 7.60 -24.88 -21.45
CA LYS A 317 6.36 -24.71 -22.22
C LYS A 317 6.03 -23.25 -22.44
N LEU A 318 7.04 -22.44 -22.71
CA LEU A 318 6.83 -21.01 -22.88
C LEU A 318 7.38 -20.51 -24.21
N VAL A 319 6.50 -20.00 -25.05
CA VAL A 319 6.93 -19.39 -26.30
C VAL A 319 7.34 -17.95 -26.04
N LEU A 320 8.49 -17.56 -26.55
CA LEU A 320 9.01 -16.21 -26.31
C LEU A 320 8.22 -15.18 -27.13
N ARG A 321 7.67 -14.20 -26.42
CA ARG A 321 6.88 -13.15 -27.06
C ARG A 321 7.79 -12.19 -27.83
N TYR A 322 9.04 -12.09 -27.38
CA TYR A 322 10.03 -11.22 -28.02
C TYR A 322 11.35 -11.95 -28.19
N PRO A 323 11.42 -12.89 -29.16
CA PRO A 323 12.61 -13.72 -29.37
C PRO A 323 13.76 -12.98 -30.06
N HIS A 324 13.50 -11.80 -30.59
CA HIS A 324 14.51 -11.08 -31.35
C HIS A 324 15.44 -10.27 -30.45
N LEU A 325 15.12 -10.21 -29.16
CA LEU A 325 15.98 -9.52 -28.21
C LEU A 325 17.04 -10.47 -27.65
N PRO A 326 18.21 -9.91 -27.29
CA PRO A 326 19.31 -10.71 -26.74
C PRO A 326 18.98 -11.28 -25.36
N CYS A 327 19.91 -12.03 -24.78
CA CYS A 327 19.67 -12.65 -23.48
C CYS A 327 20.60 -12.08 -22.41
N LEU A 328 20.24 -12.30 -21.15
CA LEU A 328 21.10 -11.91 -20.06
C LEU A 328 21.97 -13.08 -19.64
N GLN A 329 23.28 -12.92 -19.78
CA GLN A 329 24.23 -13.91 -19.31
C GLN A 329 24.40 -13.73 -17.81
N VAL A 330 24.09 -14.80 -17.09
CA VAL A 330 24.03 -14.82 -15.63
C VAL A 330 24.98 -15.85 -15.05
N GLY A 331 25.67 -15.49 -13.98
CA GLY A 331 26.51 -16.45 -13.29
C GLY A 331 27.90 -16.57 -13.87
N GLN A 332 28.31 -17.80 -14.13
CA GLN A 332 29.65 -18.06 -14.64
C GLN A 332 29.68 -18.13 -16.17
N GLU A 333 30.72 -17.55 -16.77
CA GLU A 333 30.86 -17.56 -18.22
C GLU A 333 31.08 -18.98 -18.72
N GLN A 334 31.67 -19.80 -17.86
CA GLN A 334 31.91 -21.21 -18.15
C GLN A 334 30.65 -22.04 -17.99
N LYS A 335 29.68 -21.48 -17.28
CA LYS A 335 28.44 -22.20 -17.00
C LYS A 335 27.47 -22.06 -18.17
N HIS A 336 27.63 -20.98 -18.93
CA HIS A 336 26.76 -20.69 -20.07
C HIS A 336 25.30 -20.70 -19.67
N THR A 337 24.93 -19.75 -18.82
CA THR A 337 23.56 -19.62 -18.36
C THR A 337 22.97 -18.31 -18.87
N TYR A 338 21.95 -18.43 -19.71
CA TYR A 338 21.35 -17.26 -20.35
C TYR A 338 19.88 -17.17 -20.03
N LEU A 339 19.33 -15.95 -20.07
CA LEU A 339 17.93 -15.75 -19.71
C LEU A 339 17.26 -14.74 -20.64
N PRO A 340 16.12 -15.12 -21.24
CA PRO A 340 15.35 -14.14 -22.02
C PRO A 340 14.83 -13.00 -21.13
N LEU A 341 14.67 -11.82 -21.70
CA LEU A 341 14.30 -10.63 -20.95
C LEU A 341 12.89 -10.71 -20.37
N GLU A 342 12.02 -11.47 -21.03
CA GLU A 342 10.60 -11.50 -20.67
C GLU A 342 10.33 -12.43 -19.49
N VAL A 343 11.39 -13.04 -18.95
CA VAL A 343 11.26 -13.87 -17.76
C VAL A 343 12.06 -13.26 -16.62
N CYS A 344 12.60 -12.07 -16.83
CA CYS A 344 13.42 -11.40 -15.83
C CYS A 344 12.84 -10.08 -15.35
N ASN A 345 12.83 -9.88 -14.03
CA ASN A 345 12.45 -8.60 -13.44
C ASN A 345 13.61 -8.06 -12.61
N ILE A 346 13.84 -6.75 -12.66
CA ILE A 346 14.90 -6.17 -11.84
C ILE A 346 14.48 -6.10 -10.38
N VAL A 347 15.24 -6.78 -9.51
CA VAL A 347 14.92 -6.82 -8.09
C VAL A 347 15.16 -5.44 -7.46
N ALA A 348 14.22 -5.02 -6.61
CA ALA A 348 14.31 -3.74 -5.94
C ALA A 348 15.35 -3.75 -4.83
N GLY A 349 15.74 -2.56 -4.39
CA GLY A 349 16.73 -2.41 -3.34
C GLY A 349 18.14 -2.25 -3.88
N GLN A 350 18.25 -2.06 -5.19
CA GLN A 350 19.55 -1.89 -5.83
C GLN A 350 19.88 -0.43 -6.12
N ARG A 351 20.77 0.16 -5.32
CA ARG A 351 21.19 1.54 -5.52
C ARG A 351 22.10 1.69 -6.74
N CYS A 352 21.96 2.82 -7.43
CA CYS A 352 22.75 3.10 -8.62
C CYS A 352 24.11 3.69 -8.24
N ILE A 353 25.12 3.37 -9.05
CA ILE A 353 26.48 3.86 -8.86
C ILE A 353 26.92 4.59 -10.12
N LYS A 354 26.25 4.29 -11.22
CA LYS A 354 26.59 4.86 -12.53
C LYS A 354 26.49 6.38 -12.50
N LYS A 355 27.15 7.03 -13.46
CA LYS A 355 27.15 8.48 -13.57
C LYS A 355 25.74 9.00 -13.84
N LEU A 356 25.43 10.16 -13.26
CA LEU A 356 24.12 10.77 -13.46
C LEU A 356 24.16 11.91 -14.47
N THR A 357 23.23 11.90 -15.41
CA THR A 357 23.17 12.95 -16.43
C THR A 357 22.64 14.26 -15.84
N ASP A 358 22.51 15.27 -16.68
CA ASP A 358 22.06 16.59 -16.24
C ASP A 358 20.66 16.56 -15.63
N ASN A 359 19.73 15.92 -16.33
CA ASN A 359 18.33 15.83 -15.88
C ASN A 359 18.17 14.99 -14.61
N GLN A 360 18.99 13.96 -14.48
CA GLN A 360 18.92 13.08 -13.33
C GLN A 360 19.43 13.78 -12.07
N THR A 361 20.59 14.42 -12.20
CA THR A 361 21.19 15.16 -11.10
C THR A 361 20.29 16.34 -10.73
N SER A 362 19.72 16.96 -11.76
CA SER A 362 18.79 18.06 -11.56
C SER A 362 17.59 17.61 -10.74
N THR A 363 16.88 16.60 -11.24
CA THR A 363 15.70 16.06 -10.56
C THR A 363 16.07 15.61 -9.15
N MET A 364 17.32 15.17 -8.96
CA MET A 364 17.78 14.80 -7.63
C MET A 364 17.80 16.01 -6.71
N ILE A 365 18.60 17.02 -7.06
CA ILE A 365 18.69 18.22 -6.25
C ILE A 365 17.41 19.07 -6.32
N ARG A 366 16.59 18.82 -7.32
CA ARG A 366 15.30 19.51 -7.43
C ARG A 366 14.23 18.80 -6.59
N ALA A 367 14.64 17.76 -5.86
CA ALA A 367 13.72 17.03 -5.00
C ALA A 367 14.35 16.73 -3.65
N THR A 368 15.64 17.04 -3.51
CA THR A 368 16.35 16.88 -2.25
C THR A 368 17.14 18.15 -1.96
N ALA A 369 17.74 18.22 -0.77
CA ALA A 369 18.50 19.38 -0.32
C ALA A 369 17.64 20.63 -0.40
N ARG A 370 16.37 20.48 -0.04
CA ARG A 370 15.39 21.55 -0.10
C ARG A 370 15.61 22.55 1.03
N SER A 371 14.76 23.57 1.07
CA SER A 371 14.84 24.60 2.11
C SER A 371 14.59 24.01 3.50
N ALA A 372 15.02 24.74 4.52
CA ALA A 372 14.90 24.30 5.91
C ALA A 372 13.46 23.95 6.33
N PRO A 373 12.45 24.75 5.93
CA PRO A 373 11.09 24.31 6.30
C PRO A 373 10.69 23.02 5.61
N ASP A 374 11.13 22.83 4.37
CA ASP A 374 10.81 21.62 3.62
C ASP A 374 11.42 20.40 4.29
N ARG A 375 12.71 20.48 4.63
CA ARG A 375 13.38 19.39 5.33
C ARG A 375 12.73 19.13 6.69
N GLN A 376 12.34 20.20 7.36
CA GLN A 376 11.67 20.12 8.66
C GLN A 376 10.37 19.31 8.55
N GLU A 377 9.54 19.67 7.57
CA GLU A 377 8.28 18.98 7.37
C GLU A 377 8.49 17.56 6.87
N GLU A 378 9.56 17.35 6.13
CA GLU A 378 9.90 16.00 5.65
C GLU A 378 10.25 15.09 6.82
N ILE A 379 11.03 15.62 7.75
CA ILE A 379 11.43 14.88 8.95
C ILE A 379 10.20 14.61 9.81
N SER A 380 9.33 15.60 9.93
CA SER A 380 8.08 15.44 10.68
C SER A 380 7.20 14.35 10.06
N LYS A 381 7.03 14.44 8.74
CA LYS A 381 6.26 13.48 7.96
C LYS A 381 6.84 12.08 8.12
N LEU A 382 8.15 12.00 8.11
CA LEU A 382 8.86 10.75 8.29
C LEU A 382 8.54 10.18 9.66
N MET A 383 8.61 11.02 10.69
CA MET A 383 8.35 10.57 12.04
C MET A 383 6.89 10.17 12.21
N ARG A 384 6.03 10.69 11.33
CA ARG A 384 4.63 10.36 11.37
C ARG A 384 4.38 9.02 10.69
N SER A 385 5.05 8.77 9.58
CA SER A 385 4.81 7.55 8.81
C SER A 385 5.68 6.37 9.23
N ALA A 386 6.76 6.62 9.95
CA ALA A 386 7.61 5.55 10.43
C ALA A 386 6.88 4.89 11.59
N ASP A 387 6.28 5.75 12.42
CA ASP A 387 5.43 5.32 13.53
C ASP A 387 6.16 4.32 14.44
N PHE A 388 7.08 4.83 15.25
CA PHE A 388 7.88 4.01 16.14
C PHE A 388 7.03 3.51 17.31
N ASN A 389 5.94 4.20 17.59
CA ASN A 389 5.11 3.90 18.75
C ASN A 389 4.13 2.74 18.54
N THR A 390 4.12 2.16 17.34
CA THR A 390 3.21 1.05 17.05
C THR A 390 3.99 -0.21 16.70
N ASP A 391 5.28 -0.06 16.46
CA ASP A 391 6.15 -1.18 16.13
C ASP A 391 6.38 -2.09 17.34
N PRO A 392 6.27 -3.41 17.12
CA PRO A 392 6.29 -4.43 18.19
C PRO A 392 7.60 -4.50 18.99
N TYR A 393 8.74 -4.34 18.31
CA TYR A 393 10.02 -4.46 19.00
C TYR A 393 10.30 -3.27 19.90
N VAL A 394 9.75 -2.12 19.54
CA VAL A 394 9.85 -0.93 20.39
C VAL A 394 8.89 -1.04 21.57
N ARG A 395 7.67 -1.48 21.30
CA ARG A 395 6.65 -1.62 22.34
C ARG A 395 6.97 -2.73 23.34
N GLU A 396 7.73 -3.73 22.90
CA GLU A 396 8.16 -4.84 23.74
C GLU A 396 8.98 -4.35 24.93
N PHE A 397 9.84 -3.37 24.67
CA PHE A 397 10.72 -2.81 25.70
C PHE A 397 10.10 -1.58 26.34
N GLY A 398 8.83 -1.34 26.04
CA GLY A 398 8.10 -0.23 26.62
C GLY A 398 8.70 1.14 26.35
N ILE A 399 9.14 1.36 25.11
CA ILE A 399 9.77 2.62 24.75
C ILE A 399 8.79 3.52 24.00
N MET A 400 8.72 4.78 24.41
CA MET A 400 7.83 5.74 23.78
C MET A 400 8.60 6.91 23.18
N VAL A 401 8.37 7.16 21.89
CA VAL A 401 9.02 8.25 21.19
C VAL A 401 8.03 9.34 20.82
N LYS A 402 8.35 10.58 21.20
CA LYS A 402 7.50 11.73 20.92
C LYS A 402 7.42 12.01 19.43
N ASP A 403 6.21 12.23 18.93
CA ASP A 403 6.02 12.40 17.49
C ASP A 403 6.26 13.84 17.04
N GLU A 404 6.54 14.73 17.98
CA GLU A 404 6.87 16.11 17.64
C GLU A 404 8.34 16.39 17.94
N MET A 405 8.97 17.22 17.10
CA MET A 405 10.38 17.57 17.32
C MET A 405 10.59 18.32 18.63
N THR A 406 11.79 18.20 19.19
CA THR A 406 12.13 18.81 20.46
C THR A 406 12.31 20.32 20.35
N ASP A 407 11.52 21.06 21.10
CA ASP A 407 11.66 22.50 21.21
C ASP A 407 12.90 22.84 22.01
N VAL A 408 13.71 23.76 21.51
CA VAL A 408 14.90 24.19 22.22
C VAL A 408 14.97 25.71 22.14
N THR A 409 15.39 26.35 23.22
CA THR A 409 15.37 27.80 23.33
C THR A 409 16.30 28.49 22.34
N GLY A 410 17.61 28.30 22.49
CA GLY A 410 18.58 28.90 21.60
C GLY A 410 18.70 30.40 21.74
N ARG A 411 19.78 30.96 21.20
CA ARG A 411 20.07 32.39 21.33
C ARG A 411 21.08 32.85 20.28
N VAL A 412 20.81 33.99 19.65
CA VAL A 412 21.68 34.53 18.60
C VAL A 412 22.72 35.51 19.17
N LEU A 413 23.98 35.12 19.06
CA LEU A 413 25.09 35.95 19.54
C LEU A 413 25.25 37.22 18.72
N GLN A 414 26.02 38.16 19.25
CA GLN A 414 26.20 39.46 18.62
C GLN A 414 27.44 39.53 17.74
N PRO A 415 27.25 39.85 16.46
CA PRO A 415 28.35 39.96 15.48
C PRO A 415 29.37 41.03 15.86
N PRO A 416 30.66 40.72 15.69
CA PRO A 416 31.76 41.64 16.01
C PRO A 416 31.92 42.74 14.96
N SER A 417 32.31 43.93 15.41
CA SER A 417 32.56 45.05 14.50
C SER A 417 33.87 44.85 13.75
N ILE A 418 33.81 44.92 12.42
CA ILE A 418 35.00 44.74 11.60
C ILE A 418 35.64 46.08 11.27
N LEU A 419 36.88 46.28 11.69
CA LEU A 419 37.51 47.59 11.51
C LEU A 419 38.36 47.65 10.24
N TYR A 420 37.89 48.49 9.33
CA TYR A 420 38.58 48.87 8.10
C TYR A 420 39.33 50.18 8.28
N GLY A 421 40.27 50.44 7.38
CA GLY A 421 41.15 51.58 7.54
C GLY A 421 41.17 52.41 6.26
N GLY A 422 42.29 53.03 5.94
CA GLY A 422 42.36 53.75 4.68
C GLY A 422 42.28 55.21 5.07
N ARG A 423 41.77 56.08 4.21
CA ARG A 423 41.59 57.47 4.65
C ARG A 423 40.51 57.70 5.71
N ASN A 424 39.37 57.04 5.56
CA ASN A 424 38.27 57.22 6.53
C ASN A 424 38.25 56.29 7.74
N LYS A 425 38.89 55.14 7.59
CA LYS A 425 38.94 54.09 8.60
C LYS A 425 37.52 53.73 9.04
N ALA A 426 36.68 53.41 8.05
CA ALA A 426 35.27 53.05 8.29
C ALA A 426 35.11 51.71 9.01
N ILE A 427 33.90 51.44 9.48
CA ILE A 427 33.62 50.19 10.17
C ILE A 427 32.55 49.40 9.43
N ALA A 428 32.72 48.10 9.36
CA ALA A 428 31.73 47.22 8.73
C ALA A 428 31.01 46.39 9.80
N THR A 429 29.68 46.50 9.83
CA THR A 429 28.88 45.70 10.75
C THR A 429 28.21 44.54 10.04
N PRO A 430 28.58 43.30 10.40
CA PRO A 430 28.03 42.08 9.80
C PRO A 430 26.52 42.00 9.96
N VAL A 431 25.77 42.22 8.87
CA VAL A 431 24.32 42.08 8.90
C VAL A 431 23.92 40.73 8.30
N GLN A 432 23.26 39.91 9.11
CA GLN A 432 22.84 38.56 8.71
C GLN A 432 24.03 37.72 8.28
N GLY A 433 25.18 38.00 8.88
CA GLY A 433 26.39 37.23 8.64
C GLY A 433 27.22 37.69 7.46
N VAL A 434 26.82 38.78 6.82
CA VAL A 434 27.53 39.31 5.65
C VAL A 434 27.78 40.81 5.75
N TRP A 435 28.98 41.25 5.36
CA TRP A 435 29.26 42.68 5.25
C TRP A 435 29.98 42.96 3.93
N ASP A 436 30.26 44.24 3.66
CA ASP A 436 30.93 44.64 2.43
C ASP A 436 31.93 45.76 2.65
N MET A 437 32.78 46.00 1.65
CA MET A 437 33.79 47.07 1.73
C MET A 437 33.36 48.32 0.98
N ARG A 438 32.05 48.51 0.86
CA ARG A 438 31.52 49.70 0.21
C ARG A 438 31.95 50.95 0.95
N ASN A 439 32.66 51.84 0.25
CA ASN A 439 33.24 53.05 0.84
C ASN A 439 34.22 52.71 1.96
N LYS A 440 34.88 51.56 1.86
CA LYS A 440 35.84 51.12 2.86
C LYS A 440 37.13 50.65 2.20
N GLN A 441 38.25 50.85 2.90
CA GLN A 441 39.55 50.42 2.40
C GLN A 441 40.27 49.59 3.47
N PHE A 442 41.20 48.73 3.01
CA PHE A 442 41.90 47.79 3.88
C PHE A 442 42.55 48.45 5.10
N HIS A 443 42.64 47.68 6.19
CA HIS A 443 43.27 48.15 7.42
C HIS A 443 44.74 48.47 7.16
N THR A 444 45.36 47.65 6.33
CA THR A 444 46.72 47.89 5.88
C THR A 444 46.81 47.51 4.40
N GLY A 445 46.59 48.50 3.54
CA GLY A 445 46.62 48.29 2.11
C GLY A 445 48.04 48.31 1.59
N ILE A 446 48.31 47.51 0.56
CA ILE A 446 49.65 47.44 -0.01
C ILE A 446 49.69 48.07 -1.39
N GLU A 447 50.58 49.05 -1.57
CA GLU A 447 50.77 49.66 -2.88
C GLU A 447 51.56 48.74 -3.80
N ILE A 448 50.85 48.03 -4.67
CA ILE A 448 51.50 47.14 -5.62
C ILE A 448 52.12 47.93 -6.75
N LYS A 449 53.45 47.89 -6.85
CA LYS A 449 54.17 48.67 -7.85
C LYS A 449 54.81 47.79 -8.94
N VAL A 450 55.27 46.61 -8.57
CA VAL A 450 55.91 45.70 -9.52
C VAL A 450 55.22 44.35 -9.51
N TRP A 451 54.67 43.95 -10.65
CA TRP A 451 53.97 42.67 -10.78
C TRP A 451 54.01 42.16 -12.22
N ALA A 452 53.79 40.86 -12.38
CA ALA A 452 53.91 40.23 -13.70
C ALA A 452 52.67 39.44 -14.12
N ILE A 453 52.59 39.16 -15.42
CA ILE A 453 51.49 38.38 -15.99
C ILE A 453 52.03 37.25 -16.87
N ALA A 454 51.68 36.01 -16.53
CA ALA A 454 52.11 34.85 -17.28
C ALA A 454 50.92 33.95 -17.61
N CYS A 455 50.33 34.16 -18.79
CA CYS A 455 49.16 33.39 -19.19
C CYS A 455 49.53 32.04 -19.79
N PHE A 456 48.99 30.96 -19.24
CA PHE A 456 49.26 29.61 -19.74
C PHE A 456 48.12 29.14 -20.64
N ALA A 457 47.08 29.97 -20.75
CA ALA A 457 45.97 29.66 -21.65
C ALA A 457 46.36 30.04 -23.08
N PRO A 458 45.82 29.32 -24.07
CA PRO A 458 46.10 29.62 -25.48
C PRO A 458 45.64 31.03 -25.86
N GLN A 459 46.49 31.73 -26.61
CA GLN A 459 46.20 33.10 -27.02
C GLN A 459 45.00 33.16 -27.96
N ARG A 460 44.71 32.02 -28.60
CA ARG A 460 43.58 31.91 -29.51
C ARG A 460 42.25 32.19 -28.82
N GLN A 461 42.12 31.73 -27.58
CA GLN A 461 40.90 31.93 -26.82
C GLN A 461 41.06 33.00 -25.74
N CYS A 462 42.28 33.49 -25.58
CA CYS A 462 42.56 34.54 -24.61
C CYS A 462 43.39 35.66 -25.22
N THR A 463 42.72 36.64 -25.82
CA THR A 463 43.39 37.72 -26.53
C THR A 463 44.08 38.69 -25.57
N GLU A 464 44.89 39.58 -26.12
CA GLU A 464 45.57 40.60 -25.33
C GLU A 464 44.59 41.65 -24.84
N VAL A 465 43.50 41.81 -25.58
CA VAL A 465 42.44 42.74 -25.20
C VAL A 465 41.79 42.29 -23.88
N HIS A 466 41.64 40.98 -23.74
CA HIS A 466 41.09 40.42 -22.51
C HIS A 466 42.01 40.73 -21.35
N LEU A 467 43.31 40.62 -21.60
CA LEU A 467 44.30 40.85 -20.56
C LEU A 467 44.36 42.32 -20.15
N LYS A 468 44.21 43.22 -21.12
CA LYS A 468 44.26 44.65 -20.82
C LYS A 468 42.99 45.12 -20.11
N SER A 469 41.85 44.60 -20.54
CA SER A 469 40.58 44.93 -19.90
C SER A 469 40.56 44.40 -18.46
N PHE A 470 41.06 43.17 -18.31
CA PHE A 470 41.21 42.56 -17.00
C PHE A 470 42.15 43.39 -16.15
N THR A 471 43.19 43.92 -16.77
CA THR A 471 44.15 44.77 -16.06
C THR A 471 43.50 46.04 -15.56
N GLU A 472 42.77 46.73 -16.44
CA GLU A 472 42.06 47.96 -16.06
C GLU A 472 41.08 47.72 -14.91
N GLN A 473 40.23 46.72 -15.07
CA GLN A 473 39.23 46.40 -14.07
C GLN A 473 39.89 46.04 -12.73
N LEU A 474 40.97 45.28 -12.81
CA LEU A 474 41.70 44.87 -11.60
C LEU A 474 42.33 46.08 -10.93
N ARG A 475 42.93 46.96 -11.71
CA ARG A 475 43.58 48.15 -11.17
C ARG A 475 42.58 49.06 -10.46
N LYS A 476 41.41 49.20 -11.06
CA LYS A 476 40.36 50.03 -10.48
C LYS A 476 39.88 49.45 -9.15
N ILE A 477 39.51 48.16 -9.18
CA ILE A 477 39.04 47.49 -7.96
C ILE A 477 40.12 47.53 -6.87
N SER A 478 41.37 47.33 -7.28
CA SER A 478 42.50 47.33 -6.38
C SER A 478 42.66 48.68 -5.69
N ARG A 479 42.66 49.75 -6.46
CA ARG A 479 42.84 51.08 -5.91
C ARG A 479 41.66 51.44 -5.00
N ASP A 480 40.48 50.96 -5.37
CA ASP A 480 39.28 51.19 -4.57
C ASP A 480 39.33 50.44 -3.24
N ALA A 481 40.00 49.29 -3.24
CA ALA A 481 40.05 48.44 -2.05
C ALA A 481 41.08 48.97 -1.05
N GLY A 482 41.96 49.85 -1.50
CA GLY A 482 43.02 50.38 -0.65
C GLY A 482 44.34 49.72 -0.97
N MET A 483 44.30 48.80 -1.93
CA MET A 483 45.50 48.13 -2.40
C MET A 483 45.74 48.53 -3.86
N PRO A 484 46.26 49.74 -4.08
CA PRO A 484 46.33 50.33 -5.42
C PRO A 484 47.36 49.70 -6.34
N ILE A 485 46.98 49.43 -7.58
CA ILE A 485 47.96 49.05 -8.60
C ILE A 485 48.55 50.31 -9.19
N GLN A 486 49.81 50.57 -8.87
CA GLN A 486 50.44 51.84 -9.21
C GLN A 486 50.81 51.95 -10.69
N GLY A 487 50.62 50.87 -11.44
CA GLY A 487 50.91 50.89 -12.86
C GLY A 487 50.83 49.54 -13.57
N GLN A 488 51.13 49.56 -14.87
CA GLN A 488 51.08 48.37 -15.70
C GLN A 488 52.09 47.31 -15.29
N PRO A 489 51.81 46.03 -15.62
CA PRO A 489 52.74 44.96 -15.26
C PRO A 489 54.08 45.09 -15.97
N CYS A 490 55.15 44.73 -15.29
CA CYS A 490 56.50 44.81 -15.86
C CYS A 490 56.78 43.62 -16.78
N PHE A 491 55.83 42.69 -16.83
CA PHE A 491 55.98 41.48 -17.62
C PHE A 491 54.60 40.98 -18.04
N CYS A 492 54.49 40.48 -19.27
CA CYS A 492 53.22 39.96 -19.78
C CYS A 492 53.46 39.06 -20.97
N LYS A 493 53.43 37.75 -20.73
CA LYS A 493 53.70 36.79 -21.79
C LYS A 493 52.83 35.53 -21.72
N TYR A 494 52.52 34.98 -22.89
CA TYR A 494 51.82 33.71 -22.95
C TYR A 494 52.83 32.57 -22.76
N ALA A 495 52.34 31.41 -22.36
CA ALA A 495 53.19 30.25 -22.16
C ALA A 495 52.38 28.96 -22.23
N GLN A 496 53.07 27.82 -22.09
CA GLN A 496 52.41 26.52 -22.11
C GLN A 496 53.32 25.45 -21.51
N GLY A 497 52.70 24.47 -20.86
CA GLY A 497 53.44 23.38 -20.24
C GLY A 497 53.96 23.76 -18.87
N ALA A 498 53.91 22.82 -17.93
CA ALA A 498 54.36 23.05 -16.57
C ALA A 498 55.88 23.19 -16.52
N ASP A 499 56.54 22.61 -17.52
CA ASP A 499 58.00 22.62 -17.58
C ASP A 499 58.53 24.02 -17.83
N SER A 500 57.64 24.93 -18.20
CA SER A 500 58.01 26.31 -18.48
C SER A 500 57.94 27.15 -17.20
N VAL A 501 57.31 26.60 -16.16
CA VAL A 501 57.10 27.35 -14.94
C VAL A 501 58.40 27.68 -14.19
N GLU A 502 59.10 26.64 -13.75
CA GLU A 502 60.32 26.82 -12.96
C GLU A 502 61.39 27.69 -13.62
N PRO A 503 61.68 27.48 -14.92
CA PRO A 503 62.71 28.37 -15.47
C PRO A 503 62.27 29.83 -15.55
N MET A 504 61.05 30.07 -16.01
CA MET A 504 60.57 31.44 -16.19
C MET A 504 60.58 32.20 -14.88
N PHE A 505 60.10 31.56 -13.82
CA PHE A 505 60.04 32.20 -12.53
C PHE A 505 61.42 32.61 -12.06
N ARG A 506 62.42 31.78 -12.34
CA ARG A 506 63.78 32.16 -11.97
C ARG A 506 64.20 33.41 -12.70
N HIS A 507 63.95 33.41 -14.00
CA HIS A 507 64.26 34.57 -14.83
C HIS A 507 63.49 35.79 -14.34
N LEU A 508 62.23 35.59 -14.00
CA LEU A 508 61.42 36.69 -13.52
C LEU A 508 61.98 37.25 -12.23
N LYS A 509 62.47 36.34 -11.39
CA LYS A 509 62.99 36.75 -10.11
C LYS A 509 64.32 37.51 -10.25
N ASN A 510 65.09 37.20 -11.30
CA ASN A 510 66.41 37.82 -11.45
C ASN A 510 66.43 39.10 -12.27
N THR A 511 65.37 39.32 -13.05
CA THR A 511 65.30 40.47 -13.94
C THR A 511 64.77 41.72 -13.27
N TYR A 512 63.59 41.63 -12.69
CA TYR A 512 62.91 42.80 -12.12
C TYR A 512 63.17 42.93 -10.63
N ALA A 513 63.73 44.06 -10.24
CA ALA A 513 64.12 44.31 -8.85
C ALA A 513 62.93 44.57 -7.94
N GLY A 514 62.68 43.62 -7.06
CA GLY A 514 61.64 43.74 -6.05
C GLY A 514 60.24 43.60 -6.58
N LEU A 515 59.98 42.52 -7.32
CA LEU A 515 58.63 42.24 -7.78
C LEU A 515 57.82 41.73 -6.60
N GLN A 516 56.52 41.99 -6.62
CA GLN A 516 55.66 41.65 -5.49
C GLN A 516 54.69 40.50 -5.76
N LEU A 517 54.31 40.32 -7.02
CA LEU A 517 53.29 39.36 -7.37
C LEU A 517 53.44 38.78 -8.77
N VAL A 518 53.07 37.52 -8.92
CA VAL A 518 53.02 36.88 -10.23
C VAL A 518 51.63 36.29 -10.46
N VAL A 519 50.87 36.90 -11.38
CA VAL A 519 49.52 36.45 -11.68
C VAL A 519 49.55 35.41 -12.79
N VAL A 520 48.98 34.24 -12.52
CA VAL A 520 49.02 33.14 -13.47
C VAL A 520 47.64 32.74 -14.00
N ILE A 521 47.38 33.08 -15.26
CA ILE A 521 46.10 32.73 -15.88
C ILE A 521 46.10 31.28 -16.35
N LEU A 522 45.13 30.51 -15.88
CA LEU A 522 45.03 29.09 -16.23
C LEU A 522 43.75 28.80 -17.01
N PRO A 523 43.83 27.89 -17.99
CA PRO A 523 42.70 27.52 -18.83
C PRO A 523 41.82 26.41 -18.23
N GLY A 524 41.83 26.29 -16.91
CA GLY A 524 41.06 25.26 -16.23
C GLY A 524 41.94 24.27 -15.51
N LYS A 525 41.41 23.08 -15.24
CA LYS A 525 42.14 22.04 -14.52
C LYS A 525 43.38 21.59 -15.28
N THR A 526 44.54 21.82 -14.68
CA THR A 526 45.82 21.52 -15.31
C THR A 526 46.90 21.24 -14.26
N PRO A 527 47.85 20.35 -14.58
CA PRO A 527 48.99 20.06 -13.71
C PRO A 527 49.92 21.27 -13.54
N VAL A 528 49.67 22.32 -14.32
CA VAL A 528 50.44 23.56 -14.23
C VAL A 528 50.30 24.20 -12.85
N TYR A 529 49.09 24.24 -12.33
CA TYR A 529 48.81 24.87 -11.03
C TYR A 529 49.68 24.29 -9.92
N ALA A 530 49.77 22.96 -9.86
CA ALA A 530 50.54 22.29 -8.82
C ALA A 530 52.03 22.66 -8.85
N GLU A 531 52.57 22.81 -10.04
CA GLU A 531 53.98 23.18 -10.18
C GLU A 531 54.18 24.66 -9.90
N VAL A 532 53.20 25.47 -10.29
CA VAL A 532 53.22 26.91 -10.00
C VAL A 532 53.30 27.13 -8.50
N LYS A 533 52.47 26.38 -7.77
CA LYS A 533 52.45 26.48 -6.32
C LYS A 533 53.68 25.83 -5.68
N ARG A 534 54.22 24.80 -6.32
CA ARG A 534 55.43 24.15 -5.82
C ARG A 534 56.64 25.09 -5.91
N VAL A 535 56.88 25.63 -7.09
CA VAL A 535 57.99 26.56 -7.31
C VAL A 535 57.77 27.87 -6.55
N GLY A 536 56.53 28.33 -6.53
CA GLY A 536 56.19 29.60 -5.89
C GLY A 536 56.30 29.56 -4.37
N ASP A 537 55.65 28.57 -3.75
CA ASP A 537 55.57 28.51 -2.30
C ASP A 537 56.81 27.94 -1.63
N THR A 538 57.42 26.94 -2.27
CA THR A 538 58.53 26.23 -1.64
C THR A 538 59.90 26.67 -2.16
N VAL A 539 60.05 26.66 -3.47
CA VAL A 539 61.35 26.88 -4.11
C VAL A 539 61.87 28.31 -4.00
N LEU A 540 61.12 29.26 -4.56
CA LEU A 540 61.61 30.64 -4.68
C LEU A 540 61.07 31.60 -3.63
N GLY A 541 59.84 31.35 -3.17
CA GLY A 541 59.22 32.21 -2.18
C GLY A 541 58.59 33.43 -2.82
N MET A 542 58.02 33.23 -4.00
CA MET A 542 57.38 34.31 -4.74
C MET A 542 55.86 34.29 -4.56
N ALA A 543 55.28 35.45 -4.28
CA ALA A 543 53.84 35.56 -4.13
C ALA A 543 53.14 35.33 -5.47
N THR A 544 52.41 34.22 -5.56
CA THR A 544 51.72 33.86 -6.80
C THR A 544 50.21 33.90 -6.63
N GLN A 545 49.51 34.34 -7.67
CA GLN A 545 48.06 34.35 -7.65
C GLN A 545 47.46 33.85 -8.97
N CYS A 546 46.90 32.65 -8.95
CA CYS A 546 46.32 32.06 -10.16
C CYS A 546 44.89 32.53 -10.39
N VAL A 547 44.54 32.74 -11.66
CA VAL A 547 43.19 33.14 -12.04
C VAL A 547 42.69 32.25 -13.17
N GLN A 548 41.48 31.71 -13.05
CA GLN A 548 40.93 30.87 -14.10
C GLN A 548 40.68 31.71 -15.36
N MET A 549 40.71 31.06 -16.51
CA MET A 549 40.64 31.75 -17.80
C MET A 549 39.40 32.61 -18.04
N LYS A 550 38.23 32.08 -17.70
CA LYS A 550 36.97 32.76 -17.96
C LYS A 550 36.82 34.07 -17.20
N ASN A 551 37.42 34.12 -16.01
CA ASN A 551 37.34 35.31 -15.18
C ASN A 551 38.26 36.41 -15.68
N VAL A 552 39.05 36.07 -16.69
CA VAL A 552 39.90 37.06 -17.33
C VAL A 552 39.15 37.62 -18.52
N GLN A 553 38.32 36.79 -19.14
CA GLN A 553 37.52 37.22 -20.28
C GLN A 553 36.38 38.16 -19.87
N ARG A 554 35.49 37.67 -19.01
CA ARG A 554 34.41 38.46 -18.49
C ARG A 554 34.64 38.72 -17.00
N THR A 555 34.75 40.00 -16.65
CA THR A 555 35.11 40.39 -15.29
C THR A 555 34.02 41.13 -14.52
N THR A 556 33.68 40.59 -13.35
CA THR A 556 32.75 41.25 -12.44
C THR A 556 33.54 41.83 -11.26
N PRO A 557 33.09 42.99 -10.74
CA PRO A 557 33.80 43.68 -9.64
C PRO A 557 33.90 42.87 -8.35
N GLN A 558 32.94 41.97 -8.13
CA GLN A 558 32.93 41.13 -6.94
C GLN A 558 34.10 40.13 -6.95
N THR A 559 34.28 39.46 -8.08
CA THR A 559 35.34 38.49 -8.27
C THR A 559 36.71 39.14 -8.08
N LEU A 560 36.88 40.31 -8.70
CA LEU A 560 38.12 41.05 -8.60
C LEU A 560 38.33 41.51 -7.16
N SER A 561 37.24 41.77 -6.46
CA SER A 561 37.32 42.21 -5.07
C SER A 561 37.86 41.11 -4.17
N ASN A 562 37.25 39.92 -4.23
CA ASN A 562 37.74 38.79 -3.46
C ASN A 562 39.17 38.42 -3.84
N LEU A 563 39.49 38.65 -5.11
CA LEU A 563 40.83 38.40 -5.60
C LEU A 563 41.80 39.38 -4.94
N CYS A 564 41.37 40.63 -4.79
CA CYS A 564 42.20 41.63 -4.13
C CYS A 564 42.39 41.27 -2.67
N LEU A 565 41.37 40.68 -2.06
CA LEU A 565 41.51 40.20 -0.68
C LEU A 565 42.63 39.17 -0.57
N LYS A 566 42.62 38.23 -1.53
CA LYS A 566 43.64 37.19 -1.53
C LYS A 566 45.03 37.79 -1.77
N ILE A 567 45.14 38.68 -2.73
CA ILE A 567 46.42 39.31 -3.05
C ILE A 567 46.97 40.07 -1.83
N ASN A 568 46.14 40.94 -1.27
CA ASN A 568 46.53 41.78 -0.15
C ASN A 568 46.97 40.93 1.04
N VAL A 569 46.38 39.76 1.20
CA VAL A 569 46.79 38.87 2.28
C VAL A 569 48.11 38.17 1.95
N LYS A 570 48.23 37.72 0.70
CA LYS A 570 49.43 37.01 0.24
C LYS A 570 50.69 37.87 0.24
N LEU A 571 50.50 39.19 0.22
CA LEU A 571 51.64 40.10 0.15
C LEU A 571 52.01 40.63 1.53
N GLY A 572 51.34 40.14 2.56
CA GLY A 572 51.68 40.49 3.93
C GLY A 572 50.87 41.63 4.50
N GLY A 573 49.84 42.06 3.77
CA GLY A 573 49.00 43.14 4.22
C GLY A 573 47.89 42.65 5.11
N VAL A 574 47.11 43.58 5.66
CA VAL A 574 46.01 43.22 6.55
C VAL A 574 44.68 43.71 5.99
N ASN A 575 43.84 42.77 5.57
CA ASN A 575 42.52 43.09 5.03
C ASN A 575 41.65 43.78 6.07
N ASN A 576 41.35 43.06 7.15
CA ASN A 576 40.52 43.60 8.21
C ASN A 576 40.82 42.95 9.55
N ILE A 577 40.54 43.68 10.63
CA ILE A 577 40.77 43.15 11.97
C ILE A 577 39.50 43.27 12.80
N LEU A 578 39.42 42.46 13.85
CA LEU A 578 38.34 42.58 14.81
C LEU A 578 38.50 43.91 15.53
N LEU A 579 37.39 44.51 15.94
CA LEU A 579 37.45 45.74 16.72
C LEU A 579 38.16 45.44 18.03
N PRO A 580 39.35 46.03 18.22
CA PRO A 580 40.22 45.78 19.36
C PRO A 580 39.51 45.95 20.70
N GLN A 581 38.71 47.01 20.81
CA GLN A 581 37.98 47.29 22.03
C GLN A 581 36.80 46.33 22.22
N GLY A 582 36.42 45.64 21.15
CA GLY A 582 35.31 44.72 21.19
C GLY A 582 35.73 43.26 21.12
N ARG A 583 36.55 42.85 22.08
CA ARG A 583 37.04 41.48 22.15
C ARG A 583 36.87 40.88 23.55
N PRO A 584 36.68 39.56 23.63
CA PRO A 584 36.60 38.89 24.93
C PRO A 584 37.86 39.13 25.76
N PRO A 585 37.74 39.11 27.10
CA PRO A 585 38.84 39.44 28.01
C PRO A 585 40.05 38.51 27.91
N VAL A 586 39.94 37.47 27.09
CA VAL A 586 41.05 36.54 26.89
C VAL A 586 42.20 37.27 26.20
N PHE A 587 41.88 38.32 25.47
CA PHE A 587 42.87 39.09 24.73
C PHE A 587 43.62 40.06 25.65
N GLN A 588 43.18 40.17 26.91
CA GLN A 588 43.83 41.07 27.85
C GLN A 588 45.26 40.62 28.16
N GLN A 589 45.53 39.34 27.93
CA GLN A 589 46.87 38.78 28.09
C GLN A 589 47.26 38.10 26.77
N PRO A 590 48.58 38.03 26.49
CA PRO A 590 49.08 37.39 25.26
C PRO A 590 48.55 35.97 25.05
N VAL A 591 47.78 35.78 23.99
CA VAL A 591 47.17 34.49 23.69
C VAL A 591 47.34 34.09 22.22
N ILE A 592 47.69 32.83 21.97
CA ILE A 592 47.87 32.32 20.62
C ILE A 592 46.75 31.36 20.23
N PHE A 593 46.30 31.45 18.99
CA PHE A 593 45.23 30.58 18.49
C PHE A 593 45.78 29.57 17.48
N LEU A 594 45.53 28.30 17.73
CA LEU A 594 46.02 27.23 16.88
C LEU A 594 44.89 26.51 16.18
N GLY A 595 45.14 26.12 14.94
CA GLY A 595 44.19 25.32 14.18
C GLY A 595 44.87 24.09 13.61
N ALA A 596 44.20 22.95 13.61
CA ALA A 596 44.83 21.73 13.16
C ALA A 596 43.87 20.88 12.33
N ASP A 597 44.38 20.37 11.21
CA ASP A 597 43.60 19.49 10.37
C ASP A 597 44.51 18.47 9.68
N VAL A 598 43.97 17.31 9.31
CA VAL A 598 44.76 16.26 8.67
C VAL A 598 44.14 15.81 7.34
N THR A 599 44.99 15.64 6.33
CA THR A 599 44.53 15.18 5.01
C THR A 599 45.18 13.84 4.66
N HIS A 600 44.37 12.93 4.13
CA HIS A 600 44.82 11.58 3.81
C HIS A 600 44.85 11.35 2.29
N PRO A 601 45.77 10.48 1.83
CA PRO A 601 45.95 10.18 0.40
C PRO A 601 44.77 9.41 -0.19
N PRO A 602 44.66 9.39 -1.54
CA PRO A 602 43.63 8.61 -2.21
C PRO A 602 43.74 7.12 -1.95
N LYS A 607 48.71 4.11 -1.70
CA LYS A 607 49.48 4.31 -0.47
C LYS A 607 50.49 5.45 -0.60
N LYS A 608 50.24 6.51 0.15
CA LYS A 608 51.13 7.67 0.22
C LYS A 608 51.04 8.22 1.64
N PRO A 609 52.02 9.04 2.05
CA PRO A 609 51.92 9.59 3.40
C PRO A 609 50.76 10.55 3.54
N SER A 610 50.21 10.64 4.75
CA SER A 610 49.19 11.64 5.05
C SER A 610 49.89 12.91 5.48
N ILE A 611 49.19 14.03 5.52
CA ILE A 611 49.85 15.26 5.94
C ILE A 611 49.01 16.02 6.96
N ALA A 612 49.66 16.41 8.05
CA ALA A 612 48.97 17.17 9.09
C ALA A 612 49.42 18.61 9.09
N ALA A 613 48.45 19.51 9.21
CA ALA A 613 48.70 20.94 9.17
C ALA A 613 48.24 21.62 10.44
N VAL A 614 49.14 22.40 11.04
CA VAL A 614 48.83 23.16 12.23
C VAL A 614 49.25 24.60 12.01
N VAL A 615 48.28 25.51 12.09
CA VAL A 615 48.54 26.92 11.90
C VAL A 615 48.44 27.63 13.24
N GLY A 616 48.96 28.85 13.30
CA GLY A 616 48.94 29.62 14.53
C GLY A 616 48.91 31.13 14.31
N SER A 617 48.14 31.84 15.12
CA SER A 617 48.06 33.30 15.01
C SER A 617 49.40 33.93 15.37
N MET A 618 49.71 35.06 14.75
CA MET A 618 51.01 35.70 14.94
C MET A 618 50.89 37.17 15.36
N ASP A 619 49.69 37.58 15.72
CA ASP A 619 49.45 38.92 16.27
C ASP A 619 48.24 38.92 17.19
N ALA A 620 47.87 40.10 17.66
CA ALA A 620 46.82 40.25 18.65
C ALA A 620 45.50 40.74 18.04
N HIS A 621 45.37 40.62 16.73
CA HIS A 621 44.17 41.10 16.05
C HIS A 621 42.98 40.14 16.16
N PRO A 622 43.15 38.83 15.87
CA PRO A 622 44.26 38.08 15.29
C PRO A 622 44.05 37.83 13.79
N ASN A 623 44.88 38.45 12.96
CA ASN A 623 44.70 38.35 11.51
C ASN A 623 45.74 37.48 10.83
N ARG A 624 47.00 37.69 11.18
CA ARG A 624 48.09 36.98 10.52
C ARG A 624 48.33 35.60 11.13
N TYR A 625 48.49 34.60 10.27
CA TYR A 625 48.74 33.24 10.73
C TYR A 625 49.98 32.66 10.04
N CYS A 626 50.73 31.86 10.78
CA CYS A 626 51.88 31.16 10.23
C CYS A 626 51.53 29.67 10.18
N ALA A 627 51.98 29.01 9.12
CA ALA A 627 51.61 27.64 8.85
C ALA A 627 52.74 26.64 9.05
N THR A 628 52.46 25.55 9.76
CA THR A 628 53.41 24.45 9.86
C THR A 628 52.75 23.19 9.33
N VAL A 629 53.50 22.42 8.55
CA VAL A 629 52.96 21.22 7.92
C VAL A 629 53.95 20.06 8.03
N ARG A 630 53.42 18.89 8.34
CA ARG A 630 54.25 17.70 8.44
C ARG A 630 53.66 16.54 7.65
N VAL A 631 54.49 15.52 7.45
CA VAL A 631 54.05 14.29 6.81
C VAL A 631 53.96 13.19 7.85
N GLN A 632 53.05 12.26 7.61
CA GLN A 632 52.76 11.20 8.57
C GLN A 632 52.40 9.87 7.94
N GLN A 633 52.11 8.94 8.84
CA GLN A 633 51.67 7.60 8.51
C GLN A 633 50.34 7.67 7.77
N HIS A 634 50.07 6.64 6.98
CA HIS A 634 48.87 6.57 6.16
C HIS A 634 47.58 6.57 6.98
N ARG A 635 46.73 7.55 6.71
CA ARG A 635 45.41 7.66 7.31
C ARG A 635 45.48 7.74 8.84
N GLN A 636 46.57 8.28 9.36
CA GLN A 636 46.68 8.50 10.80
C GLN A 636 46.28 9.93 11.12
N GLU A 637 45.10 10.10 11.72
CA GLU A 637 44.58 11.43 12.00
C GLU A 637 45.27 12.05 13.21
N ILE A 638 45.82 11.20 14.08
CA ILE A 638 46.53 11.66 15.25
C ILE A 638 47.85 12.32 14.83
N ILE A 639 47.94 13.62 15.03
CA ILE A 639 49.12 14.38 14.65
C ILE A 639 50.33 14.00 15.50
N GLN A 640 51.28 13.30 14.89
CA GLN A 640 52.44 12.77 15.60
C GLN A 640 53.44 13.84 16.05
N ASP A 641 54.01 14.57 15.10
CA ASP A 641 55.06 15.54 15.38
C ASP A 641 54.50 16.90 15.82
N LEU A 642 53.27 16.88 16.32
CA LEU A 642 52.56 18.10 16.71
C LEU A 642 53.36 18.98 17.66
N ALA A 643 54.07 18.35 18.58
CA ALA A 643 54.85 19.08 19.57
C ALA A 643 55.80 20.04 18.89
N ALA A 644 56.58 19.51 17.93
CA ALA A 644 57.55 20.35 17.24
C ALA A 644 56.86 21.44 16.45
N MET A 645 55.71 21.12 15.89
CA MET A 645 54.99 22.11 15.11
C MET A 645 54.56 23.23 16.02
N VAL A 646 54.05 22.86 17.19
CA VAL A 646 53.65 23.87 18.16
C VAL A 646 54.86 24.66 18.60
N ARG A 647 55.99 23.97 18.75
CA ARG A 647 57.20 24.66 19.16
C ARG A 647 57.53 25.74 18.16
N GLU A 648 57.50 25.39 16.88
CA GLU A 648 57.76 26.39 15.86
C GLU A 648 56.85 27.58 15.97
N LEU A 649 55.56 27.29 16.05
CA LEU A 649 54.58 28.36 16.11
C LEU A 649 54.80 29.22 17.34
N LEU A 650 55.08 28.57 18.47
CA LEU A 650 55.31 29.33 19.69
C LEU A 650 56.51 30.21 19.52
N ILE A 651 57.59 29.64 19.01
CA ILE A 651 58.78 30.43 18.76
C ILE A 651 58.48 31.57 17.82
N GLN A 652 57.79 31.29 16.72
CA GLN A 652 57.49 32.34 15.77
C GLN A 652 56.60 33.42 16.38
N PHE A 653 55.71 32.99 17.27
CA PHE A 653 54.85 33.94 17.94
C PHE A 653 55.68 34.91 18.78
N TYR A 654 56.64 34.37 19.52
CA TYR A 654 57.46 35.23 20.37
C TYR A 654 58.25 36.16 19.46
N LYS A 655 58.71 35.64 18.32
CA LYS A 655 59.43 36.49 17.38
C LYS A 655 58.59 37.58 16.74
N SER A 656 57.29 37.36 16.65
CA SER A 656 56.43 38.29 15.96
C SER A 656 55.71 39.27 16.88
N THR A 657 55.67 38.92 18.16
CA THR A 657 54.91 39.71 19.12
C THR A 657 55.76 40.26 20.28
N ARG A 658 56.91 39.61 20.52
CA ARG A 658 57.75 39.91 21.68
C ARG A 658 56.97 39.67 22.97
N PHE A 659 56.01 38.75 22.88
CA PHE A 659 55.23 38.35 24.04
C PHE A 659 55.16 36.82 24.12
N LYS A 660 55.13 36.31 25.35
CA LYS A 660 54.98 34.87 25.55
C LYS A 660 53.51 34.55 25.83
N PRO A 661 52.94 33.64 25.02
CA PRO A 661 51.52 33.25 25.12
C PRO A 661 51.15 32.71 26.50
N THR A 662 50.31 33.44 27.22
CA THR A 662 49.83 32.98 28.52
C THR A 662 48.73 31.94 28.33
N ARG A 663 48.15 31.92 27.14
CA ARG A 663 47.07 30.99 26.82
C ARG A 663 47.25 30.36 25.44
N ILE A 664 46.77 29.13 25.29
CA ILE A 664 46.80 28.45 23.99
C ILE A 664 45.44 27.88 23.64
N ILE A 665 44.84 28.38 22.56
CA ILE A 665 43.55 27.91 22.12
C ILE A 665 43.69 27.01 20.89
N PHE A 666 43.45 25.73 21.07
CA PHE A 666 43.69 24.72 20.04
C PHE A 666 42.41 24.19 19.43
N TYR A 667 42.10 24.65 18.22
CA TYR A 667 40.92 24.17 17.49
C TYR A 667 41.24 22.95 16.63
N ARG A 668 40.92 21.77 17.13
CA ARG A 668 41.17 20.54 16.39
C ARG A 668 39.98 20.23 15.48
N ALA A 669 40.25 20.05 14.20
CA ALA A 669 39.19 19.81 13.23
C ALA A 669 39.45 18.54 12.43
N GLY A 670 38.45 17.68 12.33
CA GLY A 670 38.57 16.48 11.53
C GLY A 670 38.40 15.18 12.30
N VAL A 671 38.47 15.26 13.63
CA VAL A 671 38.36 14.06 14.44
C VAL A 671 36.92 13.85 14.87
N SER A 672 36.52 12.59 14.98
CA SER A 672 35.17 12.27 15.41
C SER A 672 35.21 11.84 16.87
N GLU A 673 34.06 11.50 17.42
CA GLU A 673 33.95 11.14 18.82
C GLU A 673 34.72 9.89 19.22
N GLY A 674 34.72 8.89 18.34
CA GLY A 674 35.36 7.63 18.62
C GLY A 674 36.87 7.73 18.73
N GLN A 675 37.39 8.89 18.36
CA GLN A 675 38.83 9.10 18.36
C GLN A 675 39.24 10.07 19.47
N PHE A 676 38.26 10.62 20.19
CA PHE A 676 38.54 11.65 21.18
C PHE A 676 39.58 11.26 22.24
N GLN A 677 39.30 10.14 22.91
CA GLN A 677 40.15 9.63 23.98
C GLN A 677 41.57 9.46 23.49
N GLN A 678 41.70 9.02 22.24
CA GLN A 678 43.01 8.80 21.68
C GLN A 678 43.68 10.14 21.43
N VAL A 679 43.03 10.98 20.63
CA VAL A 679 43.59 12.26 20.26
C VAL A 679 43.94 13.12 21.47
N LEU A 680 42.96 13.27 22.36
CA LEU A 680 43.14 14.08 23.55
C LEU A 680 44.28 13.56 24.39
N HIS A 681 44.50 12.25 24.38
CA HIS A 681 45.59 11.74 25.19
C HIS A 681 46.95 12.15 24.63
N HIS A 682 47.15 11.96 23.33
CA HIS A 682 48.46 12.25 22.76
C HIS A 682 48.70 13.72 22.50
N GLU A 683 47.82 14.30 21.71
CA GLU A 683 48.01 15.64 21.19
C GLU A 683 48.07 16.68 22.31
N LEU A 684 47.28 16.51 23.36
CA LEU A 684 47.33 17.46 24.45
C LEU A 684 48.68 17.40 25.12
N LEU A 685 49.17 16.18 25.35
CA LEU A 685 50.50 16.04 25.91
C LEU A 685 51.50 16.61 24.92
N ALA A 686 51.27 16.35 23.64
CA ALA A 686 52.15 16.85 22.60
C ALA A 686 52.22 18.36 22.67
N ILE A 687 51.09 18.99 22.96
CA ILE A 687 51.10 20.43 23.13
C ILE A 687 51.84 20.84 24.40
N ARG A 688 51.49 20.19 25.50
CA ARG A 688 52.09 20.48 26.80
C ARG A 688 53.59 20.22 26.80
N GLU A 689 53.99 19.14 26.14
CA GLU A 689 55.40 18.79 26.01
C GLU A 689 56.16 19.91 25.32
N ALA A 690 55.55 20.49 24.28
CA ALA A 690 56.18 21.55 23.52
C ALA A 690 56.43 22.76 24.40
N CYS A 691 55.58 22.92 25.41
CA CYS A 691 55.68 24.03 26.33
C CYS A 691 56.77 23.84 27.39
N ILE A 692 57.20 22.59 27.59
CA ILE A 692 58.22 22.30 28.61
C ILE A 692 59.64 22.39 28.05
N LYS A 693 59.86 21.76 26.91
CA LYS A 693 61.17 21.73 26.28
C LYS A 693 61.62 23.10 25.75
N LEU A 694 60.69 24.04 25.65
CA LEU A 694 61.02 25.37 25.15
C LEU A 694 61.78 26.20 26.17
N GLU A 695 61.07 26.65 27.21
CA GLU A 695 61.70 27.48 28.23
C GLU A 695 61.23 27.16 29.65
N LYS A 696 62.18 26.81 30.50
CA LYS A 696 61.99 26.66 31.94
C LYS A 696 60.72 25.89 32.32
N ASP A 697 59.94 26.52 33.19
CA ASP A 697 58.69 25.97 33.68
C ASP A 697 57.51 26.82 33.17
N TYR A 698 57.52 27.06 31.86
CA TYR A 698 56.50 27.85 31.19
C TYR A 698 55.35 26.95 30.75
N GLN A 699 54.25 27.03 31.49
CA GLN A 699 53.07 26.19 31.23
C GLN A 699 51.80 27.03 31.13
N PRO A 700 51.46 27.46 29.92
CA PRO A 700 50.23 28.23 29.69
C PRO A 700 49.01 27.32 29.67
N GLY A 701 47.82 27.90 29.78
CA GLY A 701 46.60 27.12 29.78
C GLY A 701 46.22 26.67 28.38
N ILE A 702 46.07 25.36 28.21
CA ILE A 702 45.68 24.82 26.92
C ILE A 702 44.18 24.60 26.90
N THR A 703 43.52 25.07 25.84
CA THR A 703 42.09 24.82 25.69
C THR A 703 41.85 24.03 24.43
N PHE A 704 41.73 22.70 24.59
CA PHE A 704 41.57 21.78 23.48
C PHE A 704 40.09 21.69 23.08
N ILE A 705 39.78 22.19 21.89
CA ILE A 705 38.42 22.21 21.35
C ILE A 705 38.33 21.45 20.01
N VAL A 706 37.28 20.65 19.84
CA VAL A 706 37.09 19.90 18.61
C VAL A 706 35.92 20.43 17.78
N VAL A 707 36.24 20.91 16.58
CA VAL A 707 35.24 21.41 15.63
C VAL A 707 34.70 20.26 14.78
N GLN A 708 33.40 20.23 14.57
CA GLN A 708 32.78 19.15 13.80
C GLN A 708 31.64 19.69 12.94
N LYS A 709 31.82 19.57 11.62
CA LYS A 709 30.82 20.04 10.66
C LYS A 709 29.98 18.87 10.17
N ARG A 710 30.53 17.66 10.32
CA ARG A 710 29.87 16.45 9.86
C ARG A 710 29.05 15.79 10.97
N HIS A 711 27.76 16.08 11.03
CA HIS A 711 26.87 15.44 12.00
C HIS A 711 25.41 15.54 11.56
N HIS A 712 24.56 14.70 12.12
CA HIS A 712 23.15 14.68 11.72
C HIS A 712 22.29 15.51 12.65
N THR A 713 22.72 16.73 12.95
CA THR A 713 21.94 17.63 13.80
C THR A 713 21.49 18.84 13.01
N ARG A 714 20.18 19.05 12.96
CA ARG A 714 19.59 20.17 12.24
C ARG A 714 18.85 21.09 13.21
N LEU A 715 18.77 22.38 12.88
CA LEU A 715 18.06 23.34 13.72
C LEU A 715 17.13 24.18 12.86
N PHE A 716 15.89 24.37 13.34
CA PHE A 716 14.90 25.10 12.56
C PHE A 716 14.22 26.19 13.40
N CYS A 717 13.84 27.28 12.75
CA CYS A 717 13.13 28.36 13.42
C CYS A 717 11.69 27.98 13.69
N THR A 718 11.26 28.15 14.93
CA THR A 718 9.89 27.85 15.31
C THR A 718 8.93 28.88 14.70
N ASP A 719 9.29 30.15 14.84
CA ASP A 719 8.52 31.23 14.24
C ASP A 719 8.84 31.39 12.76
N LYS A 720 7.82 31.51 11.93
CA LYS A 720 7.97 31.62 10.49
C LYS A 720 8.67 32.93 10.10
N ASN A 721 8.52 33.95 10.95
CA ASN A 721 9.13 35.24 10.71
C ASN A 721 10.62 35.26 11.02
N GLU A 722 11.07 34.26 11.76
CA GLU A 722 12.48 34.18 12.15
C GLU A 722 13.34 33.53 11.07
N ARG A 723 12.68 32.93 10.08
CA ARG A 723 13.39 32.30 8.97
C ARG A 723 14.19 33.34 8.20
N VAL A 724 15.34 32.93 7.68
CA VAL A 724 16.24 33.86 7.00
C VAL A 724 16.49 33.45 5.56
N GLY A 725 16.17 34.35 4.63
CA GLY A 725 16.43 34.12 3.22
C GLY A 725 15.50 33.11 2.57
N LYS A 726 15.83 32.76 1.33
CA LYS A 726 15.08 31.77 0.56
C LYS A 726 15.13 30.40 1.22
N SER A 727 16.32 30.01 1.65
CA SER A 727 16.50 28.71 2.28
C SER A 727 15.74 28.64 3.60
N GLY A 728 15.47 29.80 4.18
CA GLY A 728 14.68 29.89 5.40
C GLY A 728 15.38 29.23 6.57
N ASN A 729 16.69 29.42 6.64
CA ASN A 729 17.48 28.84 7.73
C ASN A 729 17.58 29.77 8.93
N ILE A 730 18.14 29.24 10.02
CA ILE A 730 18.35 30.02 11.23
C ILE A 730 19.40 31.12 10.98
N PRO A 731 19.25 32.27 11.66
CA PRO A 731 20.16 33.41 11.50
C PRO A 731 21.59 33.11 11.95
N ALA A 732 22.56 33.71 11.28
CA ALA A 732 23.97 33.48 11.58
C ALA A 732 24.33 33.97 12.98
N GLY A 733 24.85 33.06 13.81
CA GLY A 733 25.19 33.39 15.17
C GLY A 733 24.35 32.60 16.14
N THR A 734 23.49 31.74 15.60
CA THR A 734 22.62 30.92 16.43
C THR A 734 23.41 29.97 17.33
N THR A 735 23.20 30.07 18.64
CA THR A 735 23.94 29.26 19.60
C THR A 735 23.03 28.40 20.47
N VAL A 736 23.36 27.11 20.56
CA VAL A 736 22.58 26.17 21.38
C VAL A 736 23.47 25.32 22.28
N ASP A 737 23.27 25.40 23.60
CA ASP A 737 24.03 24.55 24.51
C ASP A 737 23.12 23.85 25.53
N THR A 738 21.88 23.56 25.11
CA THR A 738 20.93 22.92 26.01
C THR A 738 20.12 21.83 25.30
N LYS A 739 19.53 20.94 26.10
CA LYS A 739 18.62 19.89 25.65
C LYS A 739 19.21 18.88 24.66
N ILE A 740 19.74 19.34 23.54
CA ILE A 740 20.25 18.40 22.54
C ILE A 740 21.75 18.19 22.68
N THR A 741 22.37 18.88 23.64
CA THR A 741 23.80 18.77 23.85
C THR A 741 24.13 17.69 24.88
N HIS A 742 25.43 17.48 25.12
CA HIS A 742 25.89 16.46 26.05
C HIS A 742 25.43 16.75 27.47
N PRO A 743 25.04 15.70 28.22
CA PRO A 743 24.52 15.84 29.58
C PRO A 743 25.51 16.49 30.58
N THR A 744 26.78 16.13 30.51
CA THR A 744 27.75 16.57 31.52
C THR A 744 28.92 17.36 30.96
N GLU A 745 29.37 17.02 29.76
CA GLU A 745 30.59 17.60 29.20
C GLU A 745 30.37 18.97 28.54
N PHE A 746 31.46 19.63 28.21
CA PHE A 746 31.43 20.99 27.66
C PHE A 746 31.36 20.96 26.13
N ASP A 747 30.16 21.12 25.60
CA ASP A 747 29.96 21.18 24.15
C ASP A 747 28.83 22.14 23.78
N PHE A 748 28.87 22.66 22.54
CA PHE A 748 27.81 23.57 22.09
C PHE A 748 27.72 23.62 20.57
N TYR A 749 26.50 23.80 20.08
CA TYR A 749 26.25 24.01 18.67
C TYR A 749 26.31 25.50 18.34
N LEU A 750 26.97 25.83 17.23
CA LEU A 750 27.03 27.21 16.78
C LEU A 750 26.87 27.32 15.26
N CYS A 751 25.72 27.82 14.83
CA CYS A 751 25.53 28.13 13.43
C CYS A 751 26.04 29.56 13.22
N SER A 752 27.30 29.65 12.78
CA SER A 752 27.99 30.94 12.67
C SER A 752 27.89 31.56 11.28
N HIS A 753 27.30 30.83 10.34
CA HIS A 753 27.22 31.30 8.96
C HIS A 753 25.77 31.41 8.50
N ALA A 754 25.54 32.22 7.48
CA ALA A 754 24.22 32.35 6.89
C ALA A 754 24.02 31.29 5.81
N GLY A 755 22.87 30.62 5.84
CA GLY A 755 22.56 29.57 4.90
C GLY A 755 22.26 30.12 3.50
N ILE A 756 23.12 29.79 2.55
CA ILE A 756 22.94 30.21 1.17
C ILE A 756 21.94 29.30 0.45
N GLN A 757 22.07 28.01 0.69
CA GLN A 757 21.23 27.00 0.04
C GLN A 757 20.90 25.88 1.01
N GLY A 758 19.72 25.28 0.84
CA GLY A 758 19.34 24.12 1.64
C GLY A 758 19.15 24.41 3.11
N THR A 759 19.64 23.51 3.95
CA THR A 759 19.54 23.64 5.39
C THR A 759 20.93 23.73 6.01
N SER A 760 21.16 24.78 6.80
CA SER A 760 22.46 25.03 7.40
C SER A 760 22.92 23.92 8.32
N ARG A 761 24.22 23.66 8.30
CA ARG A 761 24.83 22.72 9.24
C ARG A 761 25.53 23.48 10.35
N PRO A 762 24.89 23.58 11.53
CA PRO A 762 25.48 24.29 12.66
C PRO A 762 26.74 23.58 13.14
N SER A 763 27.88 24.27 13.09
CA SER A 763 29.15 23.67 13.49
C SER A 763 29.12 23.29 14.96
N HIS A 764 29.52 22.06 15.27
CA HIS A 764 29.53 21.62 16.66
C HIS A 764 30.92 21.75 17.26
N TYR A 765 30.97 22.28 18.48
CA TYR A 765 32.24 22.47 19.16
C TYR A 765 32.28 21.74 20.50
N HIS A 766 33.23 20.82 20.64
CA HIS A 766 33.36 20.03 21.85
C HIS A 766 34.69 20.29 22.55
N VAL A 767 34.63 20.86 23.74
CA VAL A 767 35.82 21.18 24.50
C VAL A 767 36.36 19.95 25.22
N LEU A 768 37.46 19.42 24.71
CA LEU A 768 38.06 18.23 25.29
C LEU A 768 38.96 18.59 26.45
N TRP A 769 39.33 19.86 26.54
CA TRP A 769 40.20 20.29 27.64
C TRP A 769 40.16 21.80 27.79
N ASP A 770 40.28 22.28 29.03
CA ASP A 770 40.23 23.72 29.26
C ASP A 770 40.90 24.10 30.58
N ASP A 771 42.12 24.61 30.48
CA ASP A 771 42.88 25.07 31.64
C ASP A 771 42.59 26.51 31.99
N ASN A 772 42.05 27.25 31.02
CA ASN A 772 41.81 28.68 31.21
C ASN A 772 40.49 28.95 31.90
N ARG A 773 39.72 27.87 32.09
CA ARG A 773 38.41 27.93 32.73
C ARG A 773 37.51 28.95 32.04
N PHE A 774 37.24 28.73 30.75
CA PHE A 774 36.32 29.58 29.98
C PHE A 774 34.88 29.46 30.47
N SER A 775 34.13 30.55 30.35
CA SER A 775 32.70 30.50 30.54
C SER A 775 32.08 30.15 29.20
N SER A 776 30.85 29.66 29.20
CA SER A 776 30.18 29.28 27.96
C SER A 776 30.10 30.46 27.00
N ASP A 777 29.63 31.59 27.54
CA ASP A 777 29.45 32.81 26.75
C ASP A 777 30.79 33.28 26.17
N GLU A 778 31.83 33.28 26.99
CA GLU A 778 33.11 33.81 26.54
C GLU A 778 33.68 32.98 25.39
N LEU A 779 33.66 31.65 25.55
CA LEU A 779 34.23 30.78 24.53
C LEU A 779 33.40 30.79 23.26
N GLN A 780 32.08 30.86 23.42
CA GLN A 780 31.18 30.90 22.26
C GLN A 780 31.36 32.20 21.48
N ILE A 781 31.44 33.32 22.19
CA ILE A 781 31.66 34.61 21.57
C ILE A 781 33.04 34.67 20.90
N LEU A 782 34.05 34.14 21.58
CA LEU A 782 35.40 34.08 21.02
C LEU A 782 35.43 33.28 19.73
N THR A 783 34.75 32.14 19.74
CA THR A 783 34.67 31.28 18.55
C THR A 783 33.95 31.97 17.40
N TYR A 784 32.76 32.50 17.68
CA TYR A 784 31.96 33.18 16.66
C TYR A 784 32.69 34.40 16.11
N GLN A 785 33.54 34.99 16.95
CA GLN A 785 34.31 36.17 16.57
C GLN A 785 35.47 35.74 15.67
N LEU A 786 36.02 34.56 15.94
CA LEU A 786 37.11 34.02 15.13
C LEU A 786 36.61 33.55 13.78
N CYS A 787 35.29 33.45 13.64
CA CYS A 787 34.67 33.10 12.37
C CYS A 787 34.56 34.33 11.46
N HIS A 788 34.95 35.48 11.99
CA HIS A 788 34.91 36.73 11.23
C HIS A 788 36.31 37.18 10.83
N THR A 789 37.33 36.45 11.29
CA THR A 789 38.71 36.79 10.99
C THR A 789 39.18 36.07 9.72
N TYR A 790 38.23 35.49 8.99
CA TYR A 790 38.53 34.83 7.72
C TYR A 790 38.82 35.90 6.68
N VAL A 791 39.98 35.79 6.03
CA VAL A 791 40.49 36.89 5.20
C VAL A 791 40.19 36.77 3.70
N ARG A 792 39.50 35.72 3.30
CA ARG A 792 39.24 35.49 1.89
C ARG A 792 37.89 36.03 1.44
N CYS A 793 37.05 36.43 2.40
CA CYS A 793 35.75 36.99 2.08
C CYS A 793 35.19 37.87 3.20
N THR A 794 34.27 38.75 2.83
CA THR A 794 33.63 39.64 3.80
C THR A 794 32.37 39.02 4.39
N ARG A 795 32.48 37.76 4.80
CA ARG A 795 31.35 37.04 5.36
C ARG A 795 31.76 36.31 6.63
N SER A 796 30.78 35.76 7.34
CA SER A 796 31.05 34.91 8.49
C SER A 796 31.07 33.47 8.02
N VAL A 797 32.15 32.75 8.32
CA VAL A 797 32.29 31.37 7.86
C VAL A 797 31.76 30.39 8.90
N SER A 798 31.53 29.15 8.46
CA SER A 798 30.92 28.13 9.31
C SER A 798 31.81 27.66 10.45
N ILE A 799 33.11 27.59 10.20
CA ILE A 799 34.07 27.17 11.21
C ILE A 799 35.09 28.28 11.46
N PRO A 800 35.72 28.29 12.64
CA PRO A 800 36.72 29.32 12.95
C PRO A 800 37.86 29.39 11.93
N ALA A 801 38.42 30.58 11.78
CA ALA A 801 39.48 30.82 10.81
C ALA A 801 40.71 29.91 10.97
N PRO A 802 41.18 29.66 12.21
CA PRO A 802 42.35 28.77 12.31
C PRO A 802 42.13 27.36 11.73
N ALA A 803 40.97 26.76 12.00
CA ALA A 803 40.67 25.43 11.49
C ALA A 803 40.55 25.42 9.96
N TYR A 804 39.95 26.47 9.43
CA TYR A 804 39.75 26.61 8.00
C TYR A 804 41.13 26.76 7.32
N TYR A 805 41.97 27.60 7.91
CA TYR A 805 43.32 27.82 7.41
C TYR A 805 44.10 26.53 7.45
N ALA A 806 43.99 25.79 8.56
CA ALA A 806 44.70 24.52 8.70
C ALA A 806 44.28 23.56 7.59
N HIS A 807 42.99 23.62 7.24
CA HIS A 807 42.48 22.81 6.14
C HIS A 807 43.06 23.27 4.81
N LEU A 808 43.24 24.57 4.65
CA LEU A 808 43.80 25.10 3.41
C LEU A 808 45.28 24.76 3.27
N VAL A 809 46.01 24.82 4.38
CA VAL A 809 47.42 24.50 4.41
C VAL A 809 47.62 23.04 4.08
N ALA A 810 46.79 22.19 4.70
CA ALA A 810 46.85 20.77 4.42
C ALA A 810 46.56 20.50 2.95
N PHE A 811 45.47 21.08 2.43
CA PHE A 811 45.09 20.83 1.05
C PHE A 811 46.07 21.46 0.04
N ARG A 812 46.82 22.46 0.47
CA ARG A 812 47.88 23.07 -0.35
C ARG A 812 49.12 22.19 -0.40
N ALA A 813 49.45 21.59 0.74
CA ALA A 813 50.58 20.68 0.86
C ALA A 813 50.35 19.42 0.04
N ARG A 814 49.08 19.20 -0.32
CA ARG A 814 48.66 18.09 -1.16
C ARG A 814 49.22 18.22 -2.57
N TYR A 815 49.35 19.45 -3.05
CA TYR A 815 49.83 19.73 -4.39
C TYR A 815 51.35 19.68 -4.46
N HIS A 816 51.99 19.91 -3.32
CA HIS A 816 53.44 19.90 -3.22
C HIS A 816 54.03 18.50 -3.41
N ASP A 838 62.08 6.90 0.94
CA ASP A 838 61.48 7.91 0.10
C ASP A 838 60.65 8.90 0.92
N HIS A 839 60.33 8.51 2.15
CA HIS A 839 59.51 9.34 3.03
C HIS A 839 60.23 10.59 3.53
N GLN A 840 61.48 10.44 3.94
CA GLN A 840 62.25 11.58 4.42
C GLN A 840 62.60 12.52 3.28
N ALA A 841 62.51 12.01 2.05
CA ALA A 841 62.74 12.82 0.86
C ALA A 841 61.56 13.75 0.60
N LEU A 842 60.35 13.17 0.63
CA LEU A 842 59.13 13.94 0.40
C LEU A 842 58.76 14.79 1.62
N ALA A 843 59.41 14.50 2.75
CA ALA A 843 59.18 15.26 3.98
C ALA A 843 59.62 16.70 3.83
N LYS A 844 60.60 16.92 2.95
CA LYS A 844 61.14 18.25 2.71
C LYS A 844 60.43 18.93 1.54
N ALA A 845 59.52 18.21 0.90
CA ALA A 845 58.77 18.74 -0.23
C ALA A 845 57.68 19.69 0.25
N VAL A 846 57.21 19.46 1.47
CA VAL A 846 56.16 20.28 2.06
C VAL A 846 56.76 21.50 2.77
N GLN A 847 58.07 21.47 2.98
CA GLN A 847 58.75 22.58 3.63
C GLN A 847 58.72 23.81 2.73
N VAL A 848 57.82 24.74 3.06
CA VAL A 848 57.66 25.95 2.26
C VAL A 848 58.88 26.84 2.38
N HIS A 849 58.92 27.91 1.59
CA HIS A 849 60.09 28.77 1.53
C HIS A 849 60.29 29.59 2.80
N GLN A 850 61.51 30.10 2.97
CA GLN A 850 61.88 30.93 4.09
C GLN A 850 61.04 32.21 4.17
N ASP A 851 60.83 32.85 3.03
CA ASP A 851 60.07 34.10 2.99
C ASP A 851 58.57 33.83 2.93
N THR A 852 58.20 32.66 2.41
CA THR A 852 56.80 32.24 2.30
C THR A 852 56.22 31.91 3.68
N LEU A 853 57.06 31.36 4.55
CA LEU A 853 56.67 30.99 5.91
C LEU A 853 56.07 32.17 6.66
N ARG A 854 56.63 33.36 6.45
CA ARG A 854 56.18 34.54 7.16
C ARG A 854 54.96 35.17 6.48
N THR A 855 54.28 34.39 5.64
CA THR A 855 53.10 34.88 4.92
C THR A 855 51.96 33.85 4.95
N MET A 856 50.79 34.27 4.51
CA MET A 856 49.64 33.38 4.39
C MET A 856 49.44 32.99 2.94
N TYR A 857 50.39 32.21 2.42
CA TYR A 857 50.37 31.73 1.04
C TYR A 857 49.15 30.85 0.78
N PHE A 858 48.70 30.17 1.83
CA PHE A 858 47.61 29.22 1.73
C PHE A 858 46.28 29.91 1.45
N ALA A 859 46.22 31.22 1.74
CA ALA A 859 45.02 31.99 1.49
C ALA A 859 44.69 32.03 0.01
N ALA B 22 -16.52 -16.35 20.79
CA ALA B 22 -16.90 -16.54 19.40
C ALA B 22 -17.90 -17.67 19.24
N PHE B 23 -18.72 -17.88 20.27
CA PHE B 23 -19.71 -18.96 20.27
C PHE B 23 -21.15 -18.48 20.26
N LYS B 24 -21.52 -17.69 21.26
CA LYS B 24 -22.91 -17.27 21.44
C LYS B 24 -23.20 -15.85 20.99
N PRO B 25 -24.20 -15.70 20.10
CA PRO B 25 -24.66 -14.40 19.61
C PRO B 25 -25.23 -13.54 20.75
N PRO B 26 -25.11 -12.21 20.63
CA PRO B 26 -25.60 -11.29 21.67
C PRO B 26 -27.12 -11.20 21.69
N PRO B 27 -27.71 -11.05 22.89
CA PRO B 27 -29.16 -10.90 23.05
C PRO B 27 -29.62 -9.52 22.60
N ARG B 28 -30.90 -9.40 22.28
CA ARG B 28 -31.44 -8.12 21.83
C ARG B 28 -31.33 -7.05 22.91
N PRO B 29 -30.58 -5.98 22.62
CA PRO B 29 -30.33 -4.90 23.58
C PRO B 29 -31.59 -4.14 23.95
N ASP B 30 -32.36 -3.74 22.94
CA ASP B 30 -33.58 -2.98 23.17
C ASP B 30 -34.50 -3.08 21.97
N PHE B 31 -35.59 -2.35 22.01
CA PHE B 31 -36.49 -2.24 20.87
C PHE B 31 -36.45 -0.81 20.34
N GLY B 32 -36.27 -0.68 19.03
CA GLY B 32 -36.10 0.62 18.41
C GLY B 32 -37.30 1.51 18.66
N THR B 33 -37.03 2.80 18.78
CA THR B 33 -38.07 3.80 19.01
C THR B 33 -37.89 5.00 18.09
N SER B 34 -36.92 4.91 17.18
CA SER B 34 -36.62 5.99 16.25
C SER B 34 -37.46 5.91 14.98
N GLY B 35 -37.93 7.06 14.49
CA GLY B 35 -38.72 7.10 13.29
C GLY B 35 -40.22 7.15 13.51
N ARG B 36 -40.97 7.43 12.44
CA ARG B 36 -42.43 7.50 12.57
C ARG B 36 -43.03 6.10 12.44
N THR B 37 -44.06 5.81 13.22
CA THR B 37 -44.64 4.48 13.18
C THR B 37 -45.52 4.30 11.95
N ILE B 38 -45.55 3.08 11.43
CA ILE B 38 -46.40 2.80 10.27
C ILE B 38 -46.99 1.40 10.39
N LYS B 39 -48.31 1.29 10.35
CA LYS B 39 -48.98 0.01 10.53
C LYS B 39 -48.71 -0.96 9.39
N LEU B 40 -48.27 -2.16 9.74
CA LEU B 40 -47.90 -3.16 8.74
C LEU B 40 -48.58 -4.52 8.96
N GLN B 41 -48.51 -5.35 7.93
CA GLN B 41 -48.94 -6.75 8.01
C GLN B 41 -47.86 -7.62 7.40
N ALA B 42 -47.41 -8.61 8.15
CA ALA B 42 -46.39 -9.53 7.65
C ALA B 42 -47.05 -10.81 7.15
N ASN B 43 -46.33 -11.55 6.30
CA ASN B 43 -46.86 -12.80 5.77
C ASN B 43 -46.62 -13.96 6.74
N PHE B 44 -46.68 -13.65 8.03
CA PHE B 44 -46.58 -14.65 9.09
C PHE B 44 -47.97 -14.90 9.66
N PHE B 45 -48.29 -16.15 9.96
CA PHE B 45 -49.59 -16.51 10.53
C PHE B 45 -49.43 -17.20 11.89
N GLU B 46 -50.06 -16.66 12.92
CA GLU B 46 -49.85 -17.17 14.27
C GLU B 46 -50.27 -18.64 14.46
N MET B 47 -49.40 -19.40 15.12
CA MET B 47 -49.67 -20.81 15.38
C MET B 47 -49.87 -21.05 16.87
N ASP B 48 -50.91 -21.82 17.20
CA ASP B 48 -51.17 -22.21 18.57
C ASP B 48 -50.64 -23.61 18.83
N ILE B 49 -49.62 -23.72 19.67
CA ILE B 49 -48.94 -24.99 19.90
C ILE B 49 -49.02 -25.41 21.36
N PRO B 50 -49.51 -26.64 21.62
CA PRO B 50 -49.67 -27.19 22.96
C PRO B 50 -48.33 -27.46 23.66
N LYS B 51 -48.39 -27.74 24.95
CA LYS B 51 -47.19 -28.00 25.74
C LYS B 51 -46.90 -29.50 25.81
N ILE B 52 -47.62 -30.26 24.98
CA ILE B 52 -47.54 -31.71 24.97
C ILE B 52 -46.22 -32.21 24.40
N ASP B 53 -45.83 -33.43 24.72
CA ASP B 53 -44.61 -34.02 24.18
C ASP B 53 -44.90 -34.91 22.98
N ILE B 54 -44.26 -34.65 21.85
CA ILE B 54 -44.44 -35.50 20.69
C ILE B 54 -43.32 -36.54 20.63
N TYR B 55 -43.60 -37.71 20.06
CA TYR B 55 -42.62 -38.78 20.11
C TYR B 55 -41.98 -39.04 18.74
N HIS B 56 -40.65 -39.09 18.73
CA HIS B 56 -39.90 -39.24 17.49
C HIS B 56 -39.37 -40.67 17.37
N TYR B 57 -39.50 -41.20 16.17
CA TYR B 57 -39.10 -42.56 15.78
C TYR B 57 -38.33 -42.56 14.47
N GLU B 58 -37.40 -43.50 14.35
CA GLU B 58 -36.65 -43.69 13.11
C GLU B 58 -37.18 -44.86 12.29
N LEU B 59 -37.39 -44.61 11.01
CA LEU B 59 -37.81 -45.65 10.08
C LEU B 59 -36.63 -46.16 9.28
N ASP B 60 -36.78 -47.37 8.75
CA ASP B 60 -35.73 -47.96 7.95
C ASP B 60 -36.36 -48.71 6.78
N ILE B 61 -36.20 -48.15 5.58
CA ILE B 61 -36.74 -48.80 4.39
C ILE B 61 -35.56 -49.22 3.55
N LYS B 62 -35.39 -50.52 3.36
CA LYS B 62 -34.28 -51.03 2.58
C LYS B 62 -34.65 -51.43 1.14
N PRO B 63 -35.74 -52.19 0.94
CA PRO B 63 -36.09 -52.51 -0.44
C PRO B 63 -36.61 -51.31 -1.21
N CYS B 66 -35.23 -45.45 -3.23
CA CYS B 66 -36.66 -45.26 -3.48
C CYS B 66 -37.07 -43.82 -3.19
N PRO B 67 -37.86 -43.22 -4.10
CA PRO B 67 -38.30 -41.83 -3.97
C PRO B 67 -39.11 -41.58 -2.69
N ARG B 68 -39.09 -40.33 -2.25
CA ARG B 68 -39.67 -39.93 -0.97
C ARG B 68 -41.18 -40.15 -0.96
N ARG B 69 -41.82 -39.92 -2.10
CA ARG B 69 -43.26 -40.06 -2.19
C ARG B 69 -43.63 -41.54 -2.06
N VAL B 70 -42.79 -42.40 -2.61
CA VAL B 70 -42.99 -43.84 -2.46
C VAL B 70 -42.90 -44.19 -0.98
N ASN B 71 -41.92 -43.62 -0.28
CA ASN B 71 -41.81 -43.82 1.16
C ASN B 71 -43.08 -43.39 1.88
N ARG B 72 -43.66 -42.27 1.45
CA ARG B 72 -44.91 -41.78 2.05
C ARG B 72 -46.05 -42.77 1.81
N GLU B 73 -46.09 -43.37 0.63
CA GLU B 73 -47.11 -44.36 0.31
C GLU B 73 -46.93 -45.62 1.15
N ILE B 74 -45.66 -46.03 1.31
CA ILE B 74 -45.32 -47.20 2.11
C ILE B 74 -45.73 -46.98 3.55
N VAL B 75 -45.47 -45.79 4.08
CA VAL B 75 -45.88 -45.44 5.43
C VAL B 75 -47.40 -45.46 5.56
N GLU B 76 -48.10 -44.90 4.57
CA GLU B 76 -49.57 -44.91 4.58
C GLU B 76 -50.12 -46.34 4.65
N HIS B 77 -49.57 -47.21 3.82
CA HIS B 77 -49.99 -48.62 3.79
C HIS B 77 -49.61 -49.36 5.08
N MET B 78 -48.46 -49.03 5.66
CA MET B 78 -48.01 -49.67 6.88
C MET B 78 -48.93 -49.27 8.03
N VAL B 79 -49.36 -48.02 7.99
CA VAL B 79 -50.27 -47.48 8.99
C VAL B 79 -51.63 -48.16 8.90
N GLN B 80 -52.18 -48.23 7.68
CA GLN B 80 -53.52 -48.80 7.52
C GLN B 80 -53.58 -50.31 7.78
N HIS B 81 -52.44 -50.99 7.61
CA HIS B 81 -52.39 -52.44 7.77
C HIS B 81 -52.04 -52.89 9.19
N PHE B 82 -51.67 -51.93 10.03
CA PHE B 82 -51.26 -52.24 11.40
C PHE B 82 -51.96 -51.37 12.43
N LYS B 83 -53.22 -51.04 12.16
CA LYS B 83 -54.03 -50.25 13.08
C LYS B 83 -54.52 -51.09 14.26
N THR B 84 -54.59 -52.40 14.06
CA THR B 84 -55.07 -53.31 15.08
C THR B 84 -54.04 -53.52 16.17
N GLN B 85 -52.76 -53.41 15.81
CA GLN B 85 -51.68 -53.65 16.75
C GLN B 85 -51.18 -52.33 17.36
N ILE B 86 -50.86 -51.36 16.51
CA ILE B 86 -50.40 -50.06 16.98
C ILE B 86 -51.28 -48.96 16.36
N PHE B 87 -50.92 -47.70 16.59
CA PHE B 87 -51.62 -46.54 16.02
C PHE B 87 -53.08 -46.46 16.45
N GLY B 88 -53.31 -46.48 17.76
CA GLY B 88 -54.66 -46.38 18.28
C GLY B 88 -55.21 -44.97 18.25
N LYS B 91 -52.44 -41.76 14.29
CA LYS B 91 -52.20 -40.84 13.17
C LYS B 91 -50.82 -40.20 13.24
N PRO B 92 -49.81 -40.86 12.65
CA PRO B 92 -48.44 -40.36 12.64
C PRO B 92 -48.16 -39.42 11.46
N VAL B 93 -47.07 -38.66 11.55
CA VAL B 93 -46.65 -37.80 10.45
C VAL B 93 -45.30 -38.26 9.90
N PHE B 94 -45.03 -37.93 8.64
CA PHE B 94 -43.84 -38.42 7.97
C PHE B 94 -43.22 -37.33 7.10
N ASP B 95 -41.91 -37.18 7.20
CA ASP B 95 -41.17 -36.17 6.45
C ASP B 95 -40.63 -36.74 5.16
N GLY B 96 -40.60 -38.07 5.08
CA GLY B 96 -39.92 -38.73 4.00
C GLY B 96 -38.69 -39.38 4.61
N ARG B 97 -38.12 -40.33 3.90
CA ARG B 97 -36.90 -41.03 4.31
C ARG B 97 -37.03 -41.82 5.61
N LYS B 98 -36.36 -41.33 6.64
CA LYS B 98 -36.13 -42.10 7.86
C LYS B 98 -36.85 -41.63 9.14
N ASN B 99 -37.37 -40.40 9.13
CA ASN B 99 -37.93 -39.81 10.34
C ASN B 99 -39.45 -39.79 10.40
N LEU B 100 -40.01 -40.20 11.53
CA LEU B 100 -41.46 -40.23 11.73
C LEU B 100 -41.80 -39.74 13.13
N TYR B 101 -42.91 -39.03 13.26
CA TYR B 101 -43.35 -38.48 14.54
C TYR B 101 -44.79 -38.85 14.84
N THR B 102 -45.11 -39.00 16.13
CA THR B 102 -46.47 -39.27 16.55
C THR B 102 -46.87 -38.34 17.70
N ALA B 103 -48.15 -38.02 17.78
CA ALA B 103 -48.65 -37.17 18.86
C ALA B 103 -48.76 -37.98 20.14
N MET B 104 -49.29 -39.20 20.02
CA MET B 104 -49.40 -40.09 21.17
C MET B 104 -48.35 -41.18 21.09
N PRO B 105 -47.91 -41.69 22.25
CA PRO B 105 -46.89 -42.74 22.28
C PRO B 105 -47.41 -44.07 21.76
N LEU B 106 -46.51 -45.00 21.48
CA LEU B 106 -46.90 -46.29 20.95
C LEU B 106 -46.29 -47.42 21.77
N PRO B 107 -46.87 -48.64 21.70
CA PRO B 107 -46.26 -49.79 22.34
C PRO B 107 -44.95 -50.19 21.67
N ILE B 108 -43.86 -49.52 22.05
CA ILE B 108 -42.55 -49.78 21.49
C ILE B 108 -41.45 -49.57 22.53
N GLY B 109 -40.20 -49.54 22.07
CA GLY B 109 -39.06 -49.29 22.92
C GLY B 109 -37.84 -48.93 22.09
N ARG B 110 -36.70 -48.78 22.74
CA ARG B 110 -35.46 -48.46 22.04
C ARG B 110 -35.04 -49.62 21.14
N ASP B 111 -35.57 -50.80 21.45
CA ASP B 111 -35.31 -51.99 20.65
C ASP B 111 -35.91 -51.83 19.25
N LYS B 112 -35.27 -52.45 18.27
CA LYS B 112 -35.70 -52.36 16.88
C LYS B 112 -36.91 -53.26 16.64
N VAL B 113 -37.95 -52.70 16.04
CA VAL B 113 -39.15 -53.47 15.72
C VAL B 113 -39.36 -53.54 14.21
N GLU B 114 -39.06 -54.69 13.62
CA GLU B 114 -39.13 -54.86 12.17
C GLU B 114 -40.35 -55.66 11.73
N LEU B 115 -40.98 -55.21 10.64
CA LEU B 115 -42.15 -55.89 10.08
C LEU B 115 -42.13 -55.86 8.56
N GLU B 116 -43.14 -56.46 7.94
CA GLU B 116 -43.20 -56.54 6.48
C GLU B 116 -44.55 -56.08 5.93
N VAL B 117 -44.52 -55.36 4.81
CA VAL B 117 -45.75 -54.93 4.14
C VAL B 117 -45.66 -55.17 2.63
N THR B 118 -46.78 -55.07 1.92
CA THR B 118 -46.77 -55.30 0.48
C THR B 118 -47.62 -54.29 -0.30
N LEU B 119 -47.05 -53.77 -1.38
CA LEU B 119 -47.76 -52.83 -2.25
C LEU B 119 -47.72 -53.35 -3.68
N PRO B 120 -48.88 -53.71 -4.24
CA PRO B 120 -48.97 -54.22 -5.61
C PRO B 120 -48.50 -53.21 -6.65
N ILE B 127 -44.18 -54.74 -1.92
CA ILE B 127 -43.28 -55.79 -1.48
C ILE B 127 -42.08 -55.17 -0.76
N PHE B 128 -42.27 -54.81 0.50
CA PHE B 128 -41.23 -54.14 1.28
C PHE B 128 -41.12 -54.64 2.72
N LYS B 129 -39.98 -54.38 3.34
CA LYS B 129 -39.73 -54.72 4.73
C LYS B 129 -39.30 -53.47 5.49
N VAL B 130 -40.10 -53.04 6.46
CA VAL B 130 -39.85 -51.78 7.16
C VAL B 130 -39.49 -51.98 8.63
N SER B 131 -38.50 -51.22 9.10
CA SER B 131 -38.08 -51.32 10.51
C SER B 131 -38.31 -50.02 11.28
N ILE B 132 -39.20 -50.09 12.27
CA ILE B 132 -39.50 -48.95 13.13
C ILE B 132 -38.78 -49.08 14.47
N LYS B 133 -38.08 -48.03 14.88
CA LYS B 133 -37.37 -48.04 16.14
C LYS B 133 -37.54 -46.68 16.83
N TRP B 134 -37.78 -46.71 18.13
CA TRP B 134 -37.88 -45.48 18.89
C TRP B 134 -36.56 -44.72 18.92
N VAL B 135 -36.67 -43.39 18.91
CA VAL B 135 -35.50 -42.53 18.97
C VAL B 135 -35.51 -41.60 20.17
N SER B 136 -36.35 -40.57 20.12
CA SER B 136 -36.32 -39.60 21.21
C SER B 136 -37.65 -38.91 21.45
N CYS B 137 -37.75 -38.19 22.57
CA CYS B 137 -38.96 -37.44 22.87
C CYS B 137 -38.72 -35.95 22.67
N VAL B 138 -39.64 -35.31 21.95
CA VAL B 138 -39.54 -33.88 21.67
C VAL B 138 -40.59 -33.10 22.47
N SER B 139 -40.14 -32.45 23.54
CA SER B 139 -41.04 -31.71 24.41
C SER B 139 -41.33 -30.32 23.86
N LEU B 140 -42.60 -29.96 23.81
CA LEU B 140 -43.01 -28.63 23.33
C LEU B 140 -43.03 -27.62 24.48
N GLN B 141 -42.89 -28.10 25.71
CA GLN B 141 -42.77 -27.23 26.87
C GLN B 141 -41.42 -26.51 26.80
N ALA B 142 -40.41 -27.24 26.33
CA ALA B 142 -39.09 -26.68 26.13
C ALA B 142 -39.14 -25.63 25.04
N LEU B 143 -40.11 -25.76 24.13
CA LEU B 143 -40.26 -24.77 23.07
C LEU B 143 -40.84 -23.48 23.66
N HIS B 144 -41.81 -23.59 24.55
CA HIS B 144 -42.37 -22.42 25.23
C HIS B 144 -41.33 -21.74 26.11
N ASP B 145 -40.46 -22.55 26.71
CA ASP B 145 -39.38 -22.01 27.53
C ASP B 145 -38.28 -21.40 26.65
N ALA B 146 -38.19 -21.87 25.41
CA ALA B 146 -37.18 -21.36 24.48
C ALA B 146 -37.64 -20.03 23.89
N LEU B 147 -38.93 -19.97 23.54
CA LEU B 147 -39.55 -18.77 23.02
C LEU B 147 -39.56 -17.69 24.10
N SER B 148 -39.90 -18.09 25.32
CA SER B 148 -39.83 -17.17 26.44
C SER B 148 -38.38 -16.95 26.83
N GLY B 149 -38.15 -16.15 27.87
CA GLY B 149 -36.80 -15.80 28.27
C GLY B 149 -36.09 -16.88 29.07
N ARG B 150 -36.79 -18.00 29.30
CA ARG B 150 -36.26 -19.08 30.12
C ARG B 150 -35.09 -19.81 29.46
N LEU B 151 -35.37 -20.55 28.39
CA LEU B 151 -34.31 -21.27 27.69
C LEU B 151 -33.81 -20.40 26.54
N PRO B 152 -32.49 -20.19 26.48
CA PRO B 152 -31.87 -19.33 25.45
C PRO B 152 -31.90 -19.96 24.05
N SER B 153 -31.73 -21.28 23.98
CA SER B 153 -31.64 -21.96 22.70
C SER B 153 -33.00 -22.50 22.26
N VAL B 154 -33.35 -22.26 21.00
CA VAL B 154 -34.57 -22.83 20.43
C VAL B 154 -34.21 -24.14 19.73
N PRO B 155 -34.69 -25.26 20.29
CA PRO B 155 -34.39 -26.60 19.78
C PRO B 155 -34.75 -26.77 18.30
N PHE B 156 -33.73 -26.93 17.45
CA PHE B 156 -33.95 -27.07 16.02
C PHE B 156 -34.75 -28.32 15.66
N GLU B 157 -34.51 -29.41 16.38
CA GLU B 157 -35.21 -30.67 16.13
C GLU B 157 -36.71 -30.54 16.35
N THR B 158 -37.09 -29.68 17.28
CA THR B 158 -38.48 -29.41 17.58
C THR B 158 -39.14 -28.67 16.42
N ILE B 159 -38.45 -27.63 15.94
CA ILE B 159 -38.93 -26.85 14.81
C ILE B 159 -39.04 -27.72 13.57
N GLN B 160 -38.06 -28.61 13.39
CA GLN B 160 -38.07 -29.56 12.29
C GLN B 160 -39.30 -30.45 12.39
N ALA B 161 -39.57 -30.95 13.58
CA ALA B 161 -40.72 -31.82 13.83
C ALA B 161 -42.03 -31.12 13.46
N LEU B 162 -42.19 -29.90 13.95
CA LEU B 162 -43.37 -29.10 13.65
C LEU B 162 -43.51 -28.86 12.15
N ASP B 163 -42.38 -28.60 11.50
CA ASP B 163 -42.37 -28.38 10.06
C ASP B 163 -42.84 -29.64 9.35
N VAL B 164 -42.43 -30.79 9.86
CA VAL B 164 -42.85 -32.08 9.31
C VAL B 164 -44.35 -32.26 9.46
N VAL B 165 -44.87 -31.89 10.63
CA VAL B 165 -46.31 -32.01 10.88
C VAL B 165 -47.10 -31.13 9.91
N MET B 166 -46.70 -29.87 9.79
CA MET B 166 -47.38 -28.92 8.92
C MET B 166 -47.22 -29.27 7.44
N ARG B 167 -46.19 -30.06 7.12
CA ARG B 167 -45.91 -30.40 5.73
C ARG B 167 -46.46 -31.77 5.34
N HIS B 168 -46.91 -32.53 6.32
CA HIS B 168 -47.37 -33.90 6.06
C HIS B 168 -48.56 -33.89 5.10
N LEU B 169 -49.50 -32.98 5.32
CA LEU B 169 -50.69 -32.87 4.49
C LEU B 169 -50.41 -32.39 3.05
N PRO B 170 -49.74 -31.23 2.88
CA PRO B 170 -49.60 -30.77 1.49
C PRO B 170 -48.57 -31.57 0.70
N SER B 171 -47.72 -32.34 1.38
CA SER B 171 -46.71 -33.13 0.70
C SER B 171 -47.34 -34.26 -0.09
N MET B 172 -48.51 -34.71 0.34
CA MET B 172 -49.22 -35.78 -0.33
C MET B 172 -50.33 -35.21 -1.18
N ARG B 173 -50.92 -34.11 -0.72
CA ARG B 173 -52.04 -33.52 -1.43
C ARG B 173 -51.58 -32.63 -2.59
N TYR B 174 -50.51 -31.84 -2.38
CA TYR B 174 -50.02 -30.96 -3.44
C TYR B 174 -48.80 -31.58 -4.12
N THR B 175 -48.22 -30.84 -5.07
CA THR B 175 -47.04 -31.28 -5.81
C THR B 175 -45.80 -30.50 -5.34
N PRO B 176 -45.00 -31.12 -4.46
CA PRO B 176 -43.86 -30.47 -3.81
C PRO B 176 -42.70 -30.18 -4.77
N VAL B 177 -42.21 -28.95 -4.74
CA VAL B 177 -41.02 -28.56 -5.48
C VAL B 177 -40.08 -27.81 -4.55
N GLY B 178 -38.94 -28.42 -4.26
CA GLY B 178 -38.01 -27.86 -3.29
C GLY B 178 -38.65 -27.89 -1.91
N ARG B 179 -39.05 -26.72 -1.44
CA ARG B 179 -39.75 -26.61 -0.17
C ARG B 179 -41.08 -25.88 -0.35
N SER B 180 -41.52 -25.79 -1.60
CA SER B 180 -42.81 -25.20 -1.91
C SER B 180 -43.78 -26.27 -2.37
N PHE B 181 -45.04 -25.90 -2.51
CA PHE B 181 -46.10 -26.80 -2.97
C PHE B 181 -46.89 -26.17 -4.11
N PHE B 182 -46.94 -26.87 -5.23
CA PHE B 182 -47.63 -26.41 -6.42
C PHE B 182 -48.85 -27.27 -6.73
N THR B 183 -49.65 -26.81 -7.68
CA THR B 183 -50.86 -27.50 -8.11
C THR B 183 -51.24 -27.00 -9.49
N ALA B 184 -52.18 -27.67 -10.14
CA ALA B 184 -52.57 -27.28 -11.49
C ALA B 184 -53.49 -26.07 -11.43
N SER B 185 -54.05 -25.70 -12.57
CA SER B 185 -54.73 -24.41 -12.65
C SER B 185 -56.19 -24.40 -12.26
N GLU B 186 -56.51 -23.39 -11.45
CA GLU B 186 -57.84 -23.17 -10.91
C GLU B 186 -58.77 -22.59 -11.98
N GLY B 187 -59.34 -23.46 -12.80
CA GLY B 187 -60.20 -23.04 -13.89
C GLY B 187 -59.42 -22.57 -15.10
N CYS B 188 -58.96 -21.32 -15.05
CA CYS B 188 -58.23 -20.74 -16.15
C CYS B 188 -56.83 -21.32 -16.27
N SER B 189 -56.69 -22.37 -17.05
CA SER B 189 -55.39 -22.96 -17.33
C SER B 189 -54.55 -21.91 -18.03
N ASN B 190 -53.61 -21.30 -17.31
CA ASN B 190 -52.75 -20.30 -17.92
C ASN B 190 -51.73 -20.99 -18.80
N PRO B 191 -51.84 -20.77 -20.11
CA PRO B 191 -50.98 -21.45 -21.09
C PRO B 191 -49.71 -20.68 -21.36
N LEU B 192 -48.81 -21.31 -22.10
CA LEU B 192 -47.58 -20.66 -22.51
C LEU B 192 -47.39 -20.96 -24.00
N GLY B 193 -48.15 -21.92 -24.51
CA GLY B 193 -48.11 -22.24 -25.93
C GLY B 193 -47.33 -23.48 -26.28
N GLY B 194 -46.04 -23.47 -25.97
CA GLY B 194 -45.15 -24.56 -26.33
C GLY B 194 -45.32 -25.80 -25.47
N GLY B 195 -46.57 -26.26 -25.34
CA GLY B 195 -46.84 -27.42 -24.52
C GLY B 195 -46.65 -27.10 -23.06
N ARG B 196 -46.59 -25.81 -22.75
CA ARG B 196 -46.34 -25.38 -21.38
C ARG B 196 -47.55 -24.71 -20.77
N GLU B 197 -47.57 -24.64 -19.44
CA GLU B 197 -48.64 -23.93 -18.75
C GLU B 197 -48.10 -23.38 -17.43
N VAL B 198 -48.85 -22.45 -16.84
CA VAL B 198 -48.42 -21.79 -15.61
C VAL B 198 -49.04 -22.41 -14.37
N TRP B 199 -48.21 -22.99 -13.52
CA TRP B 199 -48.69 -23.52 -12.25
C TRP B 199 -48.42 -22.56 -11.10
N PHE B 200 -49.42 -22.32 -10.27
CA PHE B 200 -49.23 -21.46 -9.11
C PHE B 200 -48.95 -22.35 -7.90
N GLY B 201 -48.32 -21.78 -6.87
CA GLY B 201 -48.00 -22.53 -5.67
C GLY B 201 -47.63 -21.63 -4.50
N PHE B 202 -47.16 -22.22 -3.42
CA PHE B 202 -46.82 -21.43 -2.23
C PHE B 202 -45.70 -22.08 -1.42
N HIS B 203 -44.96 -21.26 -0.70
CA HIS B 203 -43.89 -21.73 0.18
C HIS B 203 -44.25 -21.52 1.65
N GLN B 204 -44.30 -22.62 2.39
CA GLN B 204 -44.56 -22.55 3.83
C GLN B 204 -43.33 -22.99 4.62
N SER B 205 -43.17 -22.42 5.81
CA SER B 205 -42.04 -22.75 6.68
C SER B 205 -42.34 -22.29 8.10
N VAL B 206 -42.08 -23.15 9.07
CA VAL B 206 -42.37 -22.85 10.47
C VAL B 206 -41.23 -22.07 11.12
N ARG B 207 -41.56 -20.87 11.61
CA ARG B 207 -40.56 -19.98 12.18
C ARG B 207 -40.87 -19.62 13.63
N PRO B 208 -39.83 -19.51 14.47
CA PRO B 208 -40.02 -19.13 15.87
C PRO B 208 -40.13 -17.61 16.01
N SER B 209 -40.83 -17.15 17.05
CA SER B 209 -40.94 -15.72 17.31
C SER B 209 -40.80 -15.42 18.79
N LEU B 210 -41.14 -14.21 19.20
CA LEU B 210 -40.94 -13.75 20.57
C LEU B 210 -41.76 -14.58 21.55
N TRP B 211 -43.05 -14.76 21.28
CA TRP B 211 -43.92 -15.49 22.21
C TRP B 211 -44.77 -16.53 21.50
N LYS B 212 -44.96 -16.36 20.20
CA LYS B 212 -45.84 -17.24 19.44
C LYS B 212 -45.18 -17.80 18.18
N MET B 213 -45.16 -19.12 18.07
CA MET B 213 -44.67 -19.75 16.85
C MET B 213 -45.46 -19.24 15.65
N MET B 214 -44.77 -18.99 14.56
CA MET B 214 -45.37 -18.40 13.37
C MET B 214 -45.25 -19.31 12.15
N LEU B 215 -46.21 -19.21 11.25
CA LEU B 215 -46.20 -19.95 10.01
C LEU B 215 -45.94 -18.99 8.86
N ASN B 216 -44.74 -19.06 8.31
CA ASN B 216 -44.33 -18.20 7.22
C ASN B 216 -44.83 -18.73 5.88
N ILE B 217 -45.63 -17.94 5.18
CA ILE B 217 -46.21 -18.37 3.91
C ILE B 217 -46.08 -17.29 2.83
N ASP B 218 -45.49 -17.65 1.70
CA ASP B 218 -45.36 -16.72 0.59
C ASP B 218 -45.67 -17.40 -0.74
N VAL B 219 -46.54 -16.80 -1.55
CA VAL B 219 -46.95 -17.41 -2.81
C VAL B 219 -45.86 -17.27 -3.87
N SER B 220 -45.93 -18.13 -4.88
CA SER B 220 -45.01 -18.10 -6.01
C SER B 220 -45.61 -18.85 -7.19
N ALA B 221 -44.91 -18.85 -8.33
CA ALA B 221 -45.41 -19.53 -9.51
C ALA B 221 -44.27 -20.02 -10.41
N THR B 222 -44.55 -21.05 -11.21
CA THR B 222 -43.56 -21.57 -12.14
C THR B 222 -44.21 -22.18 -13.38
N ALA B 223 -43.38 -22.70 -14.29
CA ALA B 223 -43.89 -23.23 -15.56
C ALA B 223 -43.77 -24.76 -15.61
N PHE B 224 -44.90 -25.42 -15.83
CA PHE B 224 -44.95 -26.87 -15.98
C PHE B 224 -45.27 -27.29 -17.42
N TYR B 225 -45.10 -28.57 -17.73
CA TYR B 225 -45.51 -29.08 -19.03
C TYR B 225 -46.97 -29.48 -18.99
N LYS B 226 -47.74 -28.98 -19.94
CA LYS B 226 -49.18 -29.21 -19.99
C LYS B 226 -49.52 -30.69 -20.20
N ALA B 227 -50.37 -31.23 -19.33
CA ALA B 227 -50.80 -32.62 -19.43
C ALA B 227 -51.71 -32.84 -20.63
N GLN B 228 -51.11 -33.16 -21.77
CA GLN B 228 -51.87 -33.30 -23.00
C GLN B 228 -51.31 -34.41 -23.88
N PRO B 229 -52.13 -34.96 -24.79
CA PRO B 229 -51.63 -35.93 -25.77
C PRO B 229 -50.48 -35.38 -26.58
N VAL B 230 -49.49 -36.21 -26.86
CA VAL B 230 -48.31 -35.80 -27.62
C VAL B 230 -48.69 -35.29 -29.00
N ILE B 231 -49.79 -35.80 -29.55
CA ILE B 231 -50.35 -35.30 -30.79
C ILE B 231 -50.60 -33.79 -30.71
N GLU B 232 -51.30 -33.39 -29.66
CA GLU B 232 -51.61 -31.98 -29.42
C GLU B 232 -50.37 -31.22 -28.96
N PHE B 233 -49.41 -31.94 -28.38
CA PHE B 233 -48.14 -31.34 -28.02
C PHE B 233 -47.42 -30.90 -29.30
N VAL B 234 -47.50 -31.75 -30.32
CA VAL B 234 -46.96 -31.44 -31.63
C VAL B 234 -47.71 -30.28 -32.23
N CYS B 235 -49.03 -30.29 -32.09
CA CYS B 235 -49.87 -29.23 -32.62
C CYS B 235 -49.50 -27.87 -32.02
N GLU B 236 -49.23 -27.85 -30.73
CA GLU B 236 -48.89 -26.62 -30.02
C GLU B 236 -47.47 -26.17 -30.30
N VAL B 237 -46.56 -27.13 -30.42
CA VAL B 237 -45.15 -26.81 -30.68
C VAL B 237 -44.94 -26.31 -32.11
N LEU B 238 -45.52 -27.01 -33.08
CA LEU B 238 -45.32 -26.67 -34.49
C LEU B 238 -46.34 -25.67 -35.04
N ASP B 239 -47.05 -24.99 -34.14
CA ASP B 239 -48.04 -23.97 -34.51
C ASP B 239 -49.11 -24.51 -35.46
N PHE B 240 -49.64 -25.68 -35.14
CA PHE B 240 -50.72 -26.27 -35.92
C PHE B 240 -52.05 -25.92 -35.26
N LYS B 241 -53.05 -25.55 -36.05
CA LYS B 241 -54.38 -25.31 -35.50
C LYS B 241 -54.86 -26.65 -34.96
N SER B 242 -54.54 -27.70 -35.70
CA SER B 242 -54.86 -29.05 -35.29
C SER B 242 -53.89 -30.00 -35.96
N ILE B 243 -54.02 -31.28 -35.65
CA ILE B 243 -53.26 -32.33 -36.32
C ILE B 243 -53.80 -32.45 -37.74
N GLU B 244 -53.03 -33.10 -38.61
CA GLU B 244 -53.35 -33.23 -40.03
C GLU B 244 -53.29 -31.90 -40.79
N GLU B 245 -52.67 -30.90 -40.16
CA GLU B 245 -52.25 -29.68 -40.84
C GLU B 245 -50.71 -29.63 -40.77
N GLN B 246 -50.05 -30.64 -41.34
CA GLN B 246 -50.60 -31.40 -42.47
C GLN B 246 -50.65 -32.91 -42.26
N GLN B 247 -51.21 -33.55 -43.27
CA GLN B 247 -51.35 -35.00 -43.42
C GLN B 247 -50.05 -35.62 -43.90
N LYS B 248 -49.17 -34.78 -44.41
CA LYS B 248 -47.84 -35.22 -44.78
C LYS B 248 -46.84 -35.17 -43.65
N PRO B 249 -45.90 -36.13 -43.64
CA PRO B 249 -44.86 -36.35 -42.61
C PRO B 249 -44.12 -35.07 -42.25
N LEU B 250 -43.69 -34.96 -40.99
CA LEU B 250 -43.01 -33.76 -40.55
C LEU B 250 -41.69 -33.59 -41.29
N THR B 251 -41.35 -32.35 -41.59
CA THR B 251 -40.06 -32.03 -42.19
C THR B 251 -38.97 -32.31 -41.16
N ASP B 252 -37.74 -32.47 -41.63
CA ASP B 252 -36.63 -32.77 -40.73
C ASP B 252 -36.46 -31.64 -39.73
N SER B 253 -36.75 -30.42 -40.17
CA SER B 253 -36.68 -29.25 -39.31
C SER B 253 -37.75 -29.35 -38.22
N GLN B 254 -38.92 -29.88 -38.57
CA GLN B 254 -40.00 -30.02 -37.60
C GLN B 254 -39.72 -31.21 -36.68
N ARG B 255 -38.99 -32.19 -37.19
CA ARG B 255 -38.53 -33.29 -36.34
C ARG B 255 -37.59 -32.75 -35.28
N VAL B 256 -36.67 -31.89 -35.71
CA VAL B 256 -35.73 -31.25 -34.79
C VAL B 256 -36.44 -30.37 -33.76
N LYS B 257 -37.37 -29.56 -34.25
CA LYS B 257 -38.12 -28.66 -33.38
C LYS B 257 -38.91 -29.42 -32.32
N PHE B 258 -39.53 -30.54 -32.72
CA PHE B 258 -40.31 -31.35 -31.79
C PHE B 258 -39.43 -32.19 -30.85
N THR B 259 -38.28 -32.64 -31.36
CA THR B 259 -37.34 -33.45 -30.59
C THR B 259 -36.68 -32.63 -29.50
N LYS B 260 -36.32 -31.40 -29.83
CA LYS B 260 -35.69 -30.49 -28.87
C LYS B 260 -36.62 -30.26 -27.68
N GLU B 261 -37.91 -30.39 -27.92
CA GLU B 261 -38.92 -30.12 -26.91
C GLU B 261 -39.33 -31.37 -26.12
N ILE B 262 -39.32 -32.53 -26.77
CA ILE B 262 -39.88 -33.73 -26.16
C ILE B 262 -38.84 -34.65 -25.51
N LYS B 263 -37.57 -34.48 -25.89
CA LYS B 263 -36.51 -35.35 -25.38
C LYS B 263 -36.27 -35.20 -23.87
N GLY B 264 -36.63 -36.23 -23.12
CA GLY B 264 -36.41 -36.25 -21.69
C GLY B 264 -37.67 -36.33 -20.84
N LEU B 265 -38.81 -35.97 -21.43
CA LEU B 265 -40.09 -35.97 -20.73
C LEU B 265 -40.64 -37.38 -20.50
N LYS B 266 -41.53 -37.53 -19.54
CA LYS B 266 -42.20 -38.80 -19.29
C LYS B 266 -43.58 -38.82 -19.94
N VAL B 267 -43.97 -39.97 -20.45
CA VAL B 267 -45.25 -40.12 -21.15
C VAL B 267 -46.09 -41.29 -20.62
N GLU B 268 -47.41 -41.15 -20.78
CA GLU B 268 -48.38 -42.15 -20.31
C GLU B 268 -49.07 -42.94 -21.44
N ILE B 269 -49.29 -44.22 -21.19
CA ILE B 269 -49.90 -45.12 -22.17
C ILE B 269 -51.40 -45.26 -21.92
N LYS B 276 -51.68 -46.17 -17.13
CA LYS B 276 -51.18 -47.54 -17.06
C LYS B 276 -49.67 -47.58 -16.88
N ARG B 277 -48.95 -47.34 -17.98
CA ARG B 277 -47.50 -47.38 -17.96
C ARG B 277 -46.85 -46.04 -18.30
N LYS B 278 -45.96 -45.61 -17.41
CA LYS B 278 -45.18 -44.38 -17.62
C LYS B 278 -43.82 -44.75 -18.20
N TYR B 279 -43.44 -44.07 -19.28
CA TYR B 279 -42.17 -44.31 -19.94
C TYR B 279 -41.38 -43.01 -20.05
N ARG B 280 -40.07 -43.12 -20.27
CA ARG B 280 -39.24 -41.93 -20.39
C ARG B 280 -38.68 -41.80 -21.79
N VAL B 281 -39.13 -40.77 -22.50
CA VAL B 281 -38.68 -40.51 -23.86
C VAL B 281 -37.22 -40.10 -23.90
N CYS B 282 -36.40 -40.91 -24.58
CA CYS B 282 -34.98 -40.62 -24.69
C CYS B 282 -34.63 -40.02 -26.06
N ASN B 283 -35.44 -40.34 -27.06
CA ASN B 283 -35.22 -39.84 -28.42
C ASN B 283 -36.46 -39.93 -29.29
N VAL B 284 -36.37 -39.36 -30.49
CA VAL B 284 -37.46 -39.38 -31.48
C VAL B 284 -36.98 -40.03 -32.77
N THR B 285 -37.77 -40.96 -33.29
CA THR B 285 -37.43 -41.66 -34.53
C THR B 285 -37.42 -40.72 -35.73
N ARG B 286 -36.56 -41.03 -36.69
CA ARG B 286 -36.43 -40.25 -37.91
C ARG B 286 -37.45 -40.73 -38.93
N ARG B 287 -37.75 -42.03 -38.87
CA ARG B 287 -38.68 -42.67 -39.79
C ARG B 287 -40.10 -42.74 -39.24
N PRO B 288 -41.12 -42.65 -40.13
CA PRO B 288 -42.52 -42.70 -39.72
C PRO B 288 -42.89 -43.98 -38.97
N ALA B 289 -44.08 -43.99 -38.36
CA ALA B 289 -44.53 -45.15 -37.60
C ALA B 289 -44.85 -46.34 -38.50
N SER B 290 -45.03 -46.07 -39.78
CA SER B 290 -45.36 -47.10 -40.76
C SER B 290 -44.13 -47.82 -41.28
N HIS B 291 -42.95 -47.32 -40.94
CA HIS B 291 -41.70 -47.88 -41.44
C HIS B 291 -40.66 -48.12 -40.35
N GLN B 292 -40.89 -47.56 -39.16
CA GLN B 292 -39.98 -47.74 -38.05
C GLN B 292 -40.00 -49.20 -37.57
N THR B 293 -38.88 -49.88 -37.75
CA THR B 293 -38.82 -51.32 -37.50
C THR B 293 -38.16 -51.68 -36.16
N PHE B 294 -38.35 -52.94 -35.75
CA PHE B 294 -37.78 -53.47 -34.53
C PHE B 294 -37.88 -55.00 -34.53
N PRO B 295 -36.96 -55.66 -33.82
CA PRO B 295 -37.03 -57.12 -33.63
C PRO B 295 -38.29 -57.49 -32.88
N LEU B 296 -39.19 -58.24 -33.51
CA LEU B 296 -40.49 -58.53 -32.90
C LEU B 296 -40.36 -59.49 -31.72
N GLN B 297 -39.40 -60.42 -31.80
CA GLN B 297 -39.16 -61.40 -30.74
C GLN B 297 -40.46 -62.10 -30.34
N GLN B 298 -41.00 -62.89 -31.25
CA GLN B 298 -42.27 -63.55 -31.02
C GLN B 298 -42.12 -64.75 -30.08
N GLU B 299 -43.16 -65.59 -30.01
CA GLU B 299 -43.20 -66.71 -29.07
C GLU B 299 -42.11 -67.75 -29.31
N SER B 300 -41.63 -67.84 -30.55
CA SER B 300 -40.63 -68.83 -30.91
C SER B 300 -39.25 -68.44 -30.39
N GLY B 301 -39.10 -67.18 -29.99
CA GLY B 301 -37.82 -66.67 -29.52
C GLY B 301 -36.99 -66.16 -30.69
N GLN B 302 -37.55 -66.29 -31.90
CA GLN B 302 -36.89 -65.82 -33.10
C GLN B 302 -37.31 -64.39 -33.43
N THR B 303 -36.33 -63.52 -33.61
CA THR B 303 -36.60 -62.11 -33.90
C THR B 303 -36.98 -61.92 -35.37
N VAL B 304 -37.98 -61.07 -35.60
CA VAL B 304 -38.43 -60.74 -36.96
C VAL B 304 -38.57 -59.23 -37.09
N GLU B 305 -38.04 -58.68 -38.17
CA GLU B 305 -38.15 -57.25 -38.43
C GLU B 305 -39.59 -56.81 -38.65
N CYS B 306 -40.13 -56.02 -37.73
CA CYS B 306 -41.52 -55.58 -37.81
C CYS B 306 -41.68 -54.08 -37.58
N THR B 307 -42.55 -53.45 -38.36
CA THR B 307 -42.81 -52.02 -38.20
C THR B 307 -43.76 -51.78 -37.03
N VAL B 308 -43.65 -50.61 -36.40
CA VAL B 308 -44.46 -50.28 -35.24
C VAL B 308 -45.95 -50.27 -35.55
N ALA B 309 -46.31 -49.68 -36.69
CA ALA B 309 -47.70 -49.60 -37.11
C ALA B 309 -48.31 -50.99 -37.30
N GLN B 310 -47.52 -51.89 -37.88
CA GLN B 310 -47.97 -53.26 -38.11
C GLN B 310 -48.10 -53.99 -36.79
N TYR B 311 -47.24 -53.67 -35.84
CA TYR B 311 -47.28 -54.31 -34.54
C TYR B 311 -48.55 -53.90 -33.80
N PHE B 312 -48.83 -52.59 -33.80
CA PHE B 312 -50.03 -52.08 -33.15
C PHE B 312 -51.28 -52.52 -33.90
N LYS B 313 -51.14 -52.82 -35.18
CA LYS B 313 -52.25 -53.30 -35.98
C LYS B 313 -52.57 -54.76 -35.67
N ASP B 314 -51.53 -55.54 -35.38
CA ASP B 314 -51.69 -56.95 -35.10
C ASP B 314 -51.90 -57.21 -33.60
N ARG B 315 -50.93 -56.79 -32.80
CA ARG B 315 -50.90 -57.06 -31.37
C ARG B 315 -52.02 -56.38 -30.58
N HIS B 316 -52.12 -55.06 -30.69
CA HIS B 316 -53.09 -54.30 -29.90
C HIS B 316 -54.40 -54.04 -30.65
N LYS B 317 -54.51 -54.59 -31.85
CA LYS B 317 -55.68 -54.40 -32.70
C LYS B 317 -55.99 -52.91 -32.89
N LEU B 318 -54.93 -52.11 -33.00
CA LEU B 318 -55.08 -50.67 -33.07
C LEU B 318 -54.47 -50.11 -34.36
N VAL B 319 -55.32 -49.55 -35.21
CA VAL B 319 -54.86 -48.89 -36.42
C VAL B 319 -54.43 -47.46 -36.11
N LEU B 320 -53.22 -47.10 -36.49
CA LEU B 320 -52.71 -45.76 -36.24
C LEU B 320 -53.43 -44.74 -37.11
N ARG B 321 -54.01 -43.73 -36.49
CA ARG B 321 -54.72 -42.68 -37.22
C ARG B 321 -53.74 -41.76 -37.91
N TYR B 322 -52.53 -41.66 -37.38
CA TYR B 322 -51.51 -40.82 -37.98
C TYR B 322 -50.17 -41.55 -38.11
N PRO B 323 -50.09 -42.51 -39.04
CA PRO B 323 -48.86 -43.30 -39.23
C PRO B 323 -47.75 -42.48 -39.87
N HIS B 324 -48.10 -41.34 -40.47
CA HIS B 324 -47.13 -40.50 -41.15
C HIS B 324 -46.25 -39.77 -40.13
N LEU B 325 -46.68 -39.78 -38.87
CA LEU B 325 -45.95 -39.12 -37.81
C LEU B 325 -44.87 -40.04 -37.23
N PRO B 326 -43.74 -39.46 -36.81
CA PRO B 326 -42.63 -40.23 -36.20
C PRO B 326 -43.00 -40.84 -34.84
N CYS B 327 -42.05 -41.55 -34.23
CA CYS B 327 -42.28 -42.23 -32.96
C CYS B 327 -41.38 -41.71 -31.84
N LEU B 328 -41.80 -41.95 -30.61
CA LEU B 328 -41.00 -41.65 -29.43
C LEU B 328 -40.24 -42.89 -28.95
N GLN B 329 -38.93 -42.79 -28.85
CA GLN B 329 -38.14 -43.91 -28.33
C GLN B 329 -38.06 -43.83 -26.80
N VAL B 330 -38.65 -44.82 -26.14
CA VAL B 330 -38.70 -44.84 -24.68
C VAL B 330 -37.85 -45.98 -24.10
N GLY B 331 -37.80 -46.06 -22.78
CA GLY B 331 -37.03 -47.09 -22.11
C GLY B 331 -35.54 -46.89 -22.28
N GLN B 332 -34.81 -47.97 -22.51
CA GLN B 332 -33.36 -47.90 -22.66
C GLN B 332 -32.99 -47.67 -24.12
N GLU B 333 -32.02 -46.79 -24.34
CA GLU B 333 -31.58 -46.48 -25.70
C GLU B 333 -30.90 -47.68 -26.34
N GLN B 334 -30.39 -48.58 -25.50
CA GLN B 334 -29.75 -49.80 -25.99
C GLN B 334 -30.81 -50.79 -26.46
N LYS B 335 -31.96 -50.78 -25.80
CA LYS B 335 -33.08 -51.63 -26.19
C LYS B 335 -33.88 -50.92 -27.27
N HIS B 336 -34.73 -51.67 -27.98
CA HIS B 336 -35.52 -51.12 -29.08
C HIS B 336 -37.00 -51.01 -28.70
N THR B 337 -37.34 -49.95 -27.98
CA THR B 337 -38.72 -49.72 -27.58
C THR B 337 -39.24 -48.39 -28.13
N TYR B 338 -40.27 -48.47 -28.96
CA TYR B 338 -40.83 -47.29 -29.62
C TYR B 338 -42.32 -47.15 -29.37
N LEU B 339 -42.81 -45.92 -29.47
CA LEU B 339 -44.24 -45.65 -29.25
C LEU B 339 -44.77 -44.61 -30.23
N PRO B 340 -45.89 -44.91 -30.90
CA PRO B 340 -46.49 -43.88 -31.75
C PRO B 340 -46.99 -42.72 -30.90
N LEU B 341 -47.09 -41.53 -31.50
CA LEU B 341 -47.44 -40.33 -30.77
C LEU B 341 -48.88 -40.37 -30.26
N GLU B 342 -49.73 -41.09 -30.99
CA GLU B 342 -51.17 -41.08 -30.73
C GLU B 342 -51.59 -42.00 -29.57
N VAL B 343 -50.62 -42.63 -28.91
CA VAL B 343 -50.90 -43.45 -27.75
C VAL B 343 -50.14 -42.91 -26.55
N CYS B 344 -49.51 -41.76 -26.73
CA CYS B 344 -48.72 -41.13 -25.68
C CYS B 344 -49.28 -39.80 -25.23
N ASN B 345 -49.31 -39.60 -23.91
CA ASN B 345 -49.74 -38.34 -23.31
C ASN B 345 -48.65 -37.79 -22.40
N ILE B 346 -48.44 -36.47 -22.44
CA ILE B 346 -47.49 -35.83 -21.54
C ILE B 346 -48.02 -35.94 -20.12
N VAL B 347 -47.27 -36.61 -19.24
CA VAL B 347 -47.70 -36.77 -17.87
C VAL B 347 -47.63 -35.44 -17.13
N ALA B 348 -48.59 -35.23 -16.23
CA ALA B 348 -48.64 -33.99 -15.48
C ALA B 348 -47.66 -34.06 -14.32
N GLY B 349 -47.28 -32.89 -13.80
CA GLY B 349 -46.37 -32.85 -12.67
C GLY B 349 -44.92 -32.74 -13.10
N GLN B 350 -44.70 -32.47 -14.39
CA GLN B 350 -43.33 -32.32 -14.88
C GLN B 350 -42.93 -30.86 -14.97
N ARG B 351 -42.07 -30.43 -14.06
CA ARG B 351 -41.63 -29.04 -14.07
C ARG B 351 -40.64 -28.79 -15.19
N CYS B 352 -40.71 -27.62 -15.80
CA CYS B 352 -39.84 -27.24 -16.91
C CYS B 352 -38.57 -26.51 -16.49
N ILE B 353 -37.52 -26.65 -17.30
CA ILE B 353 -36.24 -26.00 -17.04
C ILE B 353 -35.82 -25.14 -18.24
N LYS B 354 -36.34 -25.48 -19.41
CA LYS B 354 -35.99 -24.80 -20.66
C LYS B 354 -36.37 -23.32 -20.69
N LYS B 355 -35.70 -22.55 -21.55
CA LYS B 355 -35.93 -21.10 -21.62
C LYS B 355 -37.24 -20.77 -22.34
N LEU B 356 -37.91 -19.71 -21.89
CA LEU B 356 -39.17 -19.26 -22.47
C LEU B 356 -38.98 -18.16 -23.52
N THR B 357 -39.81 -18.16 -24.56
CA THR B 357 -39.76 -17.09 -25.56
C THR B 357 -40.41 -15.82 -25.01
N ASP B 358 -40.52 -14.79 -25.85
CA ASP B 358 -41.07 -13.50 -25.42
C ASP B 358 -42.51 -13.54 -24.91
N ASN B 359 -43.40 -14.15 -25.69
CA ASN B 359 -44.81 -14.22 -25.31
C ASN B 359 -45.02 -15.09 -24.07
N GLN B 360 -44.19 -16.12 -23.94
CA GLN B 360 -44.28 -17.05 -22.83
C GLN B 360 -43.81 -16.37 -21.55
N THR B 361 -42.65 -15.72 -21.62
CA THR B 361 -42.10 -14.99 -20.48
C THR B 361 -43.04 -13.85 -20.09
N SER B 362 -43.64 -13.22 -21.09
CA SER B 362 -44.60 -12.15 -20.85
C SER B 362 -45.79 -12.70 -20.06
N THR B 363 -46.37 -13.78 -20.57
CA THR B 363 -47.51 -14.45 -19.94
C THR B 363 -47.16 -14.89 -18.53
N MET B 364 -45.88 -15.20 -18.32
CA MET B 364 -45.39 -15.62 -17.02
C MET B 364 -45.34 -14.43 -16.06
N ILE B 365 -44.69 -13.36 -16.49
CA ILE B 365 -44.55 -12.14 -15.70
C ILE B 365 -45.86 -11.33 -15.62
N ARG B 366 -46.82 -11.67 -16.49
CA ARG B 366 -48.14 -11.07 -16.46
C ARG B 366 -49.09 -11.86 -15.58
N ALA B 367 -48.53 -12.84 -14.86
CA ALA B 367 -49.30 -13.66 -13.93
C ALA B 367 -48.51 -13.82 -12.64
N THR B 368 -47.34 -13.19 -12.61
CA THR B 368 -46.47 -13.22 -11.44
C THR B 368 -45.87 -11.82 -11.24
N ALA B 369 -45.20 -11.63 -10.11
CA ALA B 369 -44.58 -10.35 -9.75
C ALA B 369 -45.62 -9.24 -9.74
N ARG B 370 -46.81 -9.54 -9.24
CA ARG B 370 -47.88 -8.55 -9.18
C ARG B 370 -47.56 -7.52 -8.11
N SER B 371 -48.40 -6.49 -8.01
CA SER B 371 -48.20 -5.41 -7.06
C SER B 371 -48.28 -5.91 -5.62
N ALA B 372 -47.74 -5.13 -4.70
CA ALA B 372 -47.74 -5.47 -3.28
C ALA B 372 -49.17 -5.71 -2.74
N PRO B 373 -50.15 -4.86 -3.11
CA PRO B 373 -51.51 -5.17 -2.65
C PRO B 373 -52.05 -6.46 -3.28
N ASP B 374 -51.68 -6.74 -4.52
CA ASP B 374 -52.09 -7.97 -5.19
C ASP B 374 -51.46 -9.18 -4.50
N ARG B 375 -50.18 -9.10 -4.20
CA ARG B 375 -49.48 -10.14 -3.46
C ARG B 375 -50.10 -10.39 -2.09
N GLN B 376 -50.39 -9.30 -1.38
CA GLN B 376 -51.00 -9.35 -0.07
C GLN B 376 -52.35 -10.04 -0.12
N GLU B 377 -53.17 -9.60 -1.06
CA GLU B 377 -54.51 -10.14 -1.23
C GLU B 377 -54.43 -11.61 -1.63
N GLU B 378 -53.44 -11.95 -2.44
CA GLU B 378 -53.26 -13.34 -2.86
C GLU B 378 -52.88 -14.26 -1.70
N ILE B 379 -51.99 -13.78 -0.82
CA ILE B 379 -51.59 -14.55 0.34
C ILE B 379 -52.75 -14.75 1.31
N SER B 380 -53.49 -13.67 1.54
CA SER B 380 -54.67 -13.72 2.40
C SER B 380 -55.73 -14.66 1.82
N LYS B 381 -56.00 -14.47 0.53
CA LYS B 381 -56.97 -15.29 -0.19
C LYS B 381 -56.58 -16.76 -0.15
N LEU B 382 -55.29 -17.05 -0.30
CA LEU B 382 -54.87 -18.41 -0.20
C LEU B 382 -55.14 -18.94 1.21
N MET B 383 -54.82 -18.13 2.22
CA MET B 383 -54.97 -18.65 3.57
C MET B 383 -56.38 -18.80 4.15
N ARG B 384 -57.26 -17.95 3.67
CA ARG B 384 -58.66 -17.99 4.01
C ARG B 384 -59.28 -19.04 3.12
N SER B 385 -58.54 -20.10 2.77
CA SER B 385 -59.15 -21.09 1.89
C SER B 385 -58.46 -22.45 1.89
N ALA B 386 -57.28 -22.46 2.49
CA ALA B 386 -56.39 -23.63 2.44
C ALA B 386 -56.78 -24.59 3.55
N ASP B 387 -57.32 -24.04 4.63
CA ASP B 387 -57.75 -24.83 5.81
C ASP B 387 -56.64 -25.64 6.45
N PHE B 388 -55.90 -24.97 7.30
CA PHE B 388 -54.80 -25.54 8.05
C PHE B 388 -55.40 -26.14 9.31
N ASN B 389 -56.57 -25.64 9.69
CA ASN B 389 -57.22 -26.03 10.94
C ASN B 389 -58.22 -27.18 10.81
N THR B 390 -58.31 -27.82 9.65
CA THR B 390 -59.33 -28.85 9.43
C THR B 390 -58.73 -30.23 9.13
N ASP B 391 -57.50 -30.26 8.63
CA ASP B 391 -56.84 -31.53 8.27
C ASP B 391 -56.54 -32.35 9.51
N PRO B 392 -56.75 -33.68 9.43
CA PRO B 392 -56.67 -34.57 10.60
C PRO B 392 -55.28 -34.67 11.22
N TYR B 393 -54.22 -34.65 10.42
CA TYR B 393 -52.87 -34.82 10.96
C TYR B 393 -52.45 -33.64 11.82
N VAL B 394 -52.94 -32.46 11.49
CA VAL B 394 -52.66 -31.26 12.29
C VAL B 394 -53.54 -31.28 13.54
N ARG B 395 -54.80 -31.66 13.38
CA ARG B 395 -55.72 -31.76 14.51
C ARG B 395 -55.22 -32.78 15.53
N GLU B 396 -54.48 -33.78 15.05
CA GLU B 396 -53.88 -34.79 15.91
C GLU B 396 -52.91 -34.17 16.90
N PHE B 397 -52.17 -33.17 16.45
CA PHE B 397 -51.19 -32.50 17.30
C PHE B 397 -51.77 -31.24 17.95
N GLY B 398 -53.07 -31.03 17.74
CA GLY B 398 -53.78 -29.91 18.34
C GLY B 398 -53.21 -28.55 17.99
N ILE B 399 -52.92 -28.34 16.71
CA ILE B 399 -52.34 -27.09 16.23
C ILE B 399 -53.36 -26.21 15.52
N MET B 400 -53.37 -24.92 15.86
CA MET B 400 -54.28 -23.97 15.24
C MET B 400 -53.52 -22.83 14.59
N VAL B 401 -53.81 -22.58 13.32
CA VAL B 401 -53.15 -21.51 12.59
C VAL B 401 -54.14 -20.38 12.30
N LYS B 402 -53.79 -19.17 12.71
CA LYS B 402 -54.63 -18.00 12.51
C LYS B 402 -54.74 -17.69 11.01
N ASP B 403 -55.97 -17.55 10.53
CA ASP B 403 -56.21 -17.35 9.11
C ASP B 403 -55.97 -15.90 8.66
N GLU B 404 -55.64 -15.04 9.61
CA GLU B 404 -55.34 -13.65 9.28
C GLU B 404 -53.85 -13.37 9.41
N MET B 405 -53.33 -12.51 8.55
CA MET B 405 -51.92 -12.13 8.62
C MET B 405 -51.62 -11.38 9.91
N THR B 406 -50.38 -11.50 10.37
CA THR B 406 -49.94 -10.87 11.60
C THR B 406 -49.74 -9.36 11.47
N ASP B 407 -50.44 -8.61 12.30
CA ASP B 407 -50.25 -7.17 12.35
C ASP B 407 -48.94 -6.87 13.06
N VAL B 408 -48.15 -5.97 12.50
CA VAL B 408 -46.88 -5.62 13.12
C VAL B 408 -46.64 -4.11 12.98
N THR B 409 -46.23 -3.49 14.09
CA THR B 409 -45.96 -2.07 14.09
C THR B 409 -44.64 -1.76 13.40
N GLY B 410 -44.74 -1.26 12.17
CA GLY B 410 -43.56 -0.87 11.41
C GLY B 410 -43.04 0.47 11.88
N ARG B 411 -41.93 0.90 11.29
CA ARG B 411 -41.27 2.12 11.73
C ARG B 411 -40.31 2.66 10.66
N VAL B 412 -40.61 3.86 10.19
CA VAL B 412 -39.88 4.52 9.13
C VAL B 412 -38.83 5.48 9.67
N LEU B 413 -37.56 5.12 9.45
CA LEU B 413 -36.41 5.92 9.86
C LEU B 413 -36.30 7.19 9.04
N GLN B 414 -35.54 8.16 9.53
CA GLN B 414 -35.34 9.41 8.80
C GLN B 414 -34.12 9.33 7.90
N PRO B 415 -34.30 9.57 6.59
CA PRO B 415 -33.19 9.55 5.62
C PRO B 415 -32.14 10.61 5.91
N PRO B 416 -30.86 10.27 5.69
CA PRO B 416 -29.74 11.19 5.92
C PRO B 416 -29.62 12.27 4.84
N SER B 417 -29.12 13.43 5.21
CA SER B 417 -28.91 14.51 4.26
C SER B 417 -27.65 14.27 3.44
N ILE B 418 -27.77 14.37 2.12
CA ILE B 418 -26.65 14.15 1.22
C ILE B 418 -25.96 15.46 0.87
N LEU B 419 -24.68 15.58 1.25
CA LEU B 419 -23.93 16.82 1.04
C LEU B 419 -23.16 16.82 -0.28
N TYR B 420 -23.54 17.75 -1.15
CA TYR B 420 -22.84 17.94 -2.42
C TYR B 420 -21.92 19.15 -2.37
N GLY B 421 -21.11 19.32 -3.41
CA GLY B 421 -20.10 20.37 -3.41
C GLY B 421 -20.28 21.46 -4.45
N GLY B 422 -19.17 22.04 -4.88
CA GLY B 422 -19.18 23.16 -5.81
C GLY B 422 -19.03 24.46 -5.04
N ARG B 423 -19.39 25.57 -5.66
CA ARG B 423 -19.35 26.86 -4.98
C ARG B 423 -20.52 27.01 -4.01
N ASN B 424 -21.69 26.58 -4.44
CA ASN B 424 -22.90 26.70 -3.64
C ASN B 424 -22.97 25.67 -2.51
N LYS B 425 -22.49 24.46 -2.80
CA LYS B 425 -22.54 23.35 -1.85
C LYS B 425 -23.96 23.10 -1.32
N ALA B 426 -24.91 22.99 -2.23
CA ALA B 426 -26.31 22.73 -1.87
C ALA B 426 -26.43 21.34 -1.24
N ILE B 427 -27.56 21.10 -0.58
CA ILE B 427 -27.80 19.81 0.06
C ILE B 427 -29.00 19.10 -0.56
N ALA B 428 -28.97 17.77 -0.51
CA ALA B 428 -30.02 16.94 -1.11
C ALA B 428 -30.72 16.04 -0.11
N THR B 429 -32.04 16.12 -0.05
CA THR B 429 -32.83 15.29 0.87
C THR B 429 -33.52 14.14 0.14
N PRO B 430 -33.19 12.89 0.53
CA PRO B 430 -33.78 11.70 -0.05
C PRO B 430 -35.30 11.70 0.12
N VAL B 431 -36.03 11.84 -0.98
CA VAL B 431 -37.48 11.77 -0.93
C VAL B 431 -37.94 10.42 -1.44
N GLN B 432 -38.60 9.67 -0.55
CA GLN B 432 -39.10 8.34 -0.86
C GLN B 432 -37.96 7.42 -1.31
N GLY B 433 -36.76 7.67 -0.77
CA GLY B 433 -35.60 6.85 -1.04
C GLY B 433 -34.77 7.23 -2.24
N VAL B 434 -35.18 8.28 -2.94
CA VAL B 434 -34.49 8.73 -4.15
C VAL B 434 -34.22 10.24 -4.15
N TRP B 435 -33.02 10.64 -4.56
CA TRP B 435 -32.71 12.06 -4.75
C TRP B 435 -32.03 12.28 -6.09
N ASP B 436 -31.73 13.54 -6.43
CA ASP B 436 -31.11 13.86 -7.72
C ASP B 436 -30.01 14.92 -7.59
N MET B 437 -29.22 15.09 -8.64
CA MET B 437 -28.13 16.06 -8.62
C MET B 437 -28.46 17.36 -9.34
N ARG B 438 -29.75 17.65 -9.47
CA ARG B 438 -30.18 18.91 -10.08
C ARG B 438 -29.72 20.09 -9.26
N ASN B 439 -28.96 20.98 -9.90
CA ASN B 439 -28.32 22.11 -9.25
C ASN B 439 -27.34 21.67 -8.15
N LYS B 440 -26.81 20.46 -8.31
CA LYS B 440 -25.84 19.92 -7.35
C LYS B 440 -24.55 19.57 -8.08
N GLN B 441 -23.43 19.70 -7.38
CA GLN B 441 -22.14 19.33 -7.96
C GLN B 441 -21.37 18.45 -6.98
N PHE B 442 -20.48 17.61 -7.50
CA PHE B 442 -19.74 16.65 -6.67
C PHE B 442 -18.99 17.29 -5.50
N HIS B 443 -18.92 16.55 -4.40
CA HIS B 443 -18.17 16.98 -3.22
C HIS B 443 -16.70 17.15 -3.57
N THR B 444 -16.22 16.29 -4.47
CA THR B 444 -14.88 16.40 -5.00
C THR B 444 -14.90 15.94 -6.45
N GLY B 445 -15.01 16.91 -7.36
CA GLY B 445 -15.05 16.62 -8.79
C GLY B 445 -13.66 16.61 -9.40
N ILE B 446 -13.46 15.75 -10.39
CA ILE B 446 -12.17 15.67 -11.07
C ILE B 446 -12.21 16.36 -12.43
N GLU B 447 -11.26 17.24 -12.68
CA GLU B 447 -11.13 17.87 -13.99
C GLU B 447 -10.44 16.91 -14.94
N ILE B 448 -11.20 16.17 -15.74
CA ILE B 448 -10.61 15.26 -16.71
C ILE B 448 -10.06 16.07 -17.87
N LYS B 449 -8.75 15.98 -18.08
CA LYS B 449 -8.09 16.76 -19.11
C LYS B 449 -7.55 15.88 -20.23
N VAL B 450 -7.11 14.67 -19.88
CA VAL B 450 -6.55 13.75 -20.88
C VAL B 450 -7.28 12.41 -20.84
N TRP B 451 -7.92 12.04 -21.95
CA TRP B 451 -8.66 10.78 -22.01
C TRP B 451 -8.78 10.27 -23.44
N ALA B 452 -9.04 8.97 -23.58
CA ALA B 452 -9.06 8.33 -24.90
C ALA B 452 -10.36 7.58 -25.18
N ILE B 453 -10.57 7.26 -26.46
CA ILE B 453 -11.74 6.50 -26.90
C ILE B 453 -11.32 5.39 -27.87
N ALA B 454 -11.69 4.16 -27.52
CA ALA B 454 -11.39 2.99 -28.34
C ALA B 454 -12.65 2.19 -28.63
N CYS B 455 -13.28 2.46 -29.77
CA CYS B 455 -14.52 1.78 -30.12
C CYS B 455 -14.31 0.40 -30.73
N PHE B 456 -14.88 -0.62 -30.10
CA PHE B 456 -14.75 -1.98 -30.59
C PHE B 456 -15.98 -2.39 -31.40
N ALA B 457 -16.97 -1.50 -31.46
CA ALA B 457 -18.15 -1.73 -32.29
C ALA B 457 -17.82 -1.39 -33.74
N PRO B 458 -18.50 -2.06 -34.69
CA PRO B 458 -18.27 -1.77 -36.10
C PRO B 458 -18.66 -0.33 -36.46
N GLN B 459 -17.79 0.34 -37.22
CA GLN B 459 -18.03 1.73 -37.61
C GLN B 459 -19.26 1.84 -38.50
N ARG B 460 -19.61 0.73 -39.15
CA ARG B 460 -20.78 0.68 -40.02
C ARG B 460 -22.08 1.01 -39.27
N GLN B 461 -22.18 0.54 -38.03
CA GLN B 461 -23.37 0.81 -37.22
C GLN B 461 -23.09 1.84 -36.11
N CYS B 462 -21.83 2.23 -35.97
CA CYS B 462 -21.43 3.23 -34.99
C CYS B 462 -20.47 4.24 -35.62
N THR B 463 -21.04 5.26 -36.27
CA THR B 463 -20.24 6.25 -36.98
C THR B 463 -19.46 7.18 -36.04
N GLU B 464 -18.58 7.99 -36.63
CA GLU B 464 -17.81 8.97 -35.86
C GLU B 464 -18.73 10.09 -35.38
N VAL B 465 -19.86 10.24 -36.07
CA VAL B 465 -20.87 11.21 -35.70
C VAL B 465 -21.45 10.82 -34.33
N HIS B 466 -21.65 9.51 -34.13
CA HIS B 466 -22.14 9.01 -32.86
C HIS B 466 -21.17 9.31 -31.73
N LEU B 467 -19.88 9.07 -31.99
CA LEU B 467 -18.85 9.29 -30.98
C LEU B 467 -18.72 10.77 -30.63
N LYS B 468 -18.86 11.62 -31.64
CA LYS B 468 -18.75 13.06 -31.43
C LYS B 468 -19.96 13.62 -30.69
N SER B 469 -21.16 13.16 -31.05
CA SER B 469 -22.38 13.58 -30.38
C SER B 469 -22.40 13.11 -28.92
N PHE B 470 -21.99 11.86 -28.73
CA PHE B 470 -21.87 11.26 -27.41
C PHE B 470 -20.86 12.04 -26.59
N THR B 471 -19.81 12.50 -27.25
CA THR B 471 -18.77 13.27 -26.57
C THR B 471 -19.32 14.63 -26.15
N GLU B 472 -20.06 15.28 -27.05
CA GLU B 472 -20.69 16.57 -26.75
C GLU B 472 -21.58 16.47 -25.53
N GLN B 473 -22.51 15.52 -25.57
CA GLN B 473 -23.47 15.33 -24.50
C GLN B 473 -22.79 14.95 -23.19
N LEU B 474 -21.76 14.11 -23.28
CA LEU B 474 -21.04 13.68 -22.09
C LEU B 474 -20.30 14.85 -21.47
N ARG B 475 -19.66 15.67 -22.29
CA ARG B 475 -18.95 16.84 -21.80
C ARG B 475 -19.91 17.81 -21.13
N LYS B 476 -21.10 17.95 -21.72
CA LYS B 476 -22.14 18.82 -21.17
C LYS B 476 -22.57 18.36 -19.78
N ILE B 477 -22.97 17.09 -19.69
CA ILE B 477 -23.41 16.50 -18.43
C ILE B 477 -22.30 16.52 -17.39
N SER B 478 -21.08 16.23 -17.82
CA SER B 478 -19.91 16.21 -16.94
C SER B 478 -19.67 17.58 -16.35
N ARG B 479 -19.75 18.60 -17.19
CA ARG B 479 -19.52 19.97 -16.75
C ARG B 479 -20.61 20.41 -15.79
N ASP B 480 -21.83 19.95 -16.03
CA ASP B 480 -22.94 20.28 -15.15
C ASP B 480 -22.84 19.55 -13.80
N ALA B 481 -22.30 18.34 -13.83
CA ALA B 481 -22.23 17.49 -12.64
C ALA B 481 -21.12 17.91 -11.68
N GLY B 482 -20.12 18.63 -12.20
CA GLY B 482 -19.03 19.11 -11.37
C GLY B 482 -17.67 18.55 -11.71
N MET B 483 -17.63 17.58 -12.63
CA MET B 483 -16.36 17.05 -13.11
C MET B 483 -16.23 17.35 -14.60
N PRO B 484 -15.84 18.60 -14.92
CA PRO B 484 -15.85 19.07 -16.31
C PRO B 484 -14.80 18.39 -17.19
N ILE B 485 -15.21 17.96 -18.38
CA ILE B 485 -14.27 17.46 -19.37
C ILE B 485 -13.67 18.65 -20.10
N GLN B 486 -12.37 18.88 -19.87
CA GLN B 486 -11.72 20.11 -20.33
C GLN B 486 -11.48 20.17 -21.83
N GLY B 487 -11.73 19.08 -22.54
CA GLY B 487 -11.55 19.08 -23.97
C GLY B 487 -11.80 17.77 -24.69
N GLN B 488 -11.56 17.77 -26.01
CA GLN B 488 -11.74 16.59 -26.84
C GLN B 488 -10.83 15.44 -26.45
N PRO B 489 -11.23 14.20 -26.80
CA PRO B 489 -10.35 13.07 -26.48
C PRO B 489 -9.04 13.15 -27.26
N CYS B 490 -7.94 12.75 -26.61
CA CYS B 490 -6.62 12.77 -27.24
C CYS B 490 -6.42 11.58 -28.14
N PHE B 491 -7.40 10.69 -28.15
CA PHE B 491 -7.32 9.46 -28.93
C PHE B 491 -8.73 8.98 -29.27
N CYS B 492 -8.92 8.46 -30.47
CA CYS B 492 -10.22 7.95 -30.89
C CYS B 492 -10.02 7.02 -32.07
N LYS B 493 -10.00 5.72 -31.80
CA LYS B 493 -9.79 4.74 -32.87
C LYS B 493 -10.64 3.47 -32.71
N TYR B 494 -11.02 2.91 -33.86
CA TYR B 494 -11.80 1.68 -33.88
C TYR B 494 -10.91 0.46 -33.70
N ALA B 495 -11.52 -0.67 -33.34
CA ALA B 495 -10.81 -1.92 -33.17
C ALA B 495 -11.77 -3.09 -33.20
N GLN B 496 -11.24 -4.30 -33.11
CA GLN B 496 -12.06 -5.51 -33.06
C GLN B 496 -11.23 -6.67 -32.53
N GLY B 497 -11.89 -7.59 -31.85
CA GLY B 497 -11.22 -8.74 -31.27
C GLY B 497 -10.57 -8.40 -29.94
N ALA B 498 -10.56 -9.36 -29.02
CA ALA B 498 -9.99 -9.15 -27.69
C ALA B 498 -8.45 -9.07 -27.75
N ASP B 499 -7.89 -9.64 -28.81
CA ASP B 499 -6.44 -9.68 -28.99
C ASP B 499 -5.87 -8.30 -29.25
N SER B 500 -6.75 -7.35 -29.56
CA SER B 500 -6.33 -5.98 -29.84
C SER B 500 -6.28 -5.19 -28.55
N VAL B 501 -6.90 -5.71 -27.49
CA VAL B 501 -7.00 -4.96 -26.24
C VAL B 501 -5.65 -4.72 -25.56
N GLU B 502 -4.97 -5.80 -25.20
CA GLU B 502 -3.70 -5.68 -24.47
C GLU B 502 -2.65 -4.83 -25.18
N PRO B 503 -2.41 -5.05 -26.49
CA PRO B 503 -1.38 -4.20 -27.12
C PRO B 503 -1.77 -2.72 -27.20
N MET B 504 -3.02 -2.45 -27.55
CA MET B 504 -3.49 -1.09 -27.71
C MET B 504 -3.34 -0.28 -26.43
N PHE B 505 -3.72 -0.90 -25.32
CA PHE B 505 -3.64 -0.25 -24.04
C PHE B 505 -2.20 0.04 -23.68
N ARG B 506 -1.29 -0.85 -24.08
CA ARG B 506 0.14 -0.59 -23.88
C ARG B 506 0.52 0.68 -24.60
N HIS B 507 0.12 0.76 -25.87
CA HIS B 507 0.39 1.94 -26.66
C HIS B 507 -0.26 3.16 -26.01
N LEU B 508 -1.48 2.96 -25.52
CA LEU B 508 -2.20 4.05 -24.88
C LEU B 508 -1.52 4.46 -23.59
N LYS B 509 -0.93 3.51 -22.90
CA LYS B 509 -0.26 3.81 -21.65
C LYS B 509 1.06 4.52 -21.94
N ASN B 510 1.62 4.26 -23.11
CA ASN B 510 2.93 4.80 -23.46
C ASN B 510 2.93 6.13 -24.21
N THR B 511 1.81 6.48 -24.82
CA THR B 511 1.74 7.66 -25.66
C THR B 511 1.46 8.94 -24.87
N TYR B 512 0.33 8.95 -24.16
CA TYR B 512 -0.12 10.16 -23.46
C TYR B 512 0.29 10.15 -21.99
N ALA B 513 1.06 11.16 -21.59
CA ALA B 513 1.59 11.23 -20.24
C ALA B 513 0.52 11.62 -19.23
N GLY B 514 0.13 10.68 -18.40
CA GLY B 514 -0.80 10.92 -17.31
C GLY B 514 -2.25 11.07 -17.75
N LEU B 515 -2.70 10.17 -18.62
CA LEU B 515 -4.11 10.15 -19.01
C LEU B 515 -4.89 9.61 -17.82
N GLN B 516 -6.15 10.02 -17.70
CA GLN B 516 -6.94 9.68 -16.53
C GLN B 516 -8.00 8.63 -16.83
N LEU B 517 -8.46 8.59 -18.07
CA LEU B 517 -9.58 7.72 -18.42
C LEU B 517 -9.49 7.17 -19.84
N VAL B 518 -9.95 5.93 -19.99
CA VAL B 518 -10.10 5.30 -21.29
C VAL B 518 -11.53 4.78 -21.44
N VAL B 519 -12.28 5.39 -22.35
CA VAL B 519 -13.66 5.01 -22.61
C VAL B 519 -13.72 3.96 -23.70
N VAL B 520 -14.31 2.81 -23.38
CA VAL B 520 -14.36 1.69 -24.31
C VAL B 520 -15.78 1.36 -24.78
N ILE B 521 -16.08 1.69 -26.03
CA ILE B 521 -17.38 1.42 -26.60
C ILE B 521 -17.47 -0.05 -27.04
N LEU B 522 -18.47 -0.76 -26.52
CA LEU B 522 -18.63 -2.18 -26.81
C LEU B 522 -19.93 -2.46 -27.57
N PRO B 523 -19.87 -3.42 -28.51
CA PRO B 523 -21.04 -3.79 -29.31
C PRO B 523 -21.95 -4.80 -28.61
N GLY B 524 -21.94 -4.79 -27.28
CA GLY B 524 -22.77 -5.71 -26.52
C GLY B 524 -21.95 -6.74 -25.74
N LYS B 525 -22.53 -7.91 -25.52
CA LYS B 525 -21.86 -8.98 -24.79
C LYS B 525 -20.66 -9.48 -25.59
N THR B 526 -19.47 -9.34 -25.01
CA THR B 526 -18.24 -9.69 -25.72
C THR B 526 -17.10 -10.01 -24.75
N PRO B 527 -16.21 -10.94 -25.15
CA PRO B 527 -15.00 -11.24 -24.36
C PRO B 527 -14.07 -10.04 -24.30
N VAL B 528 -14.33 -9.05 -25.16
CA VAL B 528 -13.56 -7.82 -25.17
C VAL B 528 -13.68 -7.17 -23.80
N TYR B 529 -14.88 -7.16 -23.22
CA TYR B 529 -15.07 -6.55 -21.90
C TYR B 529 -14.16 -7.18 -20.85
N ALA B 530 -14.20 -8.51 -20.77
CA ALA B 530 -13.39 -9.25 -19.80
C ALA B 530 -11.91 -9.03 -20.01
N GLU B 531 -11.50 -8.93 -21.27
CA GLU B 531 -10.08 -8.69 -21.59
C GLU B 531 -9.65 -7.26 -21.25
N VAL B 532 -10.54 -6.31 -21.52
CA VAL B 532 -10.33 -4.90 -21.21
C VAL B 532 -10.18 -4.74 -19.71
N LYS B 533 -11.05 -5.40 -18.97
CA LYS B 533 -11.00 -5.33 -17.51
C LYS B 533 -9.78 -6.06 -16.95
N ARG B 534 -9.35 -7.13 -17.62
CA ARG B 534 -8.17 -7.86 -17.18
C ARG B 534 -6.91 -7.02 -17.35
N VAL B 535 -6.71 -6.49 -18.56
CA VAL B 535 -5.56 -5.66 -18.87
C VAL B 535 -5.59 -4.35 -18.08
N GLY B 536 -6.79 -3.78 -17.97
CA GLY B 536 -6.99 -2.49 -17.33
C GLY B 536 -6.81 -2.52 -15.82
N ASP B 537 -7.51 -3.43 -15.15
CA ASP B 537 -7.50 -3.45 -13.69
C ASP B 537 -6.26 -4.11 -13.10
N THR B 538 -5.79 -5.18 -13.74
CA THR B 538 -4.70 -5.97 -13.19
C THR B 538 -3.35 -5.70 -13.83
N VAL B 539 -3.28 -5.85 -15.15
CA VAL B 539 -2.03 -5.80 -15.88
C VAL B 539 -1.36 -4.43 -15.88
N LEU B 540 -2.05 -3.43 -16.42
CA LEU B 540 -1.44 -2.12 -16.61
C LEU B 540 -1.83 -1.12 -15.52
N GLY B 541 -3.04 -1.24 -14.99
CA GLY B 541 -3.51 -0.33 -13.98
C GLY B 541 -4.10 0.94 -14.56
N MET B 542 -4.83 0.79 -15.65
CA MET B 542 -5.45 1.93 -16.32
C MET B 542 -6.92 2.02 -15.99
N ALA B 543 -7.39 3.23 -15.66
CA ALA B 543 -8.79 3.46 -15.37
C ALA B 543 -9.60 3.27 -16.65
N THR B 544 -10.48 2.28 -16.65
CA THR B 544 -11.27 1.97 -17.82
C THR B 544 -12.76 2.18 -17.55
N GLN B 545 -13.49 2.58 -18.59
CA GLN B 545 -14.93 2.72 -18.47
C GLN B 545 -15.63 2.28 -19.74
N CYS B 546 -16.30 1.13 -19.68
CA CYS B 546 -16.96 0.58 -20.85
C CYS B 546 -18.38 1.12 -20.98
N VAL B 547 -18.79 1.38 -22.21
CA VAL B 547 -20.13 1.85 -22.52
C VAL B 547 -20.72 1.02 -23.65
N GLN B 548 -21.96 0.56 -23.49
CA GLN B 548 -22.59 -0.24 -24.53
C GLN B 548 -22.88 0.65 -25.75
N MET B 549 -22.91 0.02 -26.93
CA MET B 549 -23.04 0.71 -28.19
C MET B 549 -24.29 1.59 -28.33
N LYS B 550 -25.44 1.05 -27.92
CA LYS B 550 -26.72 1.75 -28.06
C LYS B 550 -26.78 3.02 -27.21
N ASN B 551 -26.04 3.04 -26.12
CA ASN B 551 -26.01 4.20 -25.24
C ASN B 551 -25.12 5.29 -25.83
N VAL B 552 -24.37 4.93 -26.86
CA VAL B 552 -23.55 5.88 -27.58
C VAL B 552 -24.34 6.42 -28.77
N GLN B 553 -25.25 5.60 -29.27
CA GLN B 553 -26.12 5.99 -30.38
C GLN B 553 -27.21 6.96 -29.92
N ARG B 554 -28.06 6.51 -29.01
CA ARG B 554 -29.08 7.38 -28.42
C ARG B 554 -28.72 7.66 -26.97
N THR B 555 -28.51 8.94 -26.66
CA THR B 555 -28.04 9.33 -25.33
C THR B 555 -29.09 10.09 -24.52
N THR B 556 -29.35 9.59 -23.31
CA THR B 556 -30.23 10.27 -22.37
C THR B 556 -29.37 10.92 -21.28
N PRO B 557 -29.80 12.08 -20.77
CA PRO B 557 -29.00 12.78 -19.75
C PRO B 557 -28.85 11.98 -18.46
N GLN B 558 -29.82 11.10 -18.18
CA GLN B 558 -29.79 10.26 -17.00
C GLN B 558 -28.67 9.21 -17.08
N THR B 559 -28.58 8.56 -18.24
CA THR B 559 -27.57 7.54 -18.48
C THR B 559 -26.17 8.15 -18.35
N LEU B 560 -26.00 9.32 -18.96
CA LEU B 560 -24.74 10.03 -18.91
C LEU B 560 -24.44 10.47 -17.48
N SER B 561 -25.50 10.76 -16.73
CA SER B 561 -25.34 11.18 -15.33
C SER B 561 -24.80 10.04 -14.46
N ASN B 562 -25.41 8.87 -14.59
CA ASN B 562 -24.94 7.69 -13.87
C ASN B 562 -23.53 7.30 -14.30
N LEU B 563 -23.24 7.57 -15.57
CA LEU B 563 -21.93 7.27 -16.12
C LEU B 563 -20.89 8.18 -15.48
N CYS B 564 -21.23 9.46 -15.34
CA CYS B 564 -20.33 10.40 -14.68
C CYS B 564 -20.17 10.03 -13.20
N LEU B 565 -21.22 9.46 -12.63
CA LEU B 565 -21.16 8.98 -11.24
C LEU B 565 -20.10 7.90 -11.13
N LYS B 566 -20.06 7.00 -12.10
CA LYS B 566 -19.06 5.93 -12.07
C LYS B 566 -17.65 6.48 -12.30
N ILE B 567 -17.53 7.36 -13.29
CA ILE B 567 -16.24 7.93 -13.68
C ILE B 567 -15.58 8.71 -12.54
N ASN B 568 -16.31 9.64 -11.93
CA ASN B 568 -15.76 10.45 -10.85
C ASN B 568 -15.21 9.62 -9.69
N VAL B 569 -15.83 8.46 -9.47
CA VAL B 569 -15.39 7.53 -8.43
C VAL B 569 -14.17 6.73 -8.85
N LYS B 570 -14.16 6.25 -10.10
CA LYS B 570 -13.05 5.45 -10.60
C LYS B 570 -11.73 6.22 -10.62
N LEU B 571 -11.82 7.54 -10.54
CA LEU B 571 -10.64 8.39 -10.59
C LEU B 571 -10.22 8.86 -9.20
N GLY B 572 -10.82 8.29 -8.17
CA GLY B 572 -10.42 8.58 -6.81
C GLY B 572 -11.13 9.73 -6.13
N GLY B 573 -12.19 10.24 -6.76
CA GLY B 573 -12.91 11.37 -6.22
C GLY B 573 -14.09 11.01 -5.34
N VAL B 574 -14.73 12.03 -4.78
CA VAL B 574 -15.88 11.82 -3.91
C VAL B 574 -17.14 12.50 -4.45
N ASN B 575 -18.10 11.67 -4.83
CA ASN B 575 -19.37 12.15 -5.37
C ASN B 575 -20.18 12.94 -4.36
N ASN B 576 -20.53 12.28 -3.26
CA ASN B 576 -21.26 12.92 -2.18
C ASN B 576 -20.97 12.24 -0.85
N ILE B 577 -21.17 12.96 0.24
CA ILE B 577 -20.93 12.41 1.56
C ILE B 577 -22.16 12.58 2.44
N LEU B 578 -22.27 11.73 3.45
CA LEU B 578 -23.30 11.92 4.46
C LEU B 578 -23.03 13.22 5.18
N LEU B 579 -24.10 13.90 5.61
CA LEU B 579 -23.96 15.12 6.37
C LEU B 579 -23.24 14.81 7.69
N PRO B 580 -22.01 15.31 7.84
CA PRO B 580 -21.11 14.97 8.95
C PRO B 580 -21.76 15.15 10.32
N GLN B 581 -22.44 16.27 10.53
CA GLN B 581 -23.04 16.55 11.83
C GLN B 581 -24.26 15.68 12.11
N GLY B 582 -24.82 15.08 11.06
CA GLY B 582 -26.00 14.26 11.19
C GLY B 582 -25.73 12.76 11.08
N ARG B 583 -24.79 12.28 11.88
CA ARG B 583 -24.41 10.88 11.88
C ARG B 583 -24.48 10.29 13.29
N PRO B 584 -24.68 8.96 13.39
CA PRO B 584 -24.67 8.32 14.70
C PRO B 584 -23.35 8.52 15.43
N PRO B 585 -23.38 8.58 16.77
CA PRO B 585 -22.22 8.85 17.63
C PRO B 585 -21.06 7.87 17.46
N VAL B 586 -21.26 6.81 16.69
CA VAL B 586 -20.20 5.84 16.44
C VAL B 586 -19.06 6.52 15.70
N PHE B 587 -19.39 7.58 14.96
CA PHE B 587 -18.40 8.32 14.18
C PHE B 587 -17.57 9.27 15.05
N GLN B 588 -17.91 9.36 16.33
CA GLN B 588 -17.17 10.23 17.23
C GLN B 588 -15.77 9.67 17.48
N GLN B 589 -15.62 8.37 17.22
CA GLN B 589 -14.33 7.70 17.32
C GLN B 589 -13.97 7.05 15.98
N PRO B 590 -12.65 6.89 15.71
CA PRO B 590 -12.20 6.23 14.47
C PRO B 590 -12.83 4.85 14.28
N VAL B 591 -13.60 4.71 13.19
CA VAL B 591 -14.29 3.46 12.92
C VAL B 591 -14.18 3.05 11.45
N ILE B 592 -13.93 1.76 11.22
CA ILE B 592 -13.79 1.24 9.86
C ILE B 592 -14.98 0.34 9.53
N PHE B 593 -15.47 0.45 8.29
CA PHE B 593 -16.58 -0.37 7.84
C PHE B 593 -16.10 -1.41 6.84
N LEU B 594 -16.46 -2.67 7.09
CA LEU B 594 -16.01 -3.77 6.24
C LEU B 594 -17.17 -4.48 5.57
N GLY B 595 -17.00 -4.84 4.31
CA GLY B 595 -18.02 -5.61 3.61
C GLY B 595 -17.42 -6.87 3.02
N ALA B 596 -18.13 -7.99 3.14
CA ALA B 596 -17.58 -9.26 2.67
C ALA B 596 -18.62 -10.10 1.94
N ASP B 597 -18.20 -10.70 0.83
CA ASP B 597 -19.08 -11.59 0.08
C ASP B 597 -18.25 -12.68 -0.62
N VAL B 598 -18.88 -13.80 -0.95
CA VAL B 598 -18.18 -14.90 -1.61
C VAL B 598 -18.89 -15.34 -2.90
N THR B 599 -18.10 -15.67 -3.92
CA THR B 599 -18.61 -16.11 -5.22
C THR B 599 -18.12 -17.52 -5.59
N HIS B 600 -19.03 -18.32 -6.13
CA HIS B 600 -18.79 -19.71 -6.47
C HIS B 600 -18.90 -19.98 -7.98
N PRO B 601 -18.16 -20.99 -8.48
CA PRO B 601 -18.19 -21.42 -9.89
C PRO B 601 -19.57 -21.96 -10.29
N PRO B 602 -19.87 -22.00 -11.59
CA PRO B 602 -21.14 -22.57 -12.08
C PRO B 602 -21.33 -24.03 -11.67
N PRO B 609 -12.77 -22.72 -8.81
CA PRO B 609 -12.42 -22.30 -7.44
C PRO B 609 -13.30 -21.15 -6.97
N SER B 610 -13.35 -20.89 -5.66
CA SER B 610 -14.14 -19.74 -5.21
C SER B 610 -13.36 -18.43 -5.09
N ILE B 611 -14.09 -17.33 -4.99
CA ILE B 611 -13.46 -16.02 -4.89
C ILE B 611 -14.08 -15.28 -3.71
N ALA B 612 -13.25 -14.84 -2.78
CA ALA B 612 -13.74 -14.09 -1.63
C ALA B 612 -13.39 -12.61 -1.76
N ALA B 613 -14.33 -11.73 -1.46
CA ALA B 613 -14.07 -10.31 -1.60
C ALA B 613 -14.39 -9.56 -0.31
N VAL B 614 -13.43 -8.77 0.16
CA VAL B 614 -13.60 -7.97 1.36
C VAL B 614 -13.15 -6.53 1.15
N VAL B 615 -14.07 -5.59 1.27
CA VAL B 615 -13.77 -4.18 1.09
C VAL B 615 -13.74 -3.48 2.44
N GLY B 616 -13.18 -2.28 2.48
CA GLY B 616 -13.07 -1.52 3.72
C GLY B 616 -13.05 -0.01 3.49
N SER B 617 -13.75 0.72 4.34
CA SER B 617 -13.79 2.19 4.24
C SER B 617 -12.42 2.79 4.51
N MET B 618 -12.12 3.92 3.88
CA MET B 618 -10.80 4.54 3.99
C MET B 618 -10.87 6.00 4.41
N ASP B 619 -12.05 6.46 4.82
CA ASP B 619 -12.21 7.80 5.37
C ASP B 619 -13.36 7.85 6.37
N ALA B 620 -13.61 9.02 6.93
CA ALA B 620 -14.63 9.16 7.97
C ALA B 620 -15.95 9.72 7.43
N HIS B 621 -16.13 9.70 6.11
CA HIS B 621 -17.35 10.25 5.51
C HIS B 621 -18.59 9.37 5.73
N PRO B 622 -18.53 8.07 5.40
CA PRO B 622 -17.52 7.23 4.74
C PRO B 622 -17.85 6.98 3.26
N ASN B 623 -17.03 7.50 2.36
CA ASN B 623 -17.33 7.39 0.93
C ASN B 623 -16.36 6.49 0.17
N ARG B 624 -15.07 6.65 0.45
CA ARG B 624 -14.03 5.92 -0.28
C ARG B 624 -13.77 4.54 0.32
N TYR B 625 -13.70 3.52 -0.53
CA TYR B 625 -13.47 2.15 -0.09
C TYR B 625 -12.32 1.51 -0.87
N CYS B 626 -11.55 0.66 -0.21
CA CYS B 626 -10.52 -0.11 -0.89
C CYS B 626 -10.88 -1.60 -0.86
N ALA B 627 -10.50 -2.30 -1.92
CA ALA B 627 -10.90 -3.69 -2.11
C ALA B 627 -9.76 -4.68 -1.97
N THR B 628 -10.00 -5.75 -1.22
CA THR B 628 -9.08 -6.87 -1.16
C THR B 628 -9.81 -8.10 -1.65
N VAL B 629 -9.17 -8.86 -2.52
CA VAL B 629 -9.82 -10.04 -3.12
C VAL B 629 -8.88 -11.24 -3.11
N ARG B 630 -9.41 -12.40 -2.72
CA ARG B 630 -8.63 -13.62 -2.70
C ARG B 630 -9.34 -14.73 -3.46
N VAL B 631 -8.57 -15.73 -3.87
CA VAL B 631 -9.14 -16.92 -4.45
C VAL B 631 -8.99 -18.02 -3.40
N GLN B 632 -9.96 -18.91 -3.31
CA GLN B 632 -9.91 -19.92 -2.27
C GLN B 632 -10.54 -21.23 -2.71
N GLN B 633 -10.65 -22.15 -1.74
CA GLN B 633 -11.11 -23.51 -2.00
C GLN B 633 -12.47 -23.51 -2.66
N HIS B 634 -12.69 -24.55 -3.43
CA HIS B 634 -13.91 -24.68 -4.21
C HIS B 634 -15.19 -24.75 -3.34
N ARG B 635 -16.02 -23.73 -3.57
CA ARG B 635 -17.32 -23.56 -2.92
C ARG B 635 -17.22 -23.52 -1.39
N GLN B 636 -16.16 -22.90 -0.88
CA GLN B 636 -16.04 -22.67 0.56
C GLN B 636 -16.56 -21.27 0.90
N GLU B 637 -17.70 -21.21 1.58
CA GLU B 637 -18.33 -19.94 1.90
C GLU B 637 -17.57 -19.19 2.97
N ILE B 638 -16.92 -19.93 3.87
CA ILE B 638 -16.12 -19.33 4.91
C ILE B 638 -14.87 -18.69 4.33
N ILE B 639 -14.75 -17.37 4.46
CA ILE B 639 -13.59 -16.64 3.95
C ILE B 639 -12.33 -17.07 4.68
N GLN B 640 -11.49 -17.84 4.01
CA GLN B 640 -10.32 -18.44 4.63
C GLN B 640 -9.26 -17.43 5.07
N ASP B 641 -8.70 -16.70 4.10
CA ASP B 641 -7.59 -15.78 4.37
C ASP B 641 -8.05 -14.39 4.84
N LEU B 642 -9.24 -14.34 5.41
CA LEU B 642 -9.85 -13.09 5.85
C LEU B 642 -8.95 -12.25 6.73
N ALA B 643 -8.25 -12.91 7.64
CA ALA B 643 -7.38 -12.20 8.57
C ALA B 643 -6.40 -11.31 7.84
N ALA B 644 -5.72 -11.89 6.84
CA ALA B 644 -4.74 -11.11 6.10
C ALA B 644 -5.39 -9.96 5.38
N MET B 645 -6.57 -10.20 4.85
CA MET B 645 -7.28 -9.17 4.12
C MET B 645 -7.63 -8.03 5.06
N VAL B 646 -8.06 -8.37 6.26
CA VAL B 646 -8.40 -7.34 7.23
C VAL B 646 -7.16 -6.55 7.57
N ARG B 647 -6.03 -7.25 7.70
CA ARG B 647 -4.78 -6.57 8.00
C ARG B 647 -4.49 -5.53 6.94
N GLU B 648 -4.61 -5.92 5.68
CA GLU B 648 -4.36 -4.97 4.61
C GLU B 648 -5.26 -3.75 4.73
N LEU B 649 -6.55 -4.01 4.91
CA LEU B 649 -7.50 -2.91 5.01
C LEU B 649 -7.20 -2.06 6.21
N LEU B 650 -6.87 -2.70 7.33
CA LEU B 650 -6.54 -1.95 8.53
C LEU B 650 -5.34 -1.06 8.27
N ILE B 651 -4.33 -1.64 7.64
CA ILE B 651 -3.15 -0.86 7.29
C ILE B 651 -3.51 0.28 6.37
N GLN B 652 -4.27 -0.03 5.33
CA GLN B 652 -4.64 1.02 4.39
C GLN B 652 -5.46 2.09 5.09
N PHE B 653 -6.29 1.67 6.04
CA PHE B 653 -7.09 2.62 6.79
C PHE B 653 -6.20 3.60 7.54
N TYR B 654 -5.16 3.09 8.18
CA TYR B 654 -4.28 3.94 8.96
C TYR B 654 -3.52 4.86 8.03
N LYS B 655 -3.26 4.37 6.81
CA LYS B 655 -2.57 5.20 5.83
C LYS B 655 -3.45 6.33 5.32
N SER B 656 -4.76 6.10 5.31
CA SER B 656 -5.67 7.06 4.70
C SER B 656 -6.30 8.03 5.70
N THR B 657 -6.28 7.66 6.98
CA THR B 657 -6.95 8.45 8.00
C THR B 657 -6.00 8.94 9.08
N ARG B 658 -4.85 8.27 9.21
CA ARG B 658 -3.90 8.54 10.29
C ARG B 658 -4.57 8.33 11.64
N PHE B 659 -5.54 7.43 11.65
CA PHE B 659 -6.25 7.03 12.87
C PHE B 659 -6.31 5.51 12.97
N LYS B 660 -6.29 5.00 14.19
CA LYS B 660 -6.42 3.57 14.43
C LYS B 660 -7.86 3.26 14.85
N PRO B 661 -8.53 2.40 14.07
CA PRO B 661 -9.96 2.06 14.27
C PRO B 661 -10.26 1.57 15.69
N THR B 662 -11.10 2.31 16.40
CA THR B 662 -11.52 1.89 17.73
C THR B 662 -12.65 0.88 17.61
N ARG B 663 -13.29 0.87 16.45
CA ARG B 663 -14.41 -0.03 16.19
C ARG B 663 -14.31 -0.64 14.79
N ILE B 664 -14.81 -1.87 14.65
CA ILE B 664 -14.85 -2.53 13.35
C ILE B 664 -16.26 -3.01 13.05
N ILE B 665 -16.87 -2.44 12.02
CA ILE B 665 -18.22 -2.84 11.61
C ILE B 665 -18.16 -3.75 10.39
N PHE B 666 -18.47 -5.02 10.59
CA PHE B 666 -18.32 -6.04 9.56
C PHE B 666 -19.66 -6.50 8.99
N TYR B 667 -19.97 -6.06 7.77
CA TYR B 667 -21.20 -6.49 7.10
C TYR B 667 -20.95 -7.71 6.21
N ARG B 668 -21.31 -8.89 6.74
CA ARG B 668 -21.09 -10.15 6.02
C ARG B 668 -22.29 -10.52 5.15
N ALA B 669 -22.02 -10.79 3.88
CA ALA B 669 -23.09 -11.16 2.94
C ALA B 669 -22.80 -12.52 2.31
N GLY B 670 -23.85 -13.33 2.15
CA GLY B 670 -23.72 -14.62 1.52
C GLY B 670 -23.86 -15.77 2.49
N VAL B 671 -24.26 -15.46 3.73
CA VAL B 671 -24.37 -16.48 4.74
C VAL B 671 -25.82 -16.70 5.14
N SER B 672 -26.22 -17.96 5.14
CA SER B 672 -27.56 -18.33 5.59
C SER B 672 -27.52 -18.69 7.06
N GLU B 673 -28.69 -18.96 7.63
CA GLU B 673 -28.80 -19.24 9.06
C GLU B 673 -28.00 -20.47 9.49
N GLY B 674 -28.09 -21.53 8.69
CA GLY B 674 -27.44 -22.79 9.01
C GLY B 674 -25.93 -22.72 9.00
N GLN B 675 -25.40 -21.61 8.51
CA GLN B 675 -23.97 -21.42 8.41
C GLN B 675 -23.47 -20.44 9.46
N PHE B 676 -24.39 -19.79 10.16
CA PHE B 676 -24.03 -18.70 11.08
C PHE B 676 -22.95 -19.07 12.07
N GLN B 677 -23.25 -20.04 12.92
CA GLN B 677 -22.35 -20.46 13.98
C GLN B 677 -21.02 -20.89 13.43
N GLN B 678 -21.01 -21.45 12.22
CA GLN B 678 -19.75 -21.85 11.62
C GLN B 678 -18.95 -20.64 11.17
N VAL B 679 -19.58 -19.78 10.37
CA VAL B 679 -18.88 -18.61 9.86
C VAL B 679 -18.46 -17.68 10.99
N LEU B 680 -19.39 -17.44 11.90
CA LEU B 680 -19.14 -16.57 13.04
C LEU B 680 -18.00 -17.14 13.86
N HIS B 681 -17.85 -18.46 13.85
CA HIS B 681 -16.79 -19.05 14.65
C HIS B 681 -15.44 -18.69 14.08
N HIS B 682 -15.26 -18.86 12.77
CA HIS B 682 -13.94 -18.62 12.18
C HIS B 682 -13.65 -17.16 11.85
N GLU B 683 -14.55 -16.56 11.09
CA GLU B 683 -14.31 -15.22 10.55
C GLU B 683 -14.13 -14.17 11.64
N LEU B 684 -14.86 -14.32 12.75
CA LEU B 684 -14.70 -13.40 13.85
C LEU B 684 -13.31 -13.54 14.46
N LEU B 685 -12.87 -14.78 14.61
CA LEU B 685 -11.51 -15.02 15.08
C LEU B 685 -10.56 -14.44 14.06
N ALA B 686 -10.85 -14.68 12.79
CA ALA B 686 -10.02 -14.17 11.72
C ALA B 686 -9.90 -12.67 11.83
N ILE B 687 -10.99 -11.99 12.18
CA ILE B 687 -10.92 -10.57 12.38
C ILE B 687 -10.04 -10.20 13.58
N ARG B 688 -10.33 -10.84 14.72
CA ARG B 688 -9.58 -10.57 15.95
C ARG B 688 -8.11 -10.92 15.78
N GLU B 689 -7.86 -12.04 15.11
CA GLU B 689 -6.49 -12.46 14.84
C GLU B 689 -5.74 -11.38 14.07
N ALA B 690 -6.42 -10.79 13.10
CA ALA B 690 -5.81 -9.74 12.28
C ALA B 690 -5.46 -8.53 13.12
N CYS B 691 -6.19 -8.34 14.21
CA CYS B 691 -5.94 -7.19 15.08
C CYS B 691 -4.79 -7.46 16.04
N ILE B 692 -4.48 -8.73 16.27
CA ILE B 692 -3.41 -9.08 17.22
C ILE B 692 -2.01 -9.19 16.62
N LYS B 693 -1.90 -9.91 15.49
CA LYS B 693 -0.61 -10.09 14.82
C LYS B 693 -0.11 -8.76 14.24
N LEU B 694 -1.06 -7.84 14.13
CA LEU B 694 -0.85 -6.47 13.65
C LEU B 694 -0.20 -5.62 14.75
N GLU B 695 -0.99 -5.33 15.77
CA GLU B 695 -0.63 -4.54 16.95
C GLU B 695 -0.89 -5.42 18.17
N LYS B 696 -0.01 -5.33 19.18
CA LYS B 696 -0.11 -6.14 20.39
C LYS B 696 -1.33 -6.01 21.30
N ASP B 697 -1.56 -4.87 21.93
CA ASP B 697 -2.75 -4.75 22.78
C ASP B 697 -3.78 -3.83 22.15
N TYR B 698 -3.88 -3.91 20.83
CA TYR B 698 -4.94 -3.24 20.09
C TYR B 698 -6.08 -4.15 19.70
N GLN B 699 -7.17 -4.05 20.46
CA GLN B 699 -8.35 -4.87 20.28
C GLN B 699 -9.58 -3.96 20.20
N PRO B 700 -9.96 -3.58 18.97
CA PRO B 700 -11.17 -2.78 18.76
C PRO B 700 -12.42 -3.63 18.82
N GLY B 701 -13.57 -3.01 19.08
CA GLY B 701 -14.81 -3.73 19.15
C GLY B 701 -15.29 -4.17 17.79
N ILE B 702 -15.53 -5.47 17.66
CA ILE B 702 -16.03 -6.04 16.40
C ILE B 702 -17.54 -6.18 16.45
N THR B 703 -18.18 -5.71 15.39
CA THR B 703 -19.62 -5.86 15.26
C THR B 703 -19.96 -6.70 14.03
N PHE B 704 -20.08 -8.01 14.24
CA PHE B 704 -20.34 -8.96 13.16
C PHE B 704 -21.83 -9.01 12.84
N ILE B 705 -22.18 -8.51 11.66
CA ILE B 705 -23.54 -8.45 11.16
C ILE B 705 -23.71 -9.21 9.84
N VAL B 706 -24.78 -9.98 9.71
CA VAL B 706 -25.03 -10.72 8.48
C VAL B 706 -26.20 -10.14 7.67
N VAL B 707 -25.92 -9.70 6.45
CA VAL B 707 -26.95 -9.19 5.56
C VAL B 707 -27.57 -10.34 4.78
N GLN B 708 -28.88 -10.28 4.57
CA GLN B 708 -29.60 -11.36 3.90
C GLN B 708 -30.75 -10.83 3.05
N LYS B 709 -30.68 -11.09 1.75
CA LYS B 709 -31.74 -10.70 0.80
C LYS B 709 -32.60 -11.91 0.49
N ARG B 710 -32.09 -13.09 0.80
CA ARG B 710 -32.75 -14.36 0.50
C ARG B 710 -33.63 -14.87 1.63
N HIS B 711 -34.91 -14.49 1.61
CA HIS B 711 -35.88 -15.00 2.58
C HIS B 711 -37.31 -14.79 2.10
N HIS B 712 -38.25 -15.55 2.68
CA HIS B 712 -39.65 -15.46 2.27
C HIS B 712 -40.44 -14.58 3.24
N THR B 713 -39.90 -13.40 3.53
CA THR B 713 -40.59 -12.47 4.40
C THR B 713 -41.07 -11.26 3.61
N ARG B 714 -42.37 -11.01 3.66
CA ARG B 714 -42.96 -9.87 2.97
C ARG B 714 -43.57 -8.91 3.98
N LEU B 715 -43.66 -7.65 3.61
CA LEU B 715 -44.28 -6.65 4.48
C LEU B 715 -45.22 -5.76 3.68
N PHE B 716 -46.42 -5.55 4.19
CA PHE B 716 -47.41 -4.75 3.47
C PHE B 716 -47.96 -3.62 4.34
N CYS B 717 -48.29 -2.50 3.70
CA CYS B 717 -48.90 -1.39 4.41
C CYS B 717 -50.36 -1.70 4.76
N THR B 718 -50.71 -1.52 6.03
CA THR B 718 -52.08 -1.72 6.48
C THR B 718 -52.96 -0.58 5.96
N ASP B 719 -52.48 0.65 6.14
CA ASP B 719 -53.19 1.81 5.61
C ASP B 719 -52.95 1.93 4.12
N LYS B 720 -54.04 2.07 3.37
CA LYS B 720 -53.98 2.16 1.92
C LYS B 720 -53.28 3.43 1.45
N ASN B 721 -53.35 4.47 2.28
CA ASN B 721 -52.71 5.73 1.96
C ASN B 721 -51.19 5.67 2.13
N GLU B 722 -50.73 4.64 2.82
CA GLU B 722 -49.30 4.49 3.09
C GLU B 722 -48.58 3.71 1.99
N ARG B 723 -49.34 3.18 1.04
CA ARG B 723 -48.74 2.49 -0.09
C ARG B 723 -47.96 3.46 -0.95
N VAL B 724 -46.84 3.02 -1.49
CA VAL B 724 -45.97 3.90 -2.27
C VAL B 724 -45.84 3.42 -3.71
N GLY B 725 -46.22 4.29 -4.64
CA GLY B 725 -46.06 4.01 -6.06
C GLY B 725 -47.03 3.01 -6.64
N LYS B 726 -46.78 2.67 -7.91
CA LYS B 726 -47.58 1.70 -8.65
C LYS B 726 -47.54 0.34 -7.95
N SER B 727 -46.34 -0.05 -7.52
CA SER B 727 -46.17 -1.32 -6.84
C SER B 727 -46.90 -1.34 -5.51
N GLY B 728 -47.11 -0.15 -4.95
CA GLY B 728 -47.82 0.00 -3.69
C GLY B 728 -47.08 -0.66 -2.54
N ASN B 729 -45.76 -0.52 -2.53
CA ASN B 729 -44.92 -1.10 -1.49
C ASN B 729 -44.72 -0.21 -0.26
N ILE B 730 -44.05 -0.76 0.74
CA ILE B 730 -43.72 -0.01 1.95
C ILE B 730 -42.67 1.06 1.62
N PRO B 731 -42.72 2.20 2.33
CA PRO B 731 -41.79 3.32 2.09
C PRO B 731 -40.36 2.98 2.45
N ALA B 732 -39.40 3.54 1.72
CA ALA B 732 -37.99 3.28 1.96
C ALA B 732 -37.56 3.76 3.34
N GLY B 733 -37.03 2.85 4.14
CA GLY B 733 -36.60 3.16 5.49
C GLY B 733 -37.41 2.38 6.51
N THR B 734 -38.31 1.53 6.03
CA THR B 734 -39.15 0.74 6.92
C THR B 734 -38.35 -0.25 7.77
N THR B 735 -38.46 -0.12 9.09
CA THR B 735 -37.73 -0.98 10.03
C THR B 735 -38.66 -1.81 10.90
N VAL B 736 -38.36 -3.11 11.03
CA VAL B 736 -39.16 -4.02 11.85
C VAL B 736 -38.27 -4.90 12.73
N ASP B 737 -38.39 -4.75 14.05
CA ASP B 737 -37.65 -5.61 14.98
C ASP B 737 -38.58 -6.21 16.03
N THR B 738 -39.81 -6.45 15.63
CA THR B 738 -40.82 -7.01 16.53
C THR B 738 -41.68 -8.08 15.87
N LYS B 739 -42.48 -8.75 16.68
CA LYS B 739 -43.47 -9.72 16.22
C LYS B 739 -42.89 -10.90 15.43
N ILE B 740 -42.26 -10.60 14.30
CA ILE B 740 -41.82 -11.64 13.37
C ILE B 740 -40.32 -11.94 13.47
N THR B 741 -39.64 -11.26 14.39
CA THR B 741 -38.19 -11.43 14.54
C THR B 741 -37.85 -12.45 15.63
N HIS B 742 -36.55 -12.72 15.77
CA HIS B 742 -36.05 -13.73 16.70
C HIS B 742 -36.42 -13.41 18.16
N PRO B 743 -36.79 -14.44 18.93
CA PRO B 743 -37.22 -14.29 20.33
C PRO B 743 -36.14 -13.71 21.25
N THR B 744 -34.89 -14.14 21.10
CA THR B 744 -33.85 -13.73 22.03
C THR B 744 -32.71 -12.93 21.39
N GLU B 745 -32.38 -13.27 20.15
CA GLU B 745 -31.20 -12.69 19.50
C GLU B 745 -31.44 -11.33 18.86
N PHE B 746 -30.35 -10.70 18.42
CA PHE B 746 -30.37 -9.34 17.89
C PHE B 746 -30.49 -9.33 16.36
N ASP B 747 -31.72 -9.18 15.86
CA ASP B 747 -31.95 -9.10 14.42
C ASP B 747 -33.07 -8.12 14.07
N PHE B 748 -33.09 -7.65 12.82
CA PHE B 748 -34.13 -6.72 12.38
C PHE B 748 -34.26 -6.69 10.86
N TYR B 749 -35.48 -6.47 10.38
CA TYR B 749 -35.73 -6.24 8.96
C TYR B 749 -35.62 -4.76 8.63
N LEU B 750 -35.01 -4.45 7.49
CA LEU B 750 -34.91 -3.07 7.02
C LEU B 750 -35.10 -2.97 5.52
N CYS B 751 -36.25 -2.43 5.13
CA CYS B 751 -36.51 -2.11 3.73
C CYS B 751 -35.99 -0.70 3.50
N SER B 752 -34.76 -0.61 3.00
CA SER B 752 -34.06 0.66 2.84
C SER B 752 -34.22 1.26 1.44
N HIS B 753 -34.96 0.57 0.58
CA HIS B 753 -35.13 1.00 -0.80
C HIS B 753 -36.59 1.12 -1.19
N ALA B 754 -36.85 1.96 -2.20
CA ALA B 754 -38.20 2.11 -2.72
C ALA B 754 -38.47 1.06 -3.79
N GLY B 755 -39.60 0.37 -3.66
CA GLY B 755 -39.96 -0.68 -4.59
C GLY B 755 -40.37 -0.16 -5.94
N ILE B 756 -39.54 -0.46 -6.95
CA ILE B 756 -39.81 -0.03 -8.31
C ILE B 756 -40.85 -0.94 -8.96
N GLN B 757 -40.69 -2.25 -8.75
CA GLN B 757 -41.59 -3.23 -9.32
C GLN B 757 -41.91 -4.34 -8.33
N GLY B 758 -43.11 -4.91 -8.45
CA GLY B 758 -43.52 -6.03 -7.61
C GLY B 758 -43.62 -5.70 -6.14
N THR B 759 -43.10 -6.60 -5.31
CA THR B 759 -43.09 -6.42 -3.87
C THR B 759 -41.66 -6.39 -3.34
N SER B 760 -41.34 -5.33 -2.61
CA SER B 760 -39.99 -5.15 -2.07
C SER B 760 -39.60 -6.29 -1.13
N ARG B 761 -38.33 -6.66 -1.20
CA ARG B 761 -37.77 -7.62 -0.26
C ARG B 761 -36.94 -6.90 0.78
N PRO B 762 -37.51 -6.70 1.98
CA PRO B 762 -36.82 -6.00 3.07
C PRO B 762 -35.58 -6.77 3.50
N SER B 763 -34.41 -6.14 3.39
CA SER B 763 -33.17 -6.82 3.76
C SER B 763 -33.13 -7.18 5.23
N HIS B 764 -32.78 -8.42 5.55
CA HIS B 764 -32.73 -8.84 6.94
C HIS B 764 -31.30 -8.75 7.46
N TYR B 765 -31.16 -8.13 8.64
CA TYR B 765 -29.86 -7.97 9.26
C TYR B 765 -29.80 -8.70 10.60
N HIS B 766 -28.89 -9.66 10.70
CA HIS B 766 -28.74 -10.48 11.90
C HIS B 766 -27.38 -10.25 12.56
N VAL B 767 -27.38 -9.61 13.72
CA VAL B 767 -26.16 -9.31 14.46
C VAL B 767 -25.64 -10.54 15.18
N LEU B 768 -24.57 -11.13 14.65
CA LEU B 768 -24.00 -12.34 15.23
C LEU B 768 -23.01 -12.02 16.33
N TRP B 769 -22.50 -10.79 16.35
CA TRP B 769 -21.54 -10.39 17.40
C TRP B 769 -21.48 -8.87 17.53
N ASP B 770 -21.27 -8.38 18.75
CA ASP B 770 -21.19 -6.94 18.97
C ASP B 770 -20.46 -6.62 20.26
N ASP B 771 -19.20 -6.18 20.14
CA ASP B 771 -18.41 -5.78 21.29
C ASP B 771 -18.65 -4.32 21.63
N ASN B 772 -19.23 -3.59 20.69
CA ASN B 772 -19.44 -2.16 20.86
C ASN B 772 -20.75 -1.86 21.58
N ARG B 773 -21.54 -2.91 21.81
CA ARG B 773 -22.82 -2.79 22.51
C ARG B 773 -23.73 -1.74 21.88
N PHE B 774 -24.07 -1.95 20.61
CA PHE B 774 -24.96 -1.03 19.91
C PHE B 774 -26.38 -1.09 20.46
N SER B 775 -27.08 0.04 20.36
CA SER B 775 -28.51 0.05 20.62
C SER B 775 -29.19 -0.28 19.30
N SER B 776 -30.47 -0.65 19.37
CA SER B 776 -31.23 -1.00 18.17
C SER B 776 -31.30 0.19 17.23
N ASP B 777 -31.65 1.35 17.79
CA ASP B 777 -31.83 2.55 17.00
C ASP B 777 -30.54 2.96 16.32
N GLU B 778 -29.43 2.98 17.06
CA GLU B 778 -28.17 3.44 16.49
C GLU B 778 -27.70 2.53 15.35
N LEU B 779 -27.79 1.22 15.53
CA LEU B 779 -27.32 0.29 14.51
C LEU B 779 -28.23 0.23 13.28
N GLN B 780 -29.54 0.36 13.52
CA GLN B 780 -30.50 0.37 12.41
C GLN B 780 -30.34 1.63 11.58
N ILE B 781 -30.24 2.77 12.28
CA ILE B 781 -30.02 4.06 11.63
C ILE B 781 -28.69 4.05 10.89
N LEU B 782 -27.65 3.51 11.52
CA LEU B 782 -26.34 3.39 10.90
C LEU B 782 -26.41 2.60 9.60
N THR B 783 -27.13 1.48 9.62
CA THR B 783 -27.27 0.64 8.43
C THR B 783 -28.00 1.39 7.30
N TYR B 784 -29.14 1.99 7.65
CA TYR B 784 -29.93 2.71 6.66
C TYR B 784 -29.18 3.93 6.13
N GLN B 785 -28.27 4.43 6.93
CA GLN B 785 -27.48 5.61 6.55
C GLN B 785 -26.35 5.17 5.63
N LEU B 786 -25.85 3.96 5.86
CA LEU B 786 -24.81 3.40 5.00
C LEU B 786 -25.41 2.91 3.69
N CYS B 787 -26.74 2.88 3.64
CA CYS B 787 -27.44 2.52 2.40
C CYS B 787 -27.59 3.72 1.45
N HIS B 788 -27.13 4.89 1.91
CA HIS B 788 -27.19 6.10 1.10
C HIS B 788 -25.81 6.50 0.57
N THR B 789 -24.79 5.71 0.91
CA THR B 789 -23.42 6.01 0.50
C THR B 789 -23.00 5.24 -0.74
N TYR B 790 -23.97 4.63 -1.41
CA TYR B 790 -23.70 3.93 -2.67
C TYR B 790 -23.43 4.96 -3.76
N VAL B 791 -22.25 4.88 -4.37
CA VAL B 791 -21.77 5.94 -5.24
C VAL B 791 -22.12 5.78 -6.72
N ARG B 792 -22.90 4.76 -7.04
CA ARG B 792 -23.23 4.47 -8.43
C ARG B 792 -24.60 5.05 -8.81
N CYS B 793 -25.37 5.47 -7.81
CA CYS B 793 -26.68 6.06 -8.06
C CYS B 793 -27.12 6.98 -6.92
N THR B 794 -27.98 7.94 -7.26
CA THR B 794 -28.51 8.87 -6.28
C THR B 794 -29.74 8.28 -5.60
N ARG B 795 -29.66 7.02 -5.22
CA ARG B 795 -30.77 6.33 -4.58
C ARG B 795 -30.33 5.56 -3.35
N SER B 796 -31.28 5.13 -2.54
CA SER B 796 -31.00 4.29 -1.40
C SER B 796 -31.10 2.82 -1.83
N VAL B 797 -30.02 2.07 -1.63
CA VAL B 797 -29.97 0.69 -2.07
C VAL B 797 -30.50 -0.26 -0.99
N SER B 798 -30.80 -1.50 -1.40
CA SER B 798 -31.42 -2.48 -0.52
C SER B 798 -30.47 -2.98 0.58
N ILE B 799 -29.19 -3.10 0.24
CA ILE B 799 -28.18 -3.52 1.20
C ILE B 799 -27.14 -2.41 1.37
N PRO B 800 -26.47 -2.39 2.54
CA PRO B 800 -25.45 -1.35 2.78
C PRO B 800 -24.37 -1.33 1.71
N ALA B 801 -23.73 -0.18 1.54
CA ALA B 801 -22.69 0.00 0.53
C ALA B 801 -21.53 -1.00 0.64
N PRO B 802 -21.00 -1.26 1.85
CA PRO B 802 -19.87 -2.21 1.93
C PRO B 802 -20.13 -3.59 1.35
N ALA B 803 -21.27 -4.20 1.70
CA ALA B 803 -21.61 -5.53 1.19
C ALA B 803 -21.80 -5.52 -0.33
N TYR B 804 -22.38 -4.44 -0.83
CA TYR B 804 -22.64 -4.28 -2.24
C TYR B 804 -21.31 -4.18 -2.99
N TYR B 805 -20.39 -3.39 -2.44
CA TYR B 805 -19.06 -3.25 -3.02
C TYR B 805 -18.36 -4.60 -3.03
N ALA B 806 -18.47 -5.33 -1.92
CA ALA B 806 -17.85 -6.65 -1.82
C ALA B 806 -18.37 -7.59 -2.90
N HIS B 807 -19.66 -7.44 -3.20
CA HIS B 807 -20.29 -8.25 -4.23
C HIS B 807 -19.76 -7.85 -5.61
N LEU B 808 -19.51 -6.56 -5.79
CA LEU B 808 -19.01 -6.09 -7.07
C LEU B 808 -17.56 -6.52 -7.28
N VAL B 809 -16.78 -6.51 -6.20
CA VAL B 809 -15.38 -6.93 -6.26
C VAL B 809 -15.29 -8.40 -6.60
N ALA B 810 -16.10 -9.20 -5.93
CA ALA B 810 -16.11 -10.64 -6.20
C ALA B 810 -16.57 -10.91 -7.63
N PHE B 811 -17.57 -10.16 -8.10
CA PHE B 811 -18.05 -10.36 -9.47
C PHE B 811 -17.07 -9.84 -10.53
N ARG B 812 -16.22 -8.90 -10.16
CA ARG B 812 -15.16 -8.39 -11.03
C ARG B 812 -14.03 -9.40 -11.15
N ALA B 813 -13.71 -10.07 -10.04
CA ALA B 813 -12.67 -11.08 -10.02
C ALA B 813 -13.07 -12.30 -10.85
N ARG B 814 -14.36 -12.41 -11.14
CA ARG B 814 -14.90 -13.44 -12.03
C ARG B 814 -14.45 -13.30 -13.48
N TYR B 815 -14.25 -12.06 -13.93
CA TYR B 815 -13.87 -11.82 -15.32
C TYR B 815 -12.37 -11.92 -15.48
N HIS B 816 -11.66 -11.74 -14.36
CA HIS B 816 -10.22 -11.93 -14.31
C HIS B 816 -9.82 -13.39 -14.54
N ASP B 838 -1.14 -24.69 -9.84
CA ASP B 838 -2.03 -23.93 -10.71
C ASP B 838 -2.86 -22.93 -9.91
N HIS B 839 -2.89 -23.12 -8.59
CA HIS B 839 -3.65 -22.22 -7.73
C HIS B 839 -3.00 -20.85 -7.68
N GLN B 840 -1.67 -20.82 -7.61
CA GLN B 840 -0.92 -19.57 -7.57
C GLN B 840 -1.02 -18.85 -8.91
N ALA B 841 -1.40 -19.59 -9.95
CA ALA B 841 -1.63 -19.01 -11.26
C ALA B 841 -2.92 -18.21 -11.24
N LEU B 842 -3.96 -18.79 -10.65
CA LEU B 842 -5.26 -18.11 -10.56
C LEU B 842 -5.24 -17.04 -9.48
N ALA B 843 -4.31 -17.14 -8.54
CA ALA B 843 -4.23 -16.21 -7.42
C ALA B 843 -3.76 -14.83 -7.84
N LYS B 844 -2.90 -14.78 -8.86
CA LYS B 844 -2.37 -13.51 -9.34
C LYS B 844 -3.22 -12.97 -10.49
N ALA B 845 -4.16 -13.78 -10.96
CA ALA B 845 -5.07 -13.35 -12.01
C ALA B 845 -6.07 -12.35 -11.42
N VAL B 846 -6.35 -12.52 -10.12
CA VAL B 846 -7.28 -11.64 -9.43
C VAL B 846 -6.56 -10.50 -8.72
N GLN B 847 -5.24 -10.58 -8.64
CA GLN B 847 -4.43 -9.54 -8.01
C GLN B 847 -4.38 -8.26 -8.84
N VAL B 848 -5.03 -7.20 -8.35
CA VAL B 848 -5.09 -5.95 -9.08
C VAL B 848 -3.75 -5.21 -9.08
N HIS B 849 -3.68 -4.15 -9.88
CA HIS B 849 -2.44 -3.38 -10.08
C HIS B 849 -2.11 -2.52 -8.86
N GLN B 850 -0.90 -1.98 -8.84
CA GLN B 850 -0.42 -1.13 -7.76
C GLN B 850 -1.26 0.14 -7.59
N ASP B 851 -1.54 0.81 -8.70
CA ASP B 851 -2.31 2.05 -8.67
C ASP B 851 -3.79 1.75 -8.54
N THR B 852 -4.18 0.55 -8.96
CA THR B 852 -5.58 0.10 -8.91
C THR B 852 -6.03 -0.18 -7.47
N LEU B 853 -5.10 -0.63 -6.64
CA LEU B 853 -5.38 -0.99 -5.25
C LEU B 853 -6.08 0.12 -4.46
N ARG B 854 -5.58 1.34 -4.57
CA ARG B 854 -6.09 2.46 -3.80
C ARG B 854 -7.25 3.16 -4.49
N THR B 855 -7.96 2.44 -5.36
CA THR B 855 -9.10 3.02 -6.08
C THR B 855 -10.33 2.13 -6.01
N MET B 856 -11.46 2.66 -6.49
CA MET B 856 -12.70 1.92 -6.56
C MET B 856 -13.00 1.51 -8.00
N TYR B 857 -12.15 0.65 -8.53
CA TYR B 857 -12.27 0.15 -9.90
C TYR B 857 -13.55 -0.66 -10.10
N PHE B 858 -14.01 -1.28 -9.02
CA PHE B 858 -15.20 -2.12 -9.05
C PHE B 858 -16.48 -1.32 -9.27
N ALA B 859 -16.41 -0.01 -9.03
CA ALA B 859 -17.57 0.86 -9.22
C ALA B 859 -17.95 0.95 -10.70
#